data_8BCD
#
_entry.id   8BCD
#
_cell.length_a   101.094
_cell.length_b   121.921
_cell.length_c   186.279
_cell.angle_alpha   90.000
_cell.angle_beta   90.000
_cell.angle_gamma   90.000
#
_symmetry.space_group_name_H-M   'P 21 21 21'
#
loop_
_entity.id
_entity.type
_entity.pdbx_description
1 polymer 'U5 small nuclear ribonucleoprotein 200 kDa helicase'
2 polymer 'Pre-mRNA-processing-splicing factor 8'
3 non-polymer 'phenylsulfonylcarbamodithioic acid'
#
loop_
_entity_poly.entity_id
_entity_poly.type
_entity_poly.pdbx_seq_one_letter_code
_entity_poly.pdbx_strand_id
1 'polypeptide(L)'
;GAEFMDLDQGGEALAPRQVLDLEDLVFTQGSHFMANKRCQLPDGSFRRQRKGYEEVHVPALKPKPFGSEEQLLPVEKLPK
YAQAGFEGFKTLNRIQSKLYRAALETDENLLLCAPTGAGKTNVALMCMLREIGKHINMDGTINVDDFKIIYIAPMRSLVQ
EMVGSFGKRLATYGITVAELTGDHQLCKEEISATQIIVCTPEKWDIITRKGGERTYTQLVRLIILDEIHLLHDDRGPVLE
ALVARAIRNIEMTQEDVRLIGLSATLPNYEDVATFLRVDPAKGLFYFDNSFRPVPLEQTYVGITEKKAIKRFQIMNEIVY
EKIMEHAGKNQVLVFVHSRKETGKTARAIRDMCLEKDTLGLFLREGSASTEVLRTEAEQCKNLELKDLLPYGFAIHHAGM
TRVDRTLVEDLFADKHIQVLVSTATLAWGVNLPAHTVIIKGTQVYSPEKGRWTELGALDILQMLGRAGRPQYDTKGEGIL
ITSHGELQYYLSLLNQQLPIESQMVSKLPDMLNAEIVLGNVQNAKDAVNWLGYAYLYIRMLRSPTLYGISHDDLKGDPLL
DQRRLDLVHTAALMLDKNNLVKYDKKTGNFQVTELGRIASHYYITNDTVQTYNQLLKPTLSEIELFRVFSLSSEFKNITV
REEEKLELQKLLERVPIPVKESIEEPSAKINVLLQAFISQLKLEGFALMADMVYVTQSAGRLMRAIFEIVLNRGWAQLTD
KTLNLCKMIDKRMWQSMCPLRQFRKLPEEVVKKIEKKNFPFERLYDLNHNEIGELIRMPKMGKTIHKYVHLFPKLELSVH
LQPITRSTLKVELTITPDFQWDEKVHGSSEAFWILVEDVDSEVILHHEYFLLKAKYAQDEHLITFFVPVFEPLPPQYFIR
VVSDRWLSCETQLPVSFRHLILPEKYPPPTELLDLQPLPVSALRNSAFESLYQDKFPFFNPIQTQVFNTVYNSDDNVFVG
APTGSGKTICAEFAILRMLLQSSEGRCVYITPMEALAEQVYMDWYEKFQDRLNKKVVLLTGETSTDLKLLGKGNIIISTP
EKWDILSRRWKQRKNVQNINLFVVDEVHLIGGENGPVLEVICSRMRYISSQIERPIRIVALSSSLSNAKDVAHWLGCSAT
STFNFHPNVRPVPLELHIQGFNISHTQTRLLSMAKPVYHAITKHSPKKPVIVFVPSRKQTRLTAIDILTTCAADIQRQRF
LHCTEKDLIPYLEKLSDSTLKETLLNGVGYLHEGLSPMERRLVEQLFSSGAIQVVVASRSLCWGMNVAAHLVIIMDTQYY
NGKIHAYVDYPIYDVLQMVGHANRPLQDDEGRCVIMCQGSKKDFFKKFLYEPLPVESHLDHCMHDHFNAEIVTKTIENKQ
DAVDYLTWTFLYRRMTQNPNYYNLQGISHRHLSDHLSELVEQTLSDLEQSKCISIEDEMDVAPLNLGMIAAYYYINYTTI
ELFSMSLNAKTKVRGLIEIISNAAEYENIPIRHHEDNLLRQLAQKVPHKLNNPKFNDPHVKTNLLLQAHLSRMQLSAELQ
SDTEEILSKAIRLIQACVDVLSSNGWLSPALAAMELAQMVTQAMWSKDSYLKQLPHFTSEHIKRCTDKGVESVFDIMEME
DEERNALLQLTDSQIADVARFCNRYPNIELSYEVVDKDSIRSGGPVVVLVQLEREEEVTGPVIAPLFPQKREEGWWVVIG
DAKSNSLISIKRLTLQQKAKVKLDFVAPATGAHNYTLYFMSDAYMGCDQEYKFSVDVKEAETDSDSD
;
B
2 'polypeptide(L)'
;GPLGSMTQTFSSKTEWRVRAISAANLHLRTNHIYVSSDDIKETGYTYILPKNVLKKFICISDLRAQIAGYLYGVSPPDNP
QVKEIRCIVMVPQWGTHQTVHLPGQLPQHEYLKEMEPLGWIHTQPNESPQLSPQDVTTHAKIMADNPSWDGEKTIIITCS
FTPGSCTLTAYKLTPSGYEWGRQNTDKGNNPKGYLPSHYERVQMLLSDRFLGFFMVPAQSSWNYNFMGVRHDPNMKYELQ
LANPKEFYHEVHRPSHFLNFALL
;
J
#
# COMPACT_ATOMS: atom_id res chain seq x y z
N LEU A 14 -26.00 31.61 -8.60
CA LEU A 14 -24.60 31.75 -8.22
C LEU A 14 -24.26 33.18 -7.83
N ALA A 15 -23.46 33.84 -8.67
CA ALA A 15 -23.01 35.18 -8.36
C ALA A 15 -24.19 36.15 -8.36
N PRO A 16 -24.11 37.24 -7.57
CA PRO A 16 -23.03 37.61 -6.65
C PRO A 16 -23.21 37.04 -5.24
N ARG A 17 -22.10 36.67 -4.60
CA ARG A 17 -22.07 36.08 -3.27
C ARG A 17 -21.48 37.05 -2.27
N GLN A 18 -21.61 36.69 -0.99
CA GLN A 18 -21.08 37.52 0.08
C GLN A 18 -20.42 36.63 1.13
N VAL A 19 -19.31 37.11 1.68
CA VAL A 19 -18.48 36.35 2.62
C VAL A 19 -18.99 36.58 4.03
N LEU A 20 -19.11 35.50 4.80
CA LEU A 20 -19.61 35.57 6.16
C LEU A 20 -18.48 35.43 7.18
N ASP A 21 -18.71 36.02 8.37
CA ASP A 21 -17.83 35.83 9.51
C ASP A 21 -18.33 34.60 10.26
N LEU A 22 -17.71 33.45 9.99
CA LEU A 22 -18.11 32.23 10.67
C LEU A 22 -17.91 32.32 12.16
N GLU A 23 -16.89 33.07 12.60
CA GLU A 23 -16.64 33.25 14.03
C GLU A 23 -17.86 33.82 14.75
N ASP A 24 -18.51 34.82 14.14
CA ASP A 24 -19.68 35.41 14.77
C ASP A 24 -20.87 34.46 14.74
N LEU A 25 -20.95 33.61 13.72
CA LEU A 25 -22.08 32.70 13.60
C LEU A 25 -22.01 31.54 14.57
N VAL A 26 -20.82 31.18 15.05
CA VAL A 26 -20.71 30.13 16.05
C VAL A 26 -21.36 30.60 17.34
N PHE A 27 -22.14 29.71 17.97
CA PHE A 27 -22.77 30.06 19.24
C PHE A 27 -21.73 30.41 20.30
N THR A 28 -20.52 29.84 20.18
CA THR A 28 -19.46 29.92 21.19
C THR A 28 -19.92 29.48 22.57
N GLN A 29 -21.01 28.71 22.63
CA GLN A 29 -21.49 28.12 23.86
C GLN A 29 -21.23 26.62 23.93
N GLY A 30 -20.70 26.03 22.87
CA GLY A 30 -20.44 24.59 22.90
C GLY A 30 -21.73 23.81 22.88
N SER A 31 -21.82 22.82 23.76
CA SER A 31 -23.07 22.09 23.98
C SER A 31 -23.95 22.74 25.03
N HIS A 32 -23.52 23.89 25.57
CA HIS A 32 -24.26 24.63 26.60
C HIS A 32 -25.24 25.64 26.01
N PHE A 33 -25.53 25.56 24.72
CA PHE A 33 -26.47 26.50 24.10
C PHE A 33 -27.90 26.18 24.55
N MET A 34 -28.58 27.19 25.10
CA MET A 34 -29.93 27.03 25.63
C MET A 34 -30.89 27.77 24.68
N ALA A 35 -31.40 27.03 23.69
CA ALA A 35 -32.28 27.66 22.70
C ALA A 35 -33.68 27.88 23.25
N ASN A 36 -34.09 27.08 24.23
CA ASN A 36 -35.39 27.30 24.86
C ASN A 36 -35.38 28.61 25.63
N LYS A 37 -36.50 29.31 25.61
CA LYS A 37 -36.58 30.62 26.24
C LYS A 37 -37.11 30.58 27.67
N ARG A 38 -37.87 29.54 28.04
CA ARG A 38 -38.33 29.36 29.41
C ARG A 38 -38.17 27.89 29.79
N CYS A 39 -38.71 27.53 30.95
CA CYS A 39 -38.61 26.16 31.45
C CYS A 39 -39.80 25.88 32.36
N GLN A 40 -40.75 25.10 31.87
CA GLN A 40 -41.88 24.67 32.70
C GLN A 40 -41.48 23.47 33.55
N LEU A 41 -42.17 23.30 34.67
CA LEU A 41 -41.84 22.26 35.62
C LEU A 41 -43.02 21.30 35.79
N PRO A 42 -42.75 20.03 36.13
CA PRO A 42 -43.86 19.08 36.29
C PRO A 42 -44.67 19.38 37.55
N ASP A 43 -45.98 19.14 37.45
CA ASP A 43 -46.87 19.38 38.57
C ASP A 43 -46.44 18.54 39.77
N GLY A 44 -46.34 19.19 40.93
CA GLY A 44 -45.84 18.57 42.14
C GLY A 44 -44.46 19.04 42.54
N SER A 45 -43.66 19.51 41.59
CA SER A 45 -42.34 20.05 41.89
C SER A 45 -42.47 21.32 42.74
N PHE A 46 -41.35 21.70 43.38
CA PHE A 46 -41.37 22.90 44.21
C PHE A 46 -39.96 23.41 44.43
N ARG A 47 -39.86 24.71 44.75
CA ARG A 47 -38.58 25.39 44.91
C ARG A 47 -38.45 25.95 46.31
N ARG A 48 -37.26 25.77 46.90
CA ARG A 48 -36.91 26.30 48.22
C ARG A 48 -35.61 27.09 48.12
N GLN A 49 -35.36 27.89 49.16
CA GLN A 49 -34.11 28.65 49.28
C GLN A 49 -33.47 28.27 50.61
N ARG A 50 -32.20 27.88 50.59
CA ARG A 50 -31.54 27.32 51.77
C ARG A 50 -30.09 27.81 51.79
N LYS A 51 -29.75 28.62 52.79
CA LYS A 51 -28.36 28.93 53.12
C LYS A 51 -27.60 29.55 51.94
N GLY A 52 -28.30 30.29 51.07
CA GLY A 52 -27.66 30.93 49.94
C GLY A 52 -27.67 30.12 48.65
N TYR A 53 -28.03 28.84 48.71
CA TYR A 53 -28.22 28.04 47.51
C TYR A 53 -29.71 27.77 47.32
N GLU A 54 -30.17 27.89 46.09
CA GLU A 54 -31.56 27.61 45.77
C GLU A 54 -31.71 26.15 45.38
N GLU A 55 -32.69 25.47 45.97
CA GLU A 55 -32.91 24.05 45.74
C GLU A 55 -34.22 23.87 44.99
N VAL A 56 -34.17 23.10 43.90
CA VAL A 56 -35.35 22.78 43.09
C VAL A 56 -35.62 21.29 43.21
N HIS A 57 -36.88 20.91 43.42
CA HIS A 57 -37.25 19.52 43.66
C HIS A 57 -38.30 19.08 42.64
N VAL A 58 -38.03 17.95 41.99
CA VAL A 58 -38.90 17.41 40.95
C VAL A 58 -39.29 15.99 41.36
N PRO A 59 -40.59 15.64 41.34
CA PRO A 59 -41.04 14.35 41.88
C PRO A 59 -40.74 13.15 40.99
N ALA A 60 -40.66 13.41 39.69
CA ALA A 60 -40.54 12.36 38.66
C ALA A 60 -41.71 11.40 38.86
N LEU A 61 -41.47 10.12 39.07
CA LEU A 61 -42.52 9.09 39.16
C LEU A 61 -43.24 9.09 37.80
N LYS A 62 -44.57 9.00 37.79
CA LYS A 62 -45.42 9.07 36.60
C LYS A 62 -45.15 7.97 35.58
N PRO A 63 -45.33 6.68 35.92
CA PRO A 63 -45.30 5.65 34.87
C PRO A 63 -46.69 5.21 34.45
N LYS A 64 -47.12 5.61 33.26
CA LYS A 64 -48.41 5.19 32.72
C LYS A 64 -48.44 3.66 32.62
N PRO A 65 -49.41 2.98 33.26
CA PRO A 65 -49.43 1.51 33.25
C PRO A 65 -49.37 0.90 31.85
N PHE A 66 -50.41 1.12 31.05
CA PHE A 66 -50.43 0.60 29.68
C PHE A 66 -51.30 1.51 28.83
N GLY A 67 -51.00 1.55 27.54
CA GLY A 67 -51.74 2.40 26.62
C GLY A 67 -53.07 1.81 26.23
N SER A 68 -53.30 1.64 24.92
CA SER A 68 -54.54 1.05 24.46
C SER A 68 -54.55 -0.46 24.68
N GLU A 69 -53.51 -1.14 24.20
CA GLU A 69 -53.38 -2.59 24.41
C GLU A 69 -51.91 -2.95 24.20
N GLU A 70 -51.19 -3.16 25.29
CA GLU A 70 -49.77 -3.47 25.26
C GLU A 70 -49.54 -4.81 25.95
N GLN A 71 -48.98 -5.77 25.23
CA GLN A 71 -48.64 -7.07 25.78
C GLN A 71 -47.18 -7.37 25.44
N LEU A 72 -46.38 -7.61 26.47
CA LEU A 72 -44.96 -7.86 26.27
C LEU A 72 -44.74 -9.13 25.45
N LEU A 73 -43.68 -9.12 24.64
CA LEU A 73 -43.41 -10.23 23.74
C LEU A 73 -42.43 -11.19 24.37
N PRO A 74 -42.79 -12.46 24.58
CA PRO A 74 -41.80 -13.46 24.95
C PRO A 74 -40.85 -13.72 23.80
N VAL A 75 -39.62 -14.10 24.13
CA VAL A 75 -38.62 -14.39 23.10
C VAL A 75 -39.05 -15.55 22.21
N GLU A 76 -39.95 -16.41 22.68
CA GLU A 76 -40.44 -17.51 21.84
C GLU A 76 -41.21 -16.99 20.63
N LYS A 77 -41.93 -15.86 20.79
CA LYS A 77 -42.64 -15.28 19.65
C LYS A 77 -41.70 -14.60 18.67
N LEU A 78 -40.46 -14.32 19.08
CA LEU A 78 -39.49 -13.68 18.21
C LEU A 78 -39.05 -14.65 17.11
N PRO A 79 -38.43 -14.12 16.04
CA PRO A 79 -37.90 -15.00 14.99
C PRO A 79 -36.85 -15.96 15.56
N LYS A 80 -36.85 -17.18 15.02
CA LYS A 80 -35.99 -18.23 15.55
C LYS A 80 -34.51 -17.84 15.55
N TYR A 81 -34.05 -17.25 14.45
CA TYR A 81 -32.61 -17.06 14.29
C TYR A 81 -32.03 -16.14 15.36
N ALA A 82 -32.83 -15.21 15.89
CA ALA A 82 -32.33 -14.22 16.82
C ALA A 82 -32.63 -14.54 18.28
N GLN A 83 -33.36 -15.62 18.56
CA GLN A 83 -33.70 -15.95 19.94
C GLN A 83 -32.45 -16.26 20.76
N ALA A 84 -31.49 -16.98 20.17
CA ALA A 84 -30.32 -17.43 20.93
C ALA A 84 -29.43 -16.26 21.37
N GLY A 85 -29.34 -15.21 20.55
CA GLY A 85 -28.60 -14.04 20.97
C GLY A 85 -29.18 -13.41 22.22
N PHE A 86 -30.50 -13.41 22.34
CA PHE A 86 -31.19 -12.94 23.55
C PHE A 86 -31.30 -14.09 24.56
N GLU A 87 -30.13 -14.57 24.99
CA GLU A 87 -30.05 -15.62 25.99
C GLU A 87 -30.05 -15.00 27.39
N GLY A 88 -30.81 -15.61 28.29
CA GLY A 88 -30.91 -15.13 29.65
C GLY A 88 -31.99 -14.10 29.90
N PHE A 89 -32.83 -13.80 28.91
CA PHE A 89 -33.94 -12.90 29.08
C PHE A 89 -35.19 -13.52 28.47
N LYS A 90 -36.36 -13.00 28.89
CA LYS A 90 -37.62 -13.54 28.39
C LYS A 90 -38.56 -12.43 27.93
N THR A 91 -38.83 -11.46 28.80
CA THR A 91 -39.73 -10.36 28.49
C THR A 91 -38.91 -9.12 28.15
N LEU A 92 -39.06 -8.65 26.92
CA LEU A 92 -38.45 -7.37 26.54
C LEU A 92 -39.06 -6.25 27.35
N ASN A 93 -38.30 -5.16 27.51
CA ASN A 93 -38.88 -3.97 28.12
C ASN A 93 -39.94 -3.39 27.18
N ARG A 94 -40.70 -2.42 27.69
CA ARG A 94 -41.84 -1.90 26.93
C ARG A 94 -41.39 -1.27 25.62
N ILE A 95 -40.32 -0.46 25.65
CA ILE A 95 -39.80 0.14 24.42
C ILE A 95 -39.34 -0.95 23.46
N GLN A 96 -38.67 -1.98 23.98
CA GLN A 96 -38.21 -3.07 23.14
C GLN A 96 -39.38 -3.81 22.48
N SER A 97 -40.44 -4.07 23.24
CA SER A 97 -41.61 -4.73 22.68
C SER A 97 -42.31 -3.86 21.64
N LYS A 98 -42.31 -2.53 21.84
CA LYS A 98 -42.87 -1.66 20.81
C LYS A 98 -42.04 -1.71 19.53
N LEU A 99 -40.71 -1.80 19.66
CA LEU A 99 -39.82 -1.68 18.52
C LEU A 99 -39.44 -3.01 17.88
N TYR A 100 -39.89 -4.14 18.42
CA TYR A 100 -39.49 -5.43 17.85
C TYR A 100 -39.84 -5.53 16.36
N ARG A 101 -41.02 -5.03 15.98
CA ARG A 101 -41.41 -5.06 14.57
C ARG A 101 -40.43 -4.28 13.71
N ALA A 102 -40.27 -2.99 14.00
CA ALA A 102 -39.41 -2.14 13.19
C ALA A 102 -37.95 -2.54 13.27
N ALA A 103 -37.57 -3.36 14.24
CA ALA A 103 -36.17 -3.70 14.35
C ALA A 103 -35.84 -5.04 13.70
N LEU A 104 -36.74 -6.00 13.75
CA LEU A 104 -36.47 -7.32 13.21
C LEU A 104 -37.31 -7.68 12.00
N GLU A 105 -38.35 -6.89 11.68
CA GLU A 105 -39.24 -7.20 10.58
C GLU A 105 -39.26 -6.15 9.48
N THR A 106 -38.65 -4.99 9.71
CA THR A 106 -38.48 -3.97 8.68
C THR A 106 -37.00 -3.60 8.59
N ASP A 107 -36.61 -3.10 7.42
CA ASP A 107 -35.26 -2.61 7.19
C ASP A 107 -35.18 -1.10 7.23
N GLU A 108 -36.22 -0.44 7.74
CA GLU A 108 -36.28 1.01 7.73
C GLU A 108 -35.17 1.60 8.59
N ASN A 109 -34.73 2.80 8.22
CA ASN A 109 -33.90 3.59 9.13
C ASN A 109 -34.77 4.12 10.27
N LEU A 110 -34.22 4.10 11.48
CA LEU A 110 -34.99 4.41 12.67
C LEU A 110 -34.26 5.44 13.53
N LEU A 111 -35.04 6.19 14.31
CA LEU A 111 -34.52 7.06 15.36
C LEU A 111 -35.35 6.86 16.62
N LEU A 112 -34.67 6.45 17.71
CA LEU A 112 -35.33 6.14 18.97
C LEU A 112 -34.91 7.16 20.02
N CYS A 113 -35.87 7.94 20.50
CA CYS A 113 -35.66 8.88 21.59
C CYS A 113 -36.27 8.27 22.84
N ALA A 114 -35.44 7.72 23.71
CA ALA A 114 -35.87 7.11 24.94
C ALA A 114 -35.04 7.66 26.09
N PRO A 115 -35.58 7.67 27.31
CA PRO A 115 -34.80 8.15 28.45
C PRO A 115 -33.54 7.31 28.62
N THR A 116 -32.50 7.94 29.16
CA THR A 116 -31.23 7.26 29.34
C THR A 116 -31.41 6.03 30.22
N GLY A 117 -30.46 5.12 30.12
CA GLY A 117 -30.68 3.77 30.61
C GLY A 117 -31.62 3.05 29.68
N ALA A 118 -32.66 2.44 30.25
CA ALA A 118 -33.77 1.78 29.56
C ALA A 118 -33.32 0.75 28.53
N GLY A 119 -32.04 0.42 28.47
CA GLY A 119 -31.58 -0.60 27.53
C GLY A 119 -31.85 -0.26 26.08
N LYS A 120 -31.65 1.00 25.70
CA LYS A 120 -31.81 1.41 24.31
C LYS A 120 -30.85 0.69 23.38
N THR A 121 -29.86 -0.02 23.93
CA THR A 121 -28.91 -0.80 23.14
C THR A 121 -29.48 -2.14 22.72
N ASN A 122 -30.50 -2.64 23.41
CA ASN A 122 -31.11 -3.91 23.01
C ASN A 122 -31.79 -3.79 21.66
N VAL A 123 -32.35 -2.63 21.33
CA VAL A 123 -32.95 -2.44 20.02
C VAL A 123 -31.88 -2.43 18.93
N ALA A 124 -30.71 -1.84 19.23
CA ALA A 124 -29.59 -1.92 18.31
C ALA A 124 -29.15 -3.36 18.11
N LEU A 125 -29.17 -4.15 19.19
CA LEU A 125 -28.90 -5.59 19.06
C LEU A 125 -29.91 -6.28 18.17
N MET A 126 -31.19 -5.91 18.29
CA MET A 126 -32.22 -6.47 17.41
C MET A 126 -31.91 -6.17 15.95
N CYS A 127 -31.58 -4.91 15.65
CA CYS A 127 -31.26 -4.54 14.28
C CYS A 127 -30.02 -5.29 13.79
N MET A 128 -29.03 -5.44 14.66
CA MET A 128 -27.83 -6.19 14.32
C MET A 128 -28.16 -7.65 14.04
N LEU A 129 -29.07 -8.23 14.82
CA LEU A 129 -29.48 -9.61 14.59
C LEU A 129 -30.25 -9.76 13.28
N ARG A 130 -31.03 -8.75 12.90
CA ARG A 130 -31.67 -8.76 11.59
C ARG A 130 -30.63 -8.82 10.47
N GLU A 131 -29.65 -7.91 10.51
CA GLU A 131 -28.62 -7.91 9.48
C GLU A 131 -27.75 -9.16 9.56
N ILE A 132 -27.65 -9.79 10.73
CA ILE A 132 -26.92 -11.05 10.84
C ILE A 132 -27.72 -12.18 10.22
N GLY A 133 -29.04 -12.19 10.44
CA GLY A 133 -29.89 -13.23 9.88
C GLY A 133 -29.98 -13.18 8.37
N LYS A 134 -29.85 -11.98 7.78
CA LYS A 134 -29.79 -11.88 6.32
C LYS A 134 -28.74 -12.82 5.74
N HIS A 135 -27.55 -12.86 6.34
CA HIS A 135 -26.41 -13.57 5.76
C HIS A 135 -26.24 -14.97 6.32
N ILE A 136 -27.29 -15.55 6.90
CA ILE A 136 -27.23 -16.93 7.36
C ILE A 136 -27.47 -17.86 6.17
N ASN A 137 -26.57 -18.82 5.98
CA ASN A 137 -26.66 -19.77 4.88
C ASN A 137 -27.20 -21.11 5.38
N MET A 138 -27.28 -22.07 4.45
CA MET A 138 -27.95 -23.33 4.75
C MET A 138 -27.16 -24.21 5.71
N ASP A 139 -25.83 -24.12 5.69
CA ASP A 139 -24.99 -24.97 6.53
C ASP A 139 -25.23 -24.74 8.01
N GLY A 140 -25.97 -23.69 8.38
CA GLY A 140 -26.04 -23.22 9.75
C GLY A 140 -25.05 -22.12 10.03
N THR A 141 -23.91 -22.12 9.34
CA THR A 141 -22.94 -21.04 9.45
C THR A 141 -23.50 -19.76 8.83
N ILE A 142 -22.73 -18.69 8.96
CA ILE A 142 -23.11 -17.38 8.45
C ILE A 142 -22.01 -16.88 7.52
N ASN A 143 -22.42 -16.28 6.40
CA ASN A 143 -21.48 -15.63 5.48
C ASN A 143 -20.90 -14.43 6.20
N VAL A 144 -19.97 -14.72 7.11
CA VAL A 144 -19.38 -13.69 7.96
C VAL A 144 -18.57 -12.70 7.12
N ASP A 145 -18.00 -13.17 6.01
CA ASP A 145 -17.20 -12.30 5.17
C ASP A 145 -18.06 -11.35 4.32
N ASP A 146 -19.38 -11.56 4.26
CA ASP A 146 -20.18 -10.84 3.28
C ASP A 146 -20.68 -9.49 3.80
N PHE A 147 -20.90 -9.35 5.10
CA PHE A 147 -21.46 -8.12 5.67
C PHE A 147 -20.56 -7.58 6.76
N LYS A 148 -20.67 -6.27 6.98
CA LYS A 148 -20.02 -5.61 8.10
C LYS A 148 -20.98 -4.59 8.68
N ILE A 149 -21.03 -4.52 10.01
CA ILE A 149 -21.90 -3.61 10.75
C ILE A 149 -21.02 -2.62 11.50
N ILE A 150 -21.42 -1.34 11.50
CA ILE A 150 -20.68 -0.28 12.17
C ILE A 150 -21.50 0.22 13.36
N TYR A 151 -20.90 0.16 14.56
CA TYR A 151 -21.48 0.72 15.76
C TYR A 151 -20.65 1.92 16.20
N ILE A 152 -21.32 3.03 16.46
CA ILE A 152 -20.67 4.30 16.75
C ILE A 152 -21.05 4.68 18.17
N ALA A 153 -20.13 4.47 19.10
CA ALA A 153 -20.31 4.91 20.47
C ALA A 153 -19.51 6.18 20.73
N PRO A 154 -20.03 7.07 21.58
CA PRO A 154 -19.36 8.37 21.74
C PRO A 154 -18.05 8.32 22.52
N MET A 155 -17.89 7.36 23.43
CA MET A 155 -16.73 7.31 24.31
C MET A 155 -16.02 5.97 24.19
N ARG A 156 -14.69 6.02 24.13
CA ARG A 156 -13.90 4.80 24.14
C ARG A 156 -14.23 3.94 25.36
N SER A 157 -14.44 4.59 26.51
CA SER A 157 -14.93 3.90 27.70
C SER A 157 -16.14 3.05 27.35
N LEU A 158 -17.12 3.64 26.68
CA LEU A 158 -18.30 2.90 26.27
C LEU A 158 -17.95 1.83 25.26
N VAL A 159 -17.01 2.15 24.35
CA VAL A 159 -16.71 1.27 23.22
C VAL A 159 -16.16 -0.06 23.71
N GLN A 160 -15.31 -0.05 24.74
CA GLN A 160 -14.72 -1.31 25.21
C GLN A 160 -15.78 -2.24 25.78
N GLU A 161 -16.64 -1.70 26.66
CA GLU A 161 -17.74 -2.50 27.20
C GLU A 161 -18.67 -2.96 26.09
N MET A 162 -18.89 -2.11 25.09
CA MET A 162 -19.75 -2.50 23.97
C MET A 162 -19.16 -3.70 23.23
N VAL A 163 -17.87 -3.65 22.94
CA VAL A 163 -17.20 -4.76 22.26
C VAL A 163 -17.34 -6.03 23.10
N GLY A 164 -17.05 -5.92 24.40
CA GLY A 164 -17.13 -7.10 25.25
C GLY A 164 -18.51 -7.71 25.28
N SER A 165 -19.54 -6.91 25.56
CA SER A 165 -20.89 -7.44 25.72
C SER A 165 -21.46 -7.90 24.38
N PHE A 166 -21.15 -7.19 23.30
CA PHE A 166 -21.63 -7.61 21.98
C PHE A 166 -20.98 -8.93 21.58
N GLY A 167 -19.69 -9.10 21.87
CA GLY A 167 -19.07 -10.38 21.61
C GLY A 167 -19.67 -11.49 22.45
N LYS A 168 -19.93 -11.21 23.74
CA LYS A 168 -20.49 -12.23 24.61
C LYS A 168 -21.87 -12.68 24.13
N ARG A 169 -22.74 -11.73 23.78
CA ARG A 169 -24.08 -12.09 23.32
C ARG A 169 -24.09 -12.64 21.90
N LEU A 170 -23.09 -12.30 21.09
CA LEU A 170 -23.07 -12.70 19.69
C LEU A 170 -21.93 -13.66 19.37
N ALA A 171 -21.28 -14.23 20.38
CA ALA A 171 -20.29 -15.27 20.10
C ALA A 171 -20.97 -16.53 19.59
N THR A 172 -22.23 -16.77 19.99
CA THR A 172 -22.93 -17.99 19.60
C THR A 172 -23.13 -18.08 18.09
N TYR A 173 -23.22 -16.93 17.41
CA TYR A 173 -23.35 -16.91 15.96
C TYR A 173 -22.00 -16.87 15.25
N GLY A 174 -20.91 -16.72 15.99
CA GLY A 174 -19.58 -16.76 15.39
C GLY A 174 -19.05 -15.45 14.89
N ILE A 175 -19.62 -14.32 15.31
CA ILE A 175 -19.10 -13.01 14.93
C ILE A 175 -17.94 -12.64 15.85
N THR A 176 -16.82 -12.25 15.24
CA THR A 176 -15.70 -11.67 15.98
C THR A 176 -16.00 -10.19 16.16
N VAL A 177 -16.41 -9.81 17.37
CA VAL A 177 -16.72 -8.43 17.71
C VAL A 177 -15.50 -7.81 18.37
N ALA A 178 -14.95 -6.77 17.75
CA ALA A 178 -13.79 -6.09 18.31
C ALA A 178 -13.76 -4.66 17.81
N GLU A 179 -13.05 -3.81 18.56
CA GLU A 179 -12.80 -2.44 18.17
C GLU A 179 -11.42 -2.33 17.54
N LEU A 180 -11.24 -1.33 16.70
CA LEU A 180 -9.96 -1.06 16.07
C LEU A 180 -9.25 0.04 16.84
N THR A 181 -7.97 -0.18 17.12
CA THR A 181 -7.18 0.73 17.95
C THR A 181 -5.84 1.00 17.30
N GLY A 182 -5.12 1.94 17.89
CA GLY A 182 -3.76 2.28 17.49
C GLY A 182 -3.68 2.74 16.05
N ASP A 183 -2.53 2.51 15.45
CA ASP A 183 -2.30 2.90 14.06
C ASP A 183 -3.11 2.01 13.13
N HIS A 184 -3.78 2.64 12.17
CA HIS A 184 -4.57 1.94 11.16
C HIS A 184 -3.75 1.62 9.91
N GLN A 185 -2.46 1.91 9.91
CA GLN A 185 -1.65 1.69 8.72
C GLN A 185 -1.46 0.21 8.43
N LEU A 186 -1.30 -0.60 9.48
CA LEU A 186 -1.01 -2.02 9.32
C LEU A 186 -1.97 -2.95 10.04
N CYS A 187 -2.71 -2.48 11.05
CA CYS A 187 -3.62 -3.33 11.81
C CYS A 187 -4.94 -3.47 11.05
N LYS A 188 -4.86 -4.20 9.92
CA LYS A 188 -6.02 -4.46 9.07
C LYS A 188 -6.42 -5.92 8.95
N GLU A 189 -5.62 -6.85 9.48
CA GLU A 189 -6.01 -8.25 9.42
C GLU A 189 -7.30 -8.49 10.19
N GLU A 190 -7.34 -8.06 11.46
CA GLU A 190 -8.56 -8.13 12.23
C GLU A 190 -9.68 -7.32 11.58
N ILE A 191 -9.33 -6.28 10.81
CA ILE A 191 -10.34 -5.44 10.16
C ILE A 191 -11.16 -6.27 9.18
N SER A 192 -10.49 -7.05 8.34
CA SER A 192 -11.22 -8.02 7.53
C SER A 192 -11.89 -9.06 8.41
N ALA A 193 -11.21 -9.48 9.49
CA ALA A 193 -11.76 -10.54 10.34
C ALA A 193 -13.01 -10.09 11.07
N THR A 194 -13.07 -8.83 11.50
CA THR A 194 -14.21 -8.34 12.26
C THR A 194 -15.45 -8.21 11.38
N GLN A 195 -16.59 -8.54 11.95
CA GLN A 195 -17.89 -8.37 11.29
C GLN A 195 -18.70 -7.24 11.88
N ILE A 196 -18.53 -6.94 13.17
CA ILE A 196 -19.09 -5.78 13.83
C ILE A 196 -17.92 -4.94 14.33
N ILE A 197 -17.90 -3.67 13.92
CA ILE A 197 -16.83 -2.73 14.29
C ILE A 197 -17.45 -1.66 15.18
N VAL A 198 -17.10 -1.70 16.46
CA VAL A 198 -17.48 -0.65 17.39
C VAL A 198 -16.34 0.36 17.46
N CYS A 199 -16.67 1.64 17.35
CA CYS A 199 -15.62 2.66 17.36
C CYS A 199 -16.23 4.03 17.60
N THR A 200 -15.36 4.97 17.96
CA THR A 200 -15.76 6.36 18.18
C THR A 200 -16.01 7.05 16.84
N PRO A 201 -16.85 8.09 16.82
CA PRO A 201 -17.18 8.74 15.54
C PRO A 201 -15.97 9.27 14.80
N GLU A 202 -15.00 9.83 15.53
CA GLU A 202 -13.84 10.42 14.89
C GLU A 202 -12.93 9.37 14.27
N LYS A 203 -12.82 8.18 14.88
CA LYS A 203 -12.04 7.12 14.27
C LYS A 203 -12.68 6.65 12.98
N TRP A 204 -14.00 6.48 12.97
CA TRP A 204 -14.68 6.17 11.72
C TRP A 204 -14.46 7.28 10.69
N ASP A 205 -14.42 8.53 11.14
CA ASP A 205 -14.25 9.64 10.22
C ASP A 205 -12.87 9.61 9.57
N ILE A 206 -11.82 9.42 10.38
CA ILE A 206 -10.48 9.33 9.79
C ILE A 206 -10.39 8.13 8.84
N ILE A 207 -11.01 7.00 9.21
CA ILE A 207 -11.01 5.84 8.33
C ILE A 207 -11.63 6.17 6.98
N THR A 208 -12.89 6.64 7.00
CA THR A 208 -13.57 6.91 5.74
C THR A 208 -12.86 8.02 4.97
N ARG A 209 -12.20 8.93 5.68
CA ARG A 209 -11.45 9.99 5.02
C ARG A 209 -10.34 9.41 4.16
N LYS A 210 -9.48 8.58 4.76
CA LYS A 210 -8.45 7.91 3.96
C LYS A 210 -9.08 7.03 2.88
N GLY A 211 -10.06 6.22 3.28
CA GLY A 211 -10.89 5.51 2.31
C GLY A 211 -10.09 4.52 1.47
N GLY A 212 -10.15 4.70 0.17
CA GLY A 212 -9.52 3.81 -0.79
C GLY A 212 -10.55 2.97 -1.53
N GLU A 213 -10.05 2.21 -2.50
CA GLU A 213 -10.83 1.23 -3.22
C GLU A 213 -10.59 -0.17 -2.64
N ARG A 214 -11.49 -1.08 -2.97
CA ARG A 214 -11.48 -2.44 -2.41
C ARG A 214 -11.52 -2.38 -0.88
N THR A 215 -12.09 -1.31 -0.35
CA THR A 215 -12.21 -1.22 1.09
C THR A 215 -13.38 -2.06 1.58
N TYR A 216 -13.39 -2.26 2.90
CA TYR A 216 -14.46 -2.96 3.57
C TYR A 216 -15.67 -2.06 3.81
N THR A 217 -15.49 -0.74 3.63
CA THR A 217 -16.61 0.19 3.66
C THR A 217 -17.69 -0.18 2.67
N GLN A 218 -17.33 -0.91 1.62
CA GLN A 218 -18.34 -1.37 0.66
C GLN A 218 -19.31 -2.33 1.31
N LEU A 219 -18.82 -3.21 2.19
CA LEU A 219 -19.65 -4.26 2.78
C LEU A 219 -20.38 -3.81 4.03
N VAL A 220 -20.34 -2.51 4.35
CA VAL A 220 -21.00 -1.98 5.54
C VAL A 220 -22.47 -1.74 5.23
N ARG A 221 -23.35 -2.44 5.94
CA ARG A 221 -24.78 -2.36 5.69
C ARG A 221 -25.58 -1.76 6.82
N LEU A 222 -25.09 -1.83 8.06
CA LEU A 222 -25.79 -1.29 9.21
C LEU A 222 -24.87 -0.33 9.95
N ILE A 223 -25.35 0.88 10.20
CA ILE A 223 -24.67 1.84 11.06
C ILE A 223 -25.60 2.24 12.19
N ILE A 224 -25.08 2.20 13.42
CA ILE A 224 -25.85 2.53 14.61
C ILE A 224 -25.16 3.69 15.30
N LEU A 225 -25.85 4.81 15.39
CA LEU A 225 -25.33 6.04 15.99
C LEU A 225 -25.90 6.15 17.40
N ASP A 226 -25.13 5.69 18.39
CA ASP A 226 -25.58 5.73 19.76
C ASP A 226 -25.31 7.10 20.37
N GLU A 227 -26.17 7.49 21.31
CA GLU A 227 -26.08 8.79 22.00
C GLU A 227 -25.92 9.91 20.98
N ILE A 228 -26.85 9.96 20.02
CA ILE A 228 -26.75 10.90 18.91
C ILE A 228 -27.01 12.34 19.32
N HIS A 229 -27.53 12.58 20.52
CA HIS A 229 -27.68 13.96 20.98
C HIS A 229 -26.34 14.67 21.06
N LEU A 230 -25.22 13.95 20.97
CA LEU A 230 -23.91 14.56 20.77
C LEU A 230 -23.88 15.51 19.58
N LEU A 231 -24.91 15.50 18.75
CA LEU A 231 -25.04 16.52 17.71
C LEU A 231 -24.94 17.92 18.28
N HIS A 232 -25.50 18.12 19.49
CA HIS A 232 -25.40 19.40 20.17
C HIS A 232 -23.97 19.70 20.63
N ASP A 233 -23.20 18.67 20.95
CA ASP A 233 -21.84 18.87 21.42
C ASP A 233 -20.97 19.50 20.32
N ASP A 234 -19.76 19.89 20.69
CA ASP A 234 -18.83 20.39 19.68
C ASP A 234 -18.24 19.26 18.84
N ARG A 235 -18.44 18.01 19.25
CA ARG A 235 -18.11 16.87 18.40
C ARG A 235 -19.22 16.53 17.40
N GLY A 236 -20.42 17.07 17.62
CA GLY A 236 -21.55 16.91 16.72
C GLY A 236 -21.24 17.00 15.22
N PRO A 237 -20.51 18.06 14.79
CA PRO A 237 -20.20 18.16 13.35
C PRO A 237 -19.56 16.91 12.77
N VAL A 238 -18.90 16.09 13.59
CA VAL A 238 -18.37 14.82 13.09
C VAL A 238 -19.50 13.87 12.73
N LEU A 239 -20.49 13.75 13.63
CA LEU A 239 -21.67 12.94 13.32
C LEU A 239 -22.37 13.46 12.08
N GLU A 240 -22.43 14.80 11.94
CA GLU A 240 -23.05 15.39 10.75
C GLU A 240 -22.30 14.99 9.48
N ALA A 241 -20.97 15.13 9.49
CA ALA A 241 -20.17 14.74 8.34
C ALA A 241 -20.39 13.29 7.99
N LEU A 242 -20.43 12.41 8.99
CA LEU A 242 -20.61 10.97 8.72
C LEU A 242 -21.97 10.69 8.09
N VAL A 243 -23.03 11.26 8.63
CA VAL A 243 -24.36 10.92 8.10
C VAL A 243 -24.54 11.52 6.71
N ALA A 244 -24.09 12.76 6.50
CA ALA A 244 -24.16 13.34 5.16
C ALA A 244 -23.38 12.48 4.16
N ARG A 245 -22.17 12.06 4.54
CA ARG A 245 -21.36 11.21 3.68
C ARG A 245 -22.09 9.91 3.36
N ALA A 246 -22.67 9.28 4.38
CA ALA A 246 -23.32 7.99 4.18
C ALA A 246 -24.53 8.12 3.25
N ILE A 247 -25.34 9.16 3.43
CA ILE A 247 -26.51 9.33 2.57
C ILE A 247 -26.09 9.60 1.14
N ARG A 248 -25.13 10.52 0.95
CA ARG A 248 -24.64 10.82 -0.39
C ARG A 248 -24.07 9.57 -1.06
N ASN A 249 -23.30 8.77 -0.32
CA ASN A 249 -22.67 7.62 -0.92
C ASN A 249 -23.69 6.52 -1.19
N ILE A 250 -24.73 6.42 -0.36
CA ILE A 250 -25.84 5.52 -0.67
C ILE A 250 -26.48 5.93 -1.98
N GLU A 251 -26.70 7.24 -2.15
CA GLU A 251 -27.30 7.73 -3.39
C GLU A 251 -26.43 7.35 -4.59
N MET A 252 -25.11 7.45 -4.44
CA MET A 252 -24.24 7.14 -5.57
C MET A 252 -24.17 5.63 -5.84
N THR A 253 -24.15 4.81 -4.79
CA THR A 253 -23.98 3.37 -4.97
C THR A 253 -25.29 2.65 -5.26
N GLN A 254 -26.44 3.29 -5.05
CA GLN A 254 -27.75 2.67 -5.13
C GLN A 254 -27.90 1.51 -4.15
N GLU A 255 -26.90 1.29 -3.30
CA GLU A 255 -26.92 0.23 -2.30
C GLU A 255 -27.37 0.86 -0.98
N ASP A 256 -28.62 0.62 -0.61
CA ASP A 256 -29.16 1.21 0.60
C ASP A 256 -28.46 0.66 1.83
N VAL A 257 -28.15 1.56 2.78
CA VAL A 257 -27.55 1.21 4.04
C VAL A 257 -28.45 1.71 5.15
N ARG A 258 -28.61 0.90 6.20
CA ARG A 258 -29.53 1.20 7.29
C ARG A 258 -28.88 2.06 8.36
N LEU A 259 -29.62 3.06 8.83
CA LEU A 259 -29.16 3.96 9.89
C LEU A 259 -30.09 3.84 11.09
N ILE A 260 -29.51 3.59 12.26
CA ILE A 260 -30.26 3.38 13.50
C ILE A 260 -29.72 4.36 14.53
N GLY A 261 -30.51 5.39 14.85
CA GLY A 261 -30.08 6.43 15.78
C GLY A 261 -30.69 6.26 17.16
N LEU A 262 -29.87 6.52 18.18
CA LEU A 262 -30.29 6.43 19.57
C LEU A 262 -30.04 7.78 20.23
N SER A 263 -31.07 8.33 20.89
CA SER A 263 -30.93 9.61 21.58
C SER A 263 -31.67 9.57 22.90
N ALA A 264 -31.51 10.65 23.66
CA ALA A 264 -32.25 10.85 24.89
C ALA A 264 -33.54 11.61 24.61
N THR A 265 -34.32 11.82 25.66
CA THR A 265 -35.63 12.48 25.54
C THR A 265 -35.40 13.98 25.38
N LEU A 266 -35.00 14.39 24.18
CA LEU A 266 -34.75 15.79 23.97
C LEU A 266 -35.58 16.32 22.81
N PRO A 267 -35.91 17.63 22.82
CA PRO A 267 -36.67 18.21 21.70
C PRO A 267 -35.90 18.16 20.39
N ASN A 268 -36.46 18.77 19.35
CA ASN A 268 -35.87 18.80 18.02
C ASN A 268 -35.67 17.42 17.45
N TYR A 269 -36.36 16.41 18.00
CA TYR A 269 -36.16 15.05 17.54
C TYR A 269 -36.68 14.85 16.12
N GLU A 270 -37.71 15.60 15.73
CA GLU A 270 -38.23 15.49 14.37
C GLU A 270 -37.16 15.87 13.36
N ASP A 271 -36.40 16.92 13.66
CA ASP A 271 -35.33 17.34 12.76
C ASP A 271 -34.19 16.33 12.73
N VAL A 272 -33.93 15.66 13.86
CA VAL A 272 -32.91 14.62 13.87
C VAL A 272 -33.37 13.41 13.06
N ALA A 273 -34.66 13.11 13.08
CA ALA A 273 -35.18 12.04 12.24
C ALA A 273 -35.10 12.40 10.77
N THR A 274 -35.43 13.65 10.43
CA THR A 274 -35.22 14.13 9.07
C THR A 274 -33.74 14.00 8.68
N PHE A 275 -32.85 14.21 9.65
CA PHE A 275 -31.42 14.07 9.41
C PHE A 275 -31.08 12.65 8.97
N LEU A 276 -31.67 11.65 9.63
CA LEU A 276 -31.36 10.24 9.42
C LEU A 276 -32.25 9.58 8.39
N ARG A 277 -33.06 10.35 7.65
CA ARG A 277 -33.99 9.80 6.65
C ARG A 277 -34.94 8.80 7.29
N VAL A 278 -35.38 9.11 8.51
CA VAL A 278 -36.28 8.25 9.26
C VAL A 278 -37.71 8.69 9.02
N ASP A 279 -38.54 7.79 8.50
CA ASP A 279 -39.93 8.13 8.27
C ASP A 279 -40.64 8.30 9.60
N PRO A 280 -41.37 9.40 9.81
CA PRO A 280 -41.97 9.64 11.13
C PRO A 280 -42.98 8.58 11.55
N ALA A 281 -43.84 8.13 10.63
CA ALA A 281 -44.83 7.14 10.99
C ALA A 281 -44.19 5.78 11.23
N LYS A 282 -43.34 5.33 10.31
CA LYS A 282 -42.80 3.99 10.40
C LYS A 282 -41.60 3.92 11.35
N GLY A 283 -40.71 4.91 11.27
CA GLY A 283 -39.42 4.79 11.92
C GLY A 283 -39.26 5.54 13.23
N LEU A 284 -40.03 6.62 13.41
CA LEU A 284 -39.86 7.47 14.58
C LEU A 284 -40.64 6.92 15.76
N PHE A 285 -39.96 6.75 16.89
CA PHE A 285 -40.56 6.27 18.13
C PHE A 285 -40.11 7.18 19.26
N TYR A 286 -41.03 7.95 19.81
CA TYR A 286 -40.74 8.92 20.88
C TYR A 286 -41.30 8.42 22.20
N PHE A 287 -40.44 8.29 23.20
CA PHE A 287 -40.82 7.99 24.57
C PHE A 287 -40.27 9.09 25.48
N ASP A 288 -40.99 9.37 26.55
CA ASP A 288 -40.61 10.44 27.46
C ASP A 288 -39.88 9.86 28.66
N ASN A 289 -39.61 10.71 29.64
CA ASN A 289 -38.94 10.28 30.87
C ASN A 289 -39.82 9.36 31.72
N SER A 290 -41.10 9.22 31.37
CA SER A 290 -41.97 8.32 32.11
C SER A 290 -41.54 6.87 31.94
N PHE A 291 -41.00 6.53 30.77
CA PHE A 291 -40.53 5.18 30.49
C PHE A 291 -39.15 4.89 31.08
N ARG A 292 -38.65 5.79 31.93
CA ARG A 292 -37.44 5.49 32.68
C ARG A 292 -37.66 4.23 33.51
N PRO A 293 -36.63 3.41 33.69
CA PRO A 293 -36.80 2.18 34.49
C PRO A 293 -37.22 2.46 35.93
N VAL A 294 -36.53 3.37 36.62
CA VAL A 294 -36.87 3.71 38.00
C VAL A 294 -37.16 5.20 38.10
N PRO A 295 -38.12 5.62 38.92
CA PRO A 295 -38.41 7.05 39.08
C PRO A 295 -37.24 7.78 39.72
N LEU A 296 -36.93 8.95 39.17
CA LEU A 296 -35.73 9.71 39.53
C LEU A 296 -36.13 10.98 40.29
N GLU A 297 -36.25 10.85 41.62
CA GLU A 297 -36.48 12.01 42.47
C GLU A 297 -35.33 13.00 42.31
N GLN A 298 -35.64 14.21 41.82
CA GLN A 298 -34.64 15.15 41.36
C GLN A 298 -34.45 16.27 42.36
N THR A 299 -33.20 16.52 42.75
CA THR A 299 -32.82 17.70 43.53
C THR A 299 -31.73 18.45 42.79
N TYR A 300 -31.95 19.73 42.55
CA TYR A 300 -31.00 20.59 41.85
C TYR A 300 -30.57 21.68 42.82
N VAL A 301 -29.27 21.76 43.07
CA VAL A 301 -28.70 22.71 44.02
C VAL A 301 -27.93 23.75 43.22
N GLY A 302 -28.37 25.02 43.31
CA GLY A 302 -27.68 26.09 42.61
C GLY A 302 -27.16 27.12 43.59
N ILE A 303 -25.84 27.21 43.71
CA ILE A 303 -25.21 28.04 44.74
C ILE A 303 -25.00 29.45 44.20
N THR A 304 -25.01 30.42 45.12
CA THR A 304 -24.83 31.82 44.78
C THR A 304 -23.57 32.44 45.37
N GLU A 305 -22.85 31.73 46.24
CA GLU A 305 -21.65 32.28 46.85
C GLU A 305 -20.56 32.47 45.80
N LYS A 306 -20.05 33.70 45.68
CA LYS A 306 -19.10 34.04 44.65
C LYS A 306 -17.65 34.03 45.14
N LYS A 307 -17.40 33.54 46.35
CA LYS A 307 -16.04 33.36 46.84
C LYS A 307 -15.63 31.91 46.64
N ALA A 308 -14.45 31.69 46.07
CA ALA A 308 -14.03 30.34 45.69
C ALA A 308 -13.79 29.47 46.91
N ILE A 309 -13.11 30.00 47.93
CA ILE A 309 -12.87 29.24 49.16
C ILE A 309 -14.19 28.86 49.81
N LYS A 310 -15.07 29.85 49.97
CA LYS A 310 -16.39 29.57 50.54
C LYS A 310 -17.21 28.65 49.65
N ARG A 311 -17.06 28.76 48.31
CA ARG A 311 -17.79 27.84 47.44
C ARG A 311 -17.34 26.40 47.65
N PHE A 312 -16.03 26.19 47.79
CA PHE A 312 -15.50 24.85 48.06
C PHE A 312 -16.07 24.31 49.37
N GLN A 313 -16.01 25.12 50.44
CA GLN A 313 -16.50 24.67 51.74
C GLN A 313 -18.01 24.41 51.70
N ILE A 314 -18.77 25.27 51.04
CA ILE A 314 -20.21 25.11 50.97
C ILE A 314 -20.59 23.87 50.17
N MET A 315 -19.87 23.60 49.07
CA MET A 315 -20.17 22.44 48.28
C MET A 315 -19.89 21.15 49.06
N ASN A 316 -18.77 21.13 49.80
CA ASN A 316 -18.52 20.00 50.69
C ASN A 316 -19.58 19.89 51.78
N GLU A 317 -20.07 21.03 52.30
CA GLU A 317 -21.08 20.99 53.35
C GLU A 317 -22.40 20.42 52.85
N ILE A 318 -22.84 20.83 51.65
CA ILE A 318 -24.09 20.31 51.10
C ILE A 318 -23.95 18.84 50.73
N VAL A 319 -22.79 18.44 50.20
CA VAL A 319 -22.55 17.03 49.93
C VAL A 319 -22.64 16.22 51.22
N TYR A 320 -22.06 16.74 52.31
CA TYR A 320 -22.12 16.04 53.58
C TYR A 320 -23.55 15.94 54.10
N GLU A 321 -24.30 17.05 54.03
CA GLU A 321 -25.69 17.03 54.45
C GLU A 321 -26.49 15.98 53.68
N LYS A 322 -26.28 15.91 52.36
CA LYS A 322 -27.03 14.96 51.54
C LYS A 322 -26.60 13.52 51.83
N ILE A 323 -25.31 13.28 52.07
CA ILE A 323 -24.87 11.93 52.36
C ILE A 323 -25.38 11.48 53.72
N MET A 324 -25.45 12.38 54.69
CA MET A 324 -25.98 12.01 55.99
C MET A 324 -27.49 11.81 55.97
N GLU A 325 -28.19 12.55 55.10
CA GLU A 325 -29.60 12.24 54.88
C GLU A 325 -29.78 10.85 54.28
N HIS A 326 -28.73 10.31 53.67
CA HIS A 326 -28.71 8.95 53.15
C HIS A 326 -27.70 8.08 53.92
N ALA A 327 -27.61 8.30 55.23
CA ALA A 327 -26.62 7.57 56.03
C ALA A 327 -26.96 6.09 56.11
N GLY A 328 -28.24 5.75 56.24
CA GLY A 328 -28.64 4.36 56.32
C GLY A 328 -29.20 3.86 55.00
N LYS A 329 -29.40 4.77 54.06
CA LYS A 329 -29.90 4.39 52.74
C LYS A 329 -28.91 3.45 52.06
N ASN A 330 -29.33 2.92 50.91
CA ASN A 330 -28.55 1.92 50.20
C ASN A 330 -27.11 2.38 49.95
N GLN A 331 -26.93 3.31 49.01
CA GLN A 331 -25.60 3.70 48.55
C GLN A 331 -25.60 5.17 48.14
N VAL A 332 -24.41 5.72 47.98
CA VAL A 332 -24.20 7.10 47.53
C VAL A 332 -23.07 7.12 46.53
N LEU A 333 -23.31 7.72 45.36
CA LEU A 333 -22.34 7.78 44.28
C LEU A 333 -22.15 9.25 43.91
N VAL A 334 -20.99 9.79 44.23
CA VAL A 334 -20.64 11.17 43.91
C VAL A 334 -19.72 11.20 42.71
N PHE A 335 -19.93 12.18 41.83
CA PHE A 335 -19.12 12.36 40.63
C PHE A 335 -18.43 13.71 40.69
N VAL A 336 -17.12 13.71 40.45
CA VAL A 336 -16.31 14.93 40.41
C VAL A 336 -15.44 14.91 39.16
N HIS A 337 -14.76 16.04 38.93
CA HIS A 337 -14.15 16.29 37.63
C HIS A 337 -12.82 15.58 37.44
N SER A 338 -11.93 15.63 38.43
CA SER A 338 -10.57 15.13 38.27
C SER A 338 -10.36 13.84 39.06
N ARG A 339 -9.18 13.25 38.86
CA ARG A 339 -8.85 12.01 39.57
C ARG A 339 -8.44 12.28 41.01
N LYS A 340 -7.63 13.32 41.24
CA LYS A 340 -7.26 13.70 42.60
C LYS A 340 -8.44 14.23 43.38
N GLU A 341 -9.44 14.80 42.71
CA GLU A 341 -10.60 15.33 43.41
C GLU A 341 -11.49 14.23 43.95
N THR A 342 -11.46 13.03 43.38
CA THR A 342 -12.14 11.91 44.02
C THR A 342 -11.55 11.63 45.40
N GLY A 343 -10.22 11.51 45.47
CA GLY A 343 -9.58 11.37 46.76
C GLY A 343 -9.88 12.52 47.69
N LYS A 344 -9.82 13.76 47.16
CA LYS A 344 -10.08 14.93 48.00
C LYS A 344 -11.49 14.93 48.57
N THR A 345 -12.49 14.60 47.74
CA THR A 345 -13.88 14.63 48.19
C THR A 345 -14.17 13.49 49.16
N ALA A 346 -13.68 12.28 48.85
CA ALA A 346 -13.85 11.17 49.78
C ALA A 346 -13.20 11.48 51.12
N ARG A 347 -11.98 12.04 51.10
CA ARG A 347 -11.31 12.41 52.34
C ARG A 347 -12.08 13.49 53.08
N ALA A 348 -12.63 14.47 52.34
CA ALA A 348 -13.37 15.55 52.98
C ALA A 348 -14.61 15.03 53.70
N ILE A 349 -15.41 14.20 53.02
CA ILE A 349 -16.62 13.69 53.64
C ILE A 349 -16.29 12.74 54.79
N ARG A 350 -15.24 11.93 54.64
CA ARG A 350 -14.84 11.04 55.73
C ARG A 350 -14.39 11.83 56.95
N ASP A 351 -13.62 12.90 56.74
CA ASP A 351 -13.14 13.69 57.86
C ASP A 351 -14.26 14.47 58.52
N MET A 352 -15.24 14.93 57.73
CA MET A 352 -16.41 15.57 58.33
C MET A 352 -17.28 14.57 59.06
N CYS A 353 -17.26 13.30 58.64
CA CYS A 353 -17.91 12.24 59.41
C CYS A 353 -17.16 11.94 60.69
N LEU A 354 -15.84 12.08 60.69
CA LEU A 354 -15.04 11.83 61.88
C LEU A 354 -15.15 12.95 62.90
N GLU A 355 -15.31 14.20 62.44
CA GLU A 355 -15.57 15.29 63.37
C GLU A 355 -16.86 15.04 64.15
N LYS A 356 -17.87 14.52 63.48
CA LYS A 356 -19.07 14.04 64.15
C LYS A 356 -18.89 12.55 64.51
N ASP A 357 -19.91 11.96 65.11
CA ASP A 357 -19.96 10.51 65.28
C ASP A 357 -20.85 9.85 64.23
N THR A 358 -21.02 10.51 63.08
CA THR A 358 -21.90 10.03 62.03
C THR A 358 -21.29 8.91 61.21
N LEU A 359 -19.97 8.72 61.31
CA LEU A 359 -19.31 7.66 60.54
C LEU A 359 -19.88 6.30 60.88
N GLY A 360 -20.19 6.06 62.15
CA GLY A 360 -20.70 4.77 62.57
C GLY A 360 -22.03 4.38 61.96
N LEU A 361 -22.71 5.32 61.30
CA LEU A 361 -23.99 4.99 60.67
C LEU A 361 -23.80 4.21 59.38
N PHE A 362 -22.67 4.42 58.69
CA PHE A 362 -22.41 3.68 57.46
C PHE A 362 -22.05 2.22 57.77
N LEU A 363 -21.36 1.99 58.87
CA LEU A 363 -20.94 0.65 59.26
C LEU A 363 -22.09 -0.07 59.96
N ARG A 364 -22.27 -1.35 59.63
CA ARG A 364 -23.26 -2.19 60.28
C ARG A 364 -22.68 -2.81 61.56
N GLU A 365 -22.30 -1.93 62.49
CA GLU A 365 -21.68 -2.29 63.77
C GLU A 365 -20.40 -3.07 63.44
N GLY A 366 -20.15 -4.22 64.09
CA GLY A 366 -19.05 -5.07 63.70
C GLY A 366 -19.48 -5.99 62.56
N SER A 367 -19.31 -5.53 61.33
CA SER A 367 -19.90 -6.19 60.17
C SER A 367 -19.00 -7.29 59.64
N ALA A 368 -19.63 -8.22 58.93
CA ALA A 368 -18.86 -9.07 58.02
C ALA A 368 -18.48 -8.33 56.76
N SER A 369 -19.25 -7.29 56.40
CA SER A 369 -18.90 -6.46 55.25
C SER A 369 -17.72 -5.55 55.58
N THR A 370 -17.68 -5.00 56.79
CA THR A 370 -16.48 -4.28 57.21
C THR A 370 -15.30 -5.22 57.37
N GLU A 371 -15.55 -6.47 57.78
CA GLU A 371 -14.50 -7.47 57.80
C GLU A 371 -13.99 -7.76 56.38
N VAL A 372 -14.86 -7.65 55.38
CA VAL A 372 -14.44 -7.85 53.99
C VAL A 372 -13.64 -6.65 53.50
N LEU A 373 -14.08 -5.44 53.84
CA LEU A 373 -13.31 -4.23 53.48
C LEU A 373 -11.94 -4.23 54.13
N ARG A 374 -11.85 -4.71 55.38
CA ARG A 374 -10.57 -4.89 56.04
C ARG A 374 -9.76 -6.03 55.43
N THR A 375 -10.43 -7.07 54.94
CA THR A 375 -9.74 -8.18 54.29
C THR A 375 -9.03 -7.70 53.03
N GLU A 376 -9.65 -6.80 52.27
CA GLU A 376 -9.05 -6.23 51.08
C GLU A 376 -8.35 -4.90 51.35
N ALA A 377 -8.04 -4.61 52.62
CA ALA A 377 -7.24 -3.43 52.93
C ALA A 377 -5.79 -3.62 52.48
N GLU A 378 -5.23 -4.82 52.70
CA GLU A 378 -3.90 -5.14 52.19
C GLU A 378 -3.95 -5.58 50.73
N GLN A 379 -5.09 -6.14 50.28
CA GLN A 379 -5.22 -6.63 48.92
C GLN A 379 -5.44 -5.52 47.90
N CYS A 380 -5.82 -4.32 48.35
CA CYS A 380 -6.12 -3.23 47.44
C CYS A 380 -4.87 -2.57 46.86
N LYS A 381 -3.74 -2.66 47.56
CA LYS A 381 -2.45 -2.10 47.15
C LYS A 381 -2.52 -0.73 46.48
N ASN A 382 -3.41 0.14 46.97
CA ASN A 382 -3.50 1.52 46.53
C ASN A 382 -3.38 2.44 47.72
N LEU A 383 -2.60 3.53 47.56
CA LEU A 383 -2.30 4.39 48.69
C LEU A 383 -3.55 5.03 49.26
N GLU A 384 -4.49 5.42 48.40
CA GLU A 384 -5.74 6.03 48.88
C GLU A 384 -6.75 4.97 49.27
N LEU A 385 -6.72 3.81 48.63
CA LEU A 385 -7.80 2.83 48.81
C LEU A 385 -7.74 2.20 50.20
N LYS A 386 -6.56 1.79 50.66
CA LYS A 386 -6.49 1.20 51.99
C LYS A 386 -6.83 2.21 53.08
N ASP A 387 -6.66 3.51 52.80
CA ASP A 387 -7.02 4.54 53.76
C ASP A 387 -8.51 4.82 53.76
N LEU A 388 -9.18 4.70 52.61
CA LEU A 388 -10.59 5.09 52.52
C LEU A 388 -11.56 3.91 52.39
N LEU A 389 -11.08 2.71 52.06
CA LEU A 389 -12.00 1.57 51.90
C LEU A 389 -12.66 1.12 53.20
N PRO A 390 -11.97 1.06 54.35
CA PRO A 390 -12.63 0.53 55.56
C PRO A 390 -13.86 1.31 56.00
N TYR A 391 -13.89 2.63 55.82
CA TYR A 391 -15.03 3.43 56.28
C TYR A 391 -16.23 3.36 55.34
N GLY A 392 -16.21 2.50 54.32
CA GLY A 392 -17.26 2.46 53.33
C GLY A 392 -17.04 3.35 52.12
N PHE A 393 -15.96 4.12 52.11
CA PHE A 393 -15.66 5.05 51.03
C PHE A 393 -14.82 4.35 49.97
N ALA A 394 -14.94 4.83 48.73
CA ALA A 394 -14.15 4.30 47.63
C ALA A 394 -14.05 5.37 46.55
N ILE A 395 -13.04 5.22 45.70
CA ILE A 395 -12.86 6.13 44.57
C ILE A 395 -12.58 5.31 43.31
N HIS A 396 -12.91 5.91 42.17
CA HIS A 396 -12.66 5.29 40.87
C HIS A 396 -12.11 6.33 39.92
N HIS A 397 -10.93 6.09 39.37
CA HIS A 397 -10.28 7.05 38.50
C HIS A 397 -9.40 6.33 37.49
N ALA A 398 -8.91 7.11 36.51
CA ALA A 398 -8.13 6.53 35.42
C ALA A 398 -6.81 5.96 35.91
N GLY A 399 -6.09 6.72 36.75
CA GLY A 399 -4.80 6.28 37.26
C GLY A 399 -4.91 5.18 38.30
N MET A 400 -5.52 4.06 37.94
CA MET A 400 -5.81 2.99 38.88
C MET A 400 -5.71 1.66 38.17
N THR A 401 -5.34 0.62 38.91
CA THR A 401 -5.24 -0.71 38.34
C THR A 401 -6.62 -1.20 37.90
N ARG A 402 -6.68 -1.80 36.71
CA ARG A 402 -7.93 -2.36 36.23
C ARG A 402 -8.46 -3.41 37.19
N VAL A 403 -7.55 -4.18 37.82
CA VAL A 403 -7.96 -5.14 38.83
C VAL A 403 -8.48 -4.41 40.07
N ASP A 404 -7.81 -3.33 40.46
CA ASP A 404 -8.28 -2.53 41.61
C ASP A 404 -9.63 -1.91 41.32
N ARG A 405 -9.81 -1.39 40.10
CA ARG A 405 -11.09 -0.80 39.73
C ARG A 405 -12.19 -1.86 39.74
N THR A 406 -11.89 -3.05 39.21
CA THR A 406 -12.86 -4.14 39.23
C THR A 406 -13.17 -4.59 40.64
N LEU A 407 -12.18 -4.54 41.54
CA LEU A 407 -12.43 -4.91 42.93
C LEU A 407 -13.34 -3.90 43.62
N VAL A 408 -13.10 -2.61 43.38
CA VAL A 408 -14.00 -1.58 43.89
C VAL A 408 -15.41 -1.80 43.34
N GLU A 409 -15.51 -2.10 42.05
CA GLU A 409 -16.81 -2.40 41.45
C GLU A 409 -17.45 -3.62 42.08
N ASP A 410 -16.65 -4.62 42.44
CA ASP A 410 -17.20 -5.84 43.02
C ASP A 410 -17.69 -5.61 44.44
N LEU A 411 -16.96 -4.80 45.22
CA LEU A 411 -17.42 -4.46 46.56
C LEU A 411 -18.65 -3.57 46.52
N PHE A 412 -18.79 -2.75 45.47
CA PHE A 412 -20.02 -1.98 45.29
C PHE A 412 -21.18 -2.88 44.85
N ALA A 413 -20.89 -3.88 44.02
CA ALA A 413 -21.91 -4.86 43.65
C ALA A 413 -22.23 -5.79 44.82
N ASP A 414 -21.23 -6.10 45.64
CA ASP A 414 -21.46 -6.81 46.89
C ASP A 414 -22.16 -5.93 47.93
N LYS A 415 -22.48 -4.69 47.59
CA LYS A 415 -23.14 -3.72 48.46
C LYS A 415 -22.30 -3.36 49.68
N HIS A 416 -21.02 -3.75 49.69
CA HIS A 416 -20.15 -3.41 50.81
C HIS A 416 -19.73 -1.94 50.77
N ILE A 417 -19.34 -1.45 49.59
CA ILE A 417 -18.93 -0.06 49.48
C ILE A 417 -20.18 0.82 49.58
N GLN A 418 -20.22 1.67 50.60
CA GLN A 418 -21.40 2.49 50.89
C GLN A 418 -21.34 3.87 50.27
N VAL A 419 -20.13 4.38 49.97
CA VAL A 419 -19.96 5.67 49.31
C VAL A 419 -18.88 5.51 48.25
N LEU A 420 -19.16 5.93 47.03
CA LEU A 420 -18.20 5.84 45.94
C LEU A 420 -18.11 7.19 45.26
N VAL A 421 -16.89 7.67 45.03
CA VAL A 421 -16.64 8.93 44.33
C VAL A 421 -15.80 8.62 43.10
N SER A 422 -16.26 9.09 41.95
CA SER A 422 -15.70 8.61 40.69
C SER A 422 -15.67 9.71 39.65
N THR A 423 -14.66 9.64 38.79
CA THR A 423 -14.65 10.39 37.55
C THR A 423 -15.63 9.75 36.56
N ALA A 424 -15.97 10.48 35.51
CA ALA A 424 -16.99 10.06 34.56
C ALA A 424 -16.60 8.80 33.78
N THR A 425 -15.33 8.39 33.81
CA THR A 425 -14.91 7.21 33.08
C THR A 425 -15.63 5.96 33.58
N LEU A 426 -15.91 5.90 34.89
CA LEU A 426 -16.74 4.83 35.41
C LEU A 426 -18.18 4.95 34.90
N ALA A 427 -18.70 6.18 34.85
CA ALA A 427 -20.08 6.38 34.41
C ALA A 427 -20.28 5.90 32.97
N TRP A 428 -19.28 6.10 32.12
CA TRP A 428 -19.38 5.64 30.73
C TRP A 428 -19.00 4.18 30.56
N GLY A 429 -18.03 3.69 31.33
CA GLY A 429 -17.49 2.36 31.11
C GLY A 429 -18.40 1.20 31.47
N VAL A 430 -18.75 1.08 32.75
CA VAL A 430 -19.37 -0.15 33.25
C VAL A 430 -20.80 0.09 33.72
N ASN A 431 -21.45 -0.98 34.18
CA ASN A 431 -22.82 -0.94 34.69
C ASN A 431 -22.74 -0.97 36.22
N LEU A 432 -22.68 0.21 36.83
CA LEU A 432 -22.55 0.35 38.28
C LEU A 432 -23.58 1.35 38.78
N PRO A 433 -24.80 0.90 39.05
CA PRO A 433 -25.84 1.81 39.55
C PRO A 433 -25.76 2.01 41.06
N ALA A 434 -26.22 3.17 41.50
CA ALA A 434 -26.34 3.49 42.91
C ALA A 434 -27.67 4.18 43.17
N HIS A 435 -28.21 3.99 44.37
CA HIS A 435 -29.50 4.56 44.71
C HIS A 435 -29.49 6.08 44.55
N THR A 436 -28.57 6.75 45.25
CA THR A 436 -28.45 8.20 45.20
C THR A 436 -27.19 8.56 44.43
N VAL A 437 -27.32 9.49 43.48
CA VAL A 437 -26.19 9.96 42.69
C VAL A 437 -26.13 11.48 42.81
N ILE A 438 -24.97 11.99 43.21
CA ILE A 438 -24.75 13.42 43.42
C ILE A 438 -23.62 13.86 42.50
N ILE A 439 -23.83 14.96 41.79
CA ILE A 439 -22.83 15.54 40.90
C ILE A 439 -22.25 16.75 41.61
N LYS A 440 -21.02 16.61 42.12
CA LYS A 440 -20.39 17.65 42.94
C LYS A 440 -19.69 18.65 42.01
N GLY A 441 -20.49 19.56 41.47
CA GLY A 441 -19.96 20.58 40.58
C GLY A 441 -20.11 20.20 39.12
N THR A 442 -20.42 21.17 38.26
CA THR A 442 -20.60 20.93 36.84
C THR A 442 -19.61 21.71 35.99
N GLN A 443 -18.46 22.09 36.55
CA GLN A 443 -17.41 22.78 35.81
C GLN A 443 -16.15 21.92 35.82
N VAL A 444 -15.42 21.96 34.70
CA VAL A 444 -14.26 21.10 34.50
C VAL A 444 -13.29 21.80 33.55
N TYR A 445 -11.99 21.58 33.76
CA TYR A 445 -10.97 22.21 32.94
C TYR A 445 -10.84 21.49 31.61
N SER A 446 -11.12 22.19 30.51
CA SER A 446 -10.95 21.61 29.19
C SER A 446 -9.70 22.19 28.56
N PRO A 447 -8.60 21.43 28.47
CA PRO A 447 -7.33 22.03 28.03
C PRO A 447 -7.40 22.66 26.66
N GLU A 448 -8.29 22.18 25.79
CA GLU A 448 -8.46 22.80 24.48
C GLU A 448 -8.92 24.24 24.61
N LYS A 449 -10.00 24.47 25.36
CA LYS A 449 -10.55 25.82 25.49
C LYS A 449 -9.62 26.74 26.26
N GLY A 450 -8.63 26.20 26.95
CA GLY A 450 -7.80 27.00 27.82
C GLY A 450 -8.52 27.54 29.03
N ARG A 451 -9.61 26.92 29.44
CA ARG A 451 -10.40 27.44 30.55
C ARG A 451 -11.19 26.30 31.20
N TRP A 452 -11.84 26.64 32.30
CA TRP A 452 -12.83 25.77 32.92
C TRP A 452 -14.16 26.06 32.25
N THR A 453 -14.78 25.03 31.68
CA THR A 453 -16.08 25.16 31.05
C THR A 453 -17.07 24.23 31.74
N GLU A 454 -18.36 24.45 31.46
CA GLU A 454 -19.38 23.64 32.07
C GLU A 454 -19.34 22.22 31.50
N LEU A 455 -20.03 21.32 32.18
CA LEU A 455 -19.99 19.91 31.80
C LEU A 455 -20.80 19.65 30.53
N GLY A 456 -20.28 18.77 29.68
CA GLY A 456 -21.02 18.38 28.50
C GLY A 456 -22.30 17.65 28.87
N ALA A 457 -23.38 18.02 28.20
CA ALA A 457 -24.70 17.50 28.54
C ALA A 457 -24.75 15.97 28.52
N LEU A 458 -23.93 15.35 27.67
CA LEU A 458 -23.91 13.89 27.58
C LEU A 458 -23.36 13.27 28.86
N ASP A 459 -22.27 13.83 29.37
CA ASP A 459 -21.71 13.37 30.64
C ASP A 459 -22.75 13.45 31.75
N ILE A 460 -23.43 14.59 31.84
CA ILE A 460 -24.44 14.79 32.89
C ILE A 460 -25.57 13.78 32.73
N LEU A 461 -26.04 13.60 31.49
CA LEU A 461 -27.15 12.70 31.24
C LEU A 461 -26.78 11.27 31.60
N GLN A 462 -25.56 10.85 31.28
CA GLN A 462 -25.12 9.50 31.62
C GLN A 462 -25.00 9.32 33.13
N MET A 463 -24.34 10.26 33.81
CA MET A 463 -24.16 10.15 35.25
C MET A 463 -25.51 10.06 35.97
N LEU A 464 -26.44 10.96 35.62
CA LEU A 464 -27.74 10.94 36.30
C LEU A 464 -28.64 9.82 35.82
N GLY A 465 -28.34 9.21 34.68
CA GLY A 465 -28.99 7.96 34.34
C GLY A 465 -28.45 6.78 35.12
N ARG A 466 -27.22 6.89 35.63
CA ARG A 466 -26.70 5.87 36.54
C ARG A 466 -27.35 5.91 37.93
N ALA A 467 -28.36 6.76 38.14
CA ALA A 467 -29.06 6.83 39.42
C ALA A 467 -30.30 5.95 39.39
N GLY A 468 -30.53 5.23 40.48
CA GLY A 468 -31.45 4.12 40.50
C GLY A 468 -30.74 2.82 40.11
N ARG A 469 -31.42 1.71 40.38
CA ARG A 469 -30.85 0.38 40.17
C ARG A 469 -31.90 -0.51 39.52
N PRO A 470 -31.47 -1.61 38.87
CA PRO A 470 -32.43 -2.45 38.14
C PRO A 470 -33.59 -2.98 38.99
N GLN A 471 -33.28 -3.66 40.08
CA GLN A 471 -34.31 -4.17 40.98
C GLN A 471 -34.09 -3.83 42.45
N TYR A 472 -32.87 -3.42 42.83
CA TYR A 472 -32.55 -3.26 44.25
C TYR A 472 -33.26 -2.07 44.87
N ASP A 473 -33.58 -1.04 44.07
CA ASP A 473 -34.22 0.16 44.58
C ASP A 473 -35.61 0.32 43.97
N THR A 474 -36.55 0.78 44.81
CA THR A 474 -37.86 1.20 44.32
C THR A 474 -37.77 2.50 43.54
N LYS A 475 -36.89 3.40 43.93
CA LYS A 475 -36.71 4.68 43.27
C LYS A 475 -35.27 5.13 43.41
N GLY A 476 -34.80 5.90 42.44
CA GLY A 476 -33.49 6.51 42.54
C GLY A 476 -33.61 7.99 42.80
N GLU A 477 -32.57 8.60 43.36
CA GLU A 477 -32.56 10.04 43.62
C GLU A 477 -31.28 10.64 43.08
N GLY A 478 -31.41 11.76 42.37
CA GLY A 478 -30.27 12.44 41.80
C GLY A 478 -30.18 13.89 42.21
N ILE A 479 -29.00 14.30 42.68
CA ILE A 479 -28.75 15.66 43.14
C ILE A 479 -27.64 16.24 42.27
N LEU A 480 -27.85 17.48 41.81
CA LEU A 480 -26.93 18.15 40.88
C LEU A 480 -26.49 19.49 41.47
N ILE A 481 -25.22 19.60 41.86
CA ILE A 481 -24.72 20.80 42.53
C ILE A 481 -23.95 21.63 41.50
N THR A 482 -24.36 22.88 41.32
CA THR A 482 -23.75 23.73 40.31
C THR A 482 -24.04 25.20 40.65
N SER A 483 -23.58 26.09 39.76
CA SER A 483 -23.88 27.50 39.88
C SER A 483 -25.38 27.73 39.75
N HIS A 484 -25.84 28.86 40.30
CA HIS A 484 -27.26 29.18 40.24
C HIS A 484 -27.68 29.65 38.85
N GLY A 485 -26.76 30.28 38.11
CA GLY A 485 -27.11 30.73 36.77
C GLY A 485 -27.37 29.59 35.82
N GLU A 486 -26.49 28.58 35.82
CA GLU A 486 -26.61 27.44 34.92
C GLU A 486 -27.73 26.48 35.30
N LEU A 487 -28.32 26.66 36.49
CA LEU A 487 -29.39 25.80 36.98
C LEU A 487 -30.42 25.51 35.89
N GLN A 488 -31.06 26.57 35.39
CA GLN A 488 -32.09 26.43 34.35
C GLN A 488 -31.62 25.50 33.24
N TYR A 489 -30.41 25.74 32.71
CA TYR A 489 -29.91 24.90 31.63
C TYR A 489 -29.96 23.43 32.05
N TYR A 490 -29.31 23.09 33.17
CA TYR A 490 -29.28 21.71 33.62
C TYR A 490 -30.67 21.20 33.97
N LEU A 491 -31.61 22.11 34.28
CA LEU A 491 -32.99 21.71 34.41
C LEU A 491 -33.56 21.30 33.05
N SER A 492 -33.47 22.20 32.06
CA SER A 492 -34.12 21.97 30.78
C SER A 492 -33.52 20.78 30.04
N LEU A 493 -32.22 20.53 30.25
CA LEU A 493 -31.63 19.32 29.70
C LEU A 493 -32.21 18.07 30.35
N LEU A 494 -32.35 18.08 31.67
CA LEU A 494 -32.75 16.89 32.40
C LEU A 494 -34.26 16.72 32.51
N ASN A 495 -35.03 17.64 31.92
CA ASN A 495 -36.49 17.53 31.92
C ASN A 495 -37.04 17.81 30.53
N GLN A 496 -36.21 17.59 29.51
CA GLN A 496 -36.62 17.51 28.10
C GLN A 496 -36.97 18.87 27.51
N GLN A 497 -36.34 19.96 27.96
CA GLN A 497 -36.53 21.27 27.32
C GLN A 497 -35.28 21.79 26.63
N LEU A 498 -34.24 20.98 26.45
CA LEU A 498 -33.04 21.47 25.78
C LEU A 498 -33.06 21.06 24.31
N PRO A 499 -33.24 21.98 23.38
CA PRO A 499 -33.19 21.63 21.95
C PRO A 499 -31.79 21.19 21.54
N ILE A 500 -31.74 20.38 20.49
CA ILE A 500 -30.50 19.88 19.93
C ILE A 500 -30.22 20.64 18.64
N GLU A 501 -29.09 21.33 18.59
CA GLU A 501 -28.73 22.18 17.47
C GLU A 501 -27.36 21.80 16.93
N SER A 502 -27.09 22.25 15.72
CA SER A 502 -25.86 21.92 15.01
C SER A 502 -24.77 22.93 15.36
N GLN A 503 -23.55 22.42 15.54
CA GLN A 503 -22.38 23.25 15.75
C GLN A 503 -21.41 23.16 14.58
N MET A 504 -21.93 22.93 13.38
CA MET A 504 -21.08 22.70 12.22
C MET A 504 -20.43 23.98 11.73
N VAL A 505 -21.08 25.12 11.93
CA VAL A 505 -20.53 26.40 11.49
C VAL A 505 -19.09 26.58 11.97
N SER A 506 -18.80 26.07 13.17
CA SER A 506 -17.47 26.19 13.74
C SER A 506 -16.45 25.40 12.93
N LYS A 507 -16.81 24.20 12.49
CA LYS A 507 -15.88 23.26 11.85
C LYS A 507 -16.08 23.17 10.34
N LEU A 508 -16.90 24.05 9.76
CA LEU A 508 -17.30 23.88 8.36
C LEU A 508 -16.11 23.84 7.39
N PRO A 509 -15.13 24.75 7.45
CA PRO A 509 -14.02 24.65 6.49
C PRO A 509 -13.36 23.28 6.48
N ASP A 510 -12.95 22.80 7.66
CA ASP A 510 -12.26 21.52 7.75
C ASP A 510 -13.10 20.41 7.13
N MET A 511 -14.35 20.27 7.59
CA MET A 511 -15.26 19.30 7.01
C MET A 511 -15.28 19.39 5.49
N LEU A 512 -15.41 20.60 4.94
CA LEU A 512 -15.44 20.75 3.48
C LEU A 512 -14.20 20.17 2.84
N ASN A 513 -13.02 20.47 3.40
CA ASN A 513 -11.79 19.88 2.87
C ASN A 513 -11.86 18.37 2.90
N ALA A 514 -12.38 17.80 4.01
CA ALA A 514 -12.56 16.36 4.07
C ALA A 514 -13.28 15.83 2.85
N GLU A 515 -14.31 16.54 2.38
CA GLU A 515 -15.08 16.08 1.24
C GLU A 515 -14.42 16.43 -0.09
N ILE A 516 -13.65 17.51 -0.15
CA ILE A 516 -12.94 17.80 -1.39
C ILE A 516 -11.85 16.75 -1.62
N VAL A 517 -11.13 16.39 -0.56
CA VAL A 517 -10.08 15.38 -0.67
C VAL A 517 -10.68 14.05 -1.11
N LEU A 518 -11.88 13.74 -0.63
CA LEU A 518 -12.55 12.52 -1.07
C LEU A 518 -13.02 12.58 -2.51
N GLY A 519 -12.96 13.75 -3.14
CA GLY A 519 -13.58 13.95 -4.43
C GLY A 519 -15.08 14.03 -4.40
N ASN A 520 -15.73 13.62 -3.29
CA ASN A 520 -17.18 13.68 -3.18
C ASN A 520 -17.71 15.05 -3.57
N VAL A 521 -17.02 16.09 -3.14
CA VAL A 521 -17.28 17.46 -3.54
C VAL A 521 -16.15 17.90 -4.47
N GLN A 522 -16.50 18.54 -5.57
CA GLN A 522 -15.49 19.08 -6.47
C GLN A 522 -15.91 20.41 -7.07
N ASN A 523 -17.11 20.88 -6.79
CA ASN A 523 -17.55 22.22 -7.14
C ASN A 523 -18.36 22.79 -5.98
N ALA A 524 -18.69 24.07 -6.08
CA ALA A 524 -19.44 24.71 -4.99
C ALA A 524 -20.83 24.09 -4.84
N LYS A 525 -21.47 23.75 -5.96
CA LYS A 525 -22.81 23.16 -5.90
C LYS A 525 -22.79 21.76 -5.31
N ASP A 526 -21.74 20.99 -5.59
CA ASP A 526 -21.52 19.75 -4.87
C ASP A 526 -21.50 19.99 -3.37
N ALA A 527 -20.84 21.07 -2.94
CA ALA A 527 -20.77 21.37 -1.52
C ALA A 527 -22.12 21.83 -0.98
N VAL A 528 -22.92 22.52 -1.80
CA VAL A 528 -24.26 22.92 -1.36
C VAL A 528 -25.13 21.70 -1.15
N ASN A 529 -25.05 20.73 -2.07
CA ASN A 529 -25.73 19.45 -1.85
C ASN A 529 -25.25 18.79 -0.57
N TRP A 530 -23.92 18.63 -0.44
CA TRP A 530 -23.34 18.02 0.75
C TRP A 530 -23.87 18.67 2.02
N LEU A 531 -23.95 20.00 2.02
CA LEU A 531 -24.44 20.73 3.18
C LEU A 531 -25.94 20.52 3.38
N GLY A 532 -26.67 20.27 2.28
CA GLY A 532 -28.08 19.96 2.41
C GLY A 532 -28.36 18.71 3.22
N TYR A 533 -27.41 17.77 3.20
CA TYR A 533 -27.57 16.52 3.95
C TYR A 533 -27.14 16.66 5.42
N ALA A 534 -26.77 17.85 5.86
CA ALA A 534 -26.26 18.08 7.20
C ALA A 534 -27.38 18.54 8.13
N TYR A 535 -27.20 18.24 9.42
CA TYR A 535 -28.15 18.67 10.45
C TYR A 535 -28.20 20.19 10.56
N LEU A 536 -27.11 20.87 10.20
CA LEU A 536 -27.13 22.33 10.19
C LEU A 536 -28.17 22.86 9.23
N TYR A 537 -28.27 22.27 8.04
CA TYR A 537 -29.24 22.73 7.06
C TYR A 537 -30.67 22.50 7.56
N ILE A 538 -30.92 21.32 8.13
CA ILE A 538 -32.25 21.03 8.67
C ILE A 538 -32.62 22.05 9.74
N ARG A 539 -31.70 22.31 10.67
CA ARG A 539 -31.99 23.22 11.76
C ARG A 539 -32.14 24.66 11.26
N MET A 540 -31.38 25.05 10.25
CA MET A 540 -31.56 26.37 9.65
C MET A 540 -32.93 26.49 9.01
N LEU A 541 -33.40 25.41 8.37
CA LEU A 541 -34.71 25.45 7.74
C LEU A 541 -35.83 25.50 8.78
N ARG A 542 -35.62 24.90 9.95
CA ARG A 542 -36.66 24.89 10.97
C ARG A 542 -36.63 26.13 11.87
N SER A 543 -35.45 26.64 12.20
CA SER A 543 -35.32 27.80 13.09
C SER A 543 -34.27 28.75 12.52
N PRO A 544 -34.62 29.48 11.46
CA PRO A 544 -33.64 30.43 10.88
C PRO A 544 -33.20 31.51 11.85
N THR A 545 -34.00 31.80 12.87
CA THR A 545 -33.65 32.86 13.81
C THR A 545 -32.37 32.54 14.57
N LEU A 546 -32.19 31.28 14.97
CA LEU A 546 -31.04 30.93 15.79
C LEU A 546 -29.74 30.95 15.00
N TYR A 547 -29.80 30.70 13.69
CA TYR A 547 -28.61 30.64 12.87
C TYR A 547 -28.36 31.91 12.08
N GLY A 548 -29.03 33.00 12.43
CA GLY A 548 -28.75 34.29 11.83
C GLY A 548 -29.25 34.45 10.41
N ILE A 549 -30.43 33.94 10.11
CA ILE A 549 -31.06 34.09 8.80
C ILE A 549 -32.32 34.92 8.97
N SER A 550 -32.35 36.10 8.35
CA SER A 550 -33.51 36.96 8.43
C SER A 550 -34.71 36.31 7.76
N HIS A 551 -35.91 36.66 8.23
CA HIS A 551 -37.11 36.02 7.71
C HIS A 551 -37.37 36.41 6.26
N ASP A 552 -37.23 37.70 5.94
CA ASP A 552 -37.28 38.11 4.54
C ASP A 552 -36.13 37.50 3.74
N ASP A 553 -34.98 37.30 4.38
CA ASP A 553 -33.88 36.59 3.73
C ASP A 553 -34.31 35.16 3.38
N LEU A 554 -35.02 34.50 4.30
CA LEU A 554 -35.54 33.16 4.01
C LEU A 554 -36.57 33.21 2.90
N LYS A 555 -37.39 34.26 2.86
CA LYS A 555 -38.33 34.43 1.76
C LYS A 555 -37.60 34.54 0.43
N GLY A 556 -36.43 35.19 0.43
CA GLY A 556 -35.67 35.34 -0.80
C GLY A 556 -35.30 34.01 -1.43
N ASP A 557 -34.87 33.05 -0.63
CA ASP A 557 -34.60 31.69 -1.09
C ASP A 557 -35.16 30.71 -0.06
N PRO A 558 -36.36 30.18 -0.31
CA PRO A 558 -36.98 29.29 0.69
C PRO A 558 -36.23 28.00 0.90
N LEU A 559 -35.53 27.49 -0.12
CA LEU A 559 -34.69 26.32 0.05
C LEU A 559 -33.33 26.64 0.63
N LEU A 560 -33.06 27.92 0.92
CA LEU A 560 -31.79 28.36 1.50
C LEU A 560 -30.62 27.99 0.60
N ASP A 561 -30.79 28.25 -0.70
CA ASP A 561 -29.73 27.99 -1.66
C ASP A 561 -28.67 29.08 -1.62
N GLN A 562 -29.08 30.35 -1.56
CA GLN A 562 -28.10 31.43 -1.53
C GLN A 562 -27.28 31.41 -0.24
N ARG A 563 -27.92 31.11 0.89
CA ARG A 563 -27.21 31.07 2.16
C ARG A 563 -26.21 29.92 2.18
N ARG A 564 -26.63 28.73 1.75
CA ARG A 564 -25.71 27.60 1.67
C ARG A 564 -24.54 27.91 0.76
N LEU A 565 -24.81 28.52 -0.40
CA LEU A 565 -23.75 28.82 -1.35
C LEU A 565 -22.79 29.85 -0.77
N ASP A 566 -23.31 30.82 -0.01
CA ASP A 566 -22.43 31.81 0.62
C ASP A 566 -21.57 31.17 1.69
N LEU A 567 -22.15 30.28 2.51
CA LEU A 567 -21.35 29.53 3.47
C LEU A 567 -20.22 28.78 2.77
N VAL A 568 -20.55 28.10 1.68
CA VAL A 568 -19.55 27.34 0.94
C VAL A 568 -18.48 28.27 0.37
N HIS A 569 -18.89 29.44 -0.12
CA HIS A 569 -17.94 30.39 -0.69
C HIS A 569 -16.97 30.88 0.39
N THR A 570 -17.49 31.15 1.59
CA THR A 570 -16.64 31.57 2.69
C THR A 570 -15.65 30.47 3.06
N ALA A 571 -16.13 29.23 3.24
CA ALA A 571 -15.24 28.14 3.58
C ALA A 571 -14.17 27.92 2.51
N ALA A 572 -14.55 27.99 1.23
CA ALA A 572 -13.60 27.80 0.15
C ALA A 572 -12.55 28.90 0.15
N LEU A 573 -12.97 30.15 0.42
CA LEU A 573 -12.01 31.23 0.50
C LEU A 573 -11.04 31.03 1.66
N MET A 574 -11.55 30.48 2.78
CA MET A 574 -10.68 30.17 3.92
C MET A 574 -9.65 29.12 3.56
N LEU A 575 -10.08 28.06 2.88
CA LEU A 575 -9.15 26.99 2.51
C LEU A 575 -8.16 27.44 1.44
N ASP A 576 -8.59 28.30 0.52
CA ASP A 576 -7.66 28.82 -0.49
C ASP A 576 -6.63 29.74 0.14
N LYS A 577 -7.04 30.58 1.11
CA LYS A 577 -6.07 31.40 1.81
C LYS A 577 -4.97 30.53 2.41
N ASN A 578 -5.35 29.44 3.07
CA ASN A 578 -4.40 28.58 3.75
C ASN A 578 -3.69 27.62 2.82
N ASN A 579 -3.94 27.69 1.50
CA ASN A 579 -3.23 26.94 0.48
C ASN A 579 -3.50 25.43 0.55
N LEU A 580 -4.58 25.03 1.22
CA LEU A 580 -5.04 23.64 1.20
C LEU A 580 -5.68 23.28 -0.13
N VAL A 581 -6.42 24.21 -0.70
CA VAL A 581 -7.34 23.95 -1.81
C VAL A 581 -7.23 25.11 -2.79
N LYS A 582 -7.12 24.80 -4.08
CA LYS A 582 -7.13 25.85 -5.10
C LYS A 582 -8.57 26.04 -5.58
N TYR A 583 -9.13 27.21 -5.29
CA TYR A 583 -10.54 27.49 -5.51
C TYR A 583 -10.67 28.52 -6.62
N ASP A 584 -11.52 28.23 -7.60
CA ASP A 584 -11.76 29.16 -8.70
C ASP A 584 -13.12 29.83 -8.51
N LYS A 585 -13.10 31.16 -8.41
CA LYS A 585 -14.29 31.90 -7.99
C LYS A 585 -15.41 31.79 -9.01
N LYS A 586 -15.10 32.03 -10.29
CA LYS A 586 -16.12 31.95 -11.33
C LYS A 586 -16.69 30.54 -11.44
N THR A 587 -15.84 29.58 -11.78
CA THR A 587 -16.31 28.20 -11.94
C THR A 587 -16.94 27.69 -10.66
N GLY A 588 -16.32 27.98 -9.52
CA GLY A 588 -16.70 27.30 -8.29
C GLY A 588 -16.01 25.97 -8.10
N ASN A 589 -14.91 25.75 -8.81
CA ASN A 589 -14.21 24.49 -8.78
C ASN A 589 -13.19 24.45 -7.65
N PHE A 590 -13.03 23.26 -7.08
CA PHE A 590 -12.05 22.97 -6.05
C PHE A 590 -11.02 21.99 -6.62
N GLN A 591 -9.75 22.36 -6.54
CA GLN A 591 -8.66 21.44 -6.86
C GLN A 591 -7.94 21.08 -5.58
N VAL A 592 -7.95 19.78 -5.24
CA VAL A 592 -7.28 19.31 -4.04
C VAL A 592 -5.77 19.48 -4.22
N THR A 593 -5.11 19.80 -3.12
CA THR A 593 -3.66 19.85 -3.09
C THR A 593 -3.17 18.87 -2.03
N GLU A 594 -1.86 18.58 -2.09
CA GLU A 594 -1.27 17.64 -1.12
C GLU A 594 -1.49 18.12 0.31
N LEU A 595 -1.35 19.42 0.55
CA LEU A 595 -1.56 19.96 1.91
C LEU A 595 -2.97 19.66 2.39
N GLY A 596 -3.98 19.88 1.54
CA GLY A 596 -5.34 19.61 1.95
C GLY A 596 -5.56 18.14 2.30
N ARG A 597 -4.99 17.25 1.48
CA ARG A 597 -5.11 15.82 1.75
C ARG A 597 -4.46 15.46 3.09
N ILE A 598 -3.24 15.98 3.33
CA ILE A 598 -2.54 15.69 4.57
C ILE A 598 -3.33 16.21 5.77
N ALA A 599 -3.93 17.39 5.63
CA ALA A 599 -4.79 17.92 6.68
C ALA A 599 -5.95 16.99 6.96
N SER A 600 -6.65 16.54 5.92
CA SER A 600 -7.80 15.66 6.14
C SER A 600 -7.37 14.33 6.74
N HIS A 601 -6.21 13.82 6.31
CA HIS A 601 -5.78 12.47 6.62
C HIS A 601 -5.08 12.35 7.96
N TYR A 602 -4.72 13.45 8.61
CA TYR A 602 -4.16 13.40 9.95
C TYR A 602 -4.94 14.25 10.93
N TYR A 603 -6.19 14.61 10.61
CA TYR A 603 -7.02 15.42 11.50
C TYR A 603 -6.32 16.70 11.92
N ILE A 604 -5.82 17.44 10.92
CA ILE A 604 -5.19 18.73 11.16
C ILE A 604 -6.15 19.79 10.63
N THR A 605 -6.28 20.89 11.36
CA THR A 605 -7.08 21.97 10.82
C THR A 605 -6.23 22.83 9.87
N ASN A 606 -6.93 23.62 9.06
CA ASN A 606 -6.28 24.29 7.93
C ASN A 606 -5.26 25.33 8.38
N ASP A 607 -5.57 26.12 9.40
CA ASP A 607 -4.61 27.10 9.92
C ASP A 607 -3.30 26.43 10.32
N THR A 608 -3.40 25.25 10.96
CA THR A 608 -2.20 24.51 11.34
C THR A 608 -1.36 24.15 10.13
N VAL A 609 -2.01 23.70 9.06
CA VAL A 609 -1.27 23.28 7.87
C VAL A 609 -0.62 24.48 7.20
N GLN A 610 -1.33 25.61 7.15
CA GLN A 610 -0.73 26.82 6.60
C GLN A 610 0.50 27.21 7.40
N THR A 611 0.41 27.10 8.73
CA THR A 611 1.57 27.33 9.59
C THR A 611 2.73 26.42 9.21
N TYR A 612 2.44 25.13 9.03
CA TYR A 612 3.49 24.18 8.68
C TYR A 612 4.13 24.55 7.35
N ASN A 613 3.31 24.91 6.37
CA ASN A 613 3.83 25.23 5.03
C ASN A 613 4.71 26.48 5.08
N GLN A 614 4.33 27.47 5.88
CA GLN A 614 5.11 28.71 5.95
C GLN A 614 6.41 28.49 6.71
N LEU A 615 6.34 27.85 7.87
CA LEU A 615 7.51 27.76 8.75
C LEU A 615 8.51 26.72 8.27
N LEU A 616 8.02 25.55 7.84
CA LEU A 616 8.87 24.41 7.53
C LEU A 616 9.78 24.72 6.35
N LYS A 617 11.08 24.74 6.60
CA LYS A 617 12.11 24.90 5.59
C LYS A 617 13.03 23.70 5.65
N PRO A 618 13.74 23.39 4.56
CA PRO A 618 14.64 22.22 4.60
C PRO A 618 15.80 22.37 5.58
N THR A 619 16.07 23.59 6.05
CA THR A 619 17.20 23.87 6.94
C THR A 619 16.79 24.05 8.39
N LEU A 620 15.62 23.54 8.77
CA LEU A 620 15.17 23.65 10.16
C LEU A 620 16.01 22.77 11.08
N SER A 621 16.22 23.28 12.29
CA SER A 621 16.84 22.53 13.37
C SER A 621 15.77 21.91 14.25
N GLU A 622 16.21 21.03 15.15
CA GLU A 622 15.27 20.41 16.08
C GLU A 622 14.61 21.45 16.97
N ILE A 623 15.36 22.49 17.36
CA ILE A 623 14.79 23.62 18.11
C ILE A 623 13.61 24.21 17.35
N GLU A 624 13.86 24.60 16.11
CA GLU A 624 12.84 25.23 15.30
C GLU A 624 11.69 24.27 15.01
N LEU A 625 11.97 22.98 14.85
CA LEU A 625 10.90 22.01 14.62
C LEU A 625 10.00 21.90 15.84
N PHE A 626 10.58 21.91 17.04
CA PHE A 626 9.79 21.89 18.25
C PHE A 626 8.91 23.14 18.34
N ARG A 627 9.48 24.31 18.00
CA ARG A 627 8.65 25.51 18.02
C ARG A 627 7.52 25.42 17.00
N VAL A 628 7.83 24.90 15.81
CA VAL A 628 6.81 24.79 14.75
C VAL A 628 5.65 23.91 15.21
N PHE A 629 5.98 22.77 15.84
CA PHE A 629 4.92 21.96 16.42
C PHE A 629 4.17 22.75 17.49
N SER A 630 4.89 23.54 18.28
CA SER A 630 4.28 24.28 19.37
C SER A 630 3.28 25.33 18.88
N LEU A 631 3.49 25.87 17.67
CA LEU A 631 2.61 26.91 17.13
C LEU A 631 1.35 26.36 16.48
N SER A 632 1.00 25.11 16.75
CA SER A 632 -0.14 24.48 16.11
C SER A 632 -1.45 25.10 16.57
N SER A 633 -2.38 25.30 15.63
CA SER A 633 -3.65 25.96 15.94
C SER A 633 -4.57 25.11 16.81
N GLU A 634 -4.21 23.85 17.07
CA GLU A 634 -4.94 23.08 18.07
C GLU A 634 -4.61 23.56 19.48
N PHE A 635 -3.45 24.19 19.66
CA PHE A 635 -3.00 24.67 20.97
C PHE A 635 -3.19 26.17 21.15
N LYS A 636 -4.13 26.78 20.40
CA LYS A 636 -4.21 28.23 20.38
C LYS A 636 -4.70 28.78 21.71
N ASN A 637 -5.64 28.09 22.34
CA ASN A 637 -6.19 28.58 23.59
C ASN A 637 -5.32 28.21 24.79
N ILE A 638 -4.23 27.49 24.58
CA ILE A 638 -3.31 27.17 25.68
C ILE A 638 -2.61 28.45 26.11
N THR A 639 -2.56 28.68 27.41
CA THR A 639 -2.05 29.93 27.96
C THR A 639 -1.10 29.64 29.12
N VAL A 640 -0.08 30.48 29.27
CA VAL A 640 0.86 30.39 30.38
C VAL A 640 0.27 31.18 31.55
N ARG A 641 -0.09 30.48 32.61
CA ARG A 641 -0.64 31.11 33.79
C ARG A 641 0.44 31.37 34.82
N GLU A 642 0.16 32.31 35.72
CA GLU A 642 1.14 32.67 36.75
C GLU A 642 1.42 31.51 37.69
N GLU A 643 0.39 30.73 38.03
CA GLU A 643 0.50 29.66 39.01
C GLU A 643 1.52 28.60 38.63
N GLU A 644 2.08 28.67 37.43
CA GLU A 644 2.93 27.62 36.89
C GLU A 644 4.26 28.14 36.36
N LYS A 645 4.39 29.46 36.16
CA LYS A 645 5.56 30.03 35.50
C LYS A 645 6.85 29.65 36.21
N LEU A 646 6.82 29.51 37.54
CA LEU A 646 8.03 29.14 38.26
C LEU A 646 8.49 27.73 37.86
N GLU A 647 7.56 26.77 37.88
CA GLU A 647 7.93 25.41 37.48
C GLU A 647 8.38 25.37 36.03
N LEU A 648 7.69 26.13 35.17
CA LEU A 648 8.06 26.15 33.76
C LEU A 648 9.44 26.77 33.55
N GLN A 649 9.79 27.76 34.37
CA GLN A 649 11.13 28.35 34.30
C GLN A 649 12.17 27.36 34.80
N LYS A 650 11.83 26.58 35.82
CA LYS A 650 12.76 25.56 36.32
C LYS A 650 13.01 24.48 35.29
N LEU A 651 12.01 24.18 34.45
CA LEU A 651 12.21 23.23 33.35
C LEU A 651 12.99 23.85 32.20
N LEU A 652 12.54 25.01 31.70
CA LEU A 652 13.16 25.68 30.57
C LEU A 652 14.64 25.99 30.83
N GLU A 653 15.06 26.04 32.10
CA GLU A 653 16.46 26.29 32.41
C GLU A 653 17.38 25.14 32.03
N ARG A 654 16.84 23.93 31.84
CA ARG A 654 17.66 22.74 31.60
C ARG A 654 17.09 21.85 30.51
N VAL A 655 16.19 22.35 29.67
CA VAL A 655 15.60 21.59 28.57
C VAL A 655 16.68 21.14 27.59
N PRO A 656 16.60 19.94 27.03
CA PRO A 656 17.65 19.48 26.10
C PRO A 656 17.55 20.24 24.79
N ILE A 657 16.35 20.32 24.24
CA ILE A 657 16.09 21.10 23.03
C ILE A 657 15.89 22.55 23.44
N PRO A 658 16.77 23.47 23.02
CA PRO A 658 16.63 24.87 23.43
C PRO A 658 15.26 25.46 23.10
N VAL A 659 14.89 26.46 23.88
CA VAL A 659 13.64 27.22 23.70
C VAL A 659 14.00 28.70 23.74
N LYS A 660 13.79 29.38 22.62
CA LYS A 660 14.30 30.74 22.49
C LYS A 660 13.41 31.75 23.21
N GLU A 661 12.09 31.63 23.05
CA GLU A 661 11.18 32.66 23.54
C GLU A 661 11.15 32.69 25.06
N SER A 662 10.54 33.75 25.59
CA SER A 662 10.33 33.87 27.02
C SER A 662 9.22 32.92 27.46
N ILE A 663 9.18 32.65 28.77
CA ILE A 663 8.22 31.69 29.30
C ILE A 663 6.80 32.23 29.25
N GLU A 664 6.63 33.54 29.05
CA GLU A 664 5.30 34.12 28.99
C GLU A 664 4.53 33.68 27.74
N GLU A 665 5.24 33.37 26.67
CA GLU A 665 4.60 32.97 25.43
C GLU A 665 4.17 31.51 25.52
N PRO A 666 2.90 31.18 25.30
CA PRO A 666 2.47 29.78 25.42
C PRO A 666 3.17 28.83 24.47
N SER A 667 3.77 29.33 23.38
CA SER A 667 4.65 28.52 22.56
C SER A 667 5.72 27.85 23.41
N ALA A 668 6.33 28.60 24.33
CA ALA A 668 7.33 28.03 25.21
C ALA A 668 6.71 26.98 26.13
N LYS A 669 5.50 27.24 26.64
CA LYS A 669 4.82 26.26 27.48
C LYS A 669 4.64 24.94 26.74
N ILE A 670 4.15 25.01 25.51
CA ILE A 670 3.89 23.79 24.75
C ILE A 670 5.19 23.08 24.40
N ASN A 671 6.22 23.84 24.01
CA ASN A 671 7.51 23.23 23.68
C ASN A 671 8.07 22.50 24.90
N VAL A 672 8.06 23.17 26.05
CA VAL A 672 8.62 22.59 27.27
C VAL A 672 7.80 21.37 27.69
N LEU A 673 6.47 21.44 27.60
CA LEU A 673 5.64 20.30 27.97
C LEU A 673 5.94 19.10 27.10
N LEU A 674 6.12 19.30 25.79
CA LEU A 674 6.45 18.17 24.92
C LEU A 674 7.80 17.58 25.30
N GLN A 675 8.81 18.43 25.48
CA GLN A 675 10.13 17.92 25.86
C GLN A 675 10.05 17.13 27.16
N ALA A 676 9.23 17.60 28.11
CA ALA A 676 9.09 16.91 29.39
C ALA A 676 8.38 15.57 29.23
N PHE A 677 7.41 15.50 28.31
CA PHE A 677 6.77 14.21 28.05
C PHE A 677 7.76 13.22 27.47
N ILE A 678 8.62 13.69 26.56
CA ILE A 678 9.61 12.79 25.98
C ILE A 678 10.62 12.35 27.03
N SER A 679 11.00 13.25 27.95
CA SER A 679 11.93 12.89 29.02
C SER A 679 11.25 12.18 30.19
N GLN A 680 9.93 11.99 30.13
CA GLN A 680 9.17 11.29 31.17
C GLN A 680 9.35 11.95 32.54
N LEU A 681 8.84 13.18 32.65
CA LEU A 681 8.93 13.98 33.86
C LEU A 681 7.53 14.20 34.43
N LYS A 682 7.44 14.22 35.76
CA LYS A 682 6.19 14.47 36.47
C LYS A 682 6.15 15.93 36.92
N LEU A 683 5.05 16.62 36.60
CA LEU A 683 4.92 18.04 36.91
C LEU A 683 3.97 18.25 38.08
N GLU A 684 4.26 19.25 38.91
CA GLU A 684 3.48 19.46 40.13
C GLU A 684 2.12 20.09 39.81
N GLY A 685 2.09 21.08 38.93
CA GLY A 685 0.82 21.72 38.60
C GLY A 685 -0.12 20.76 37.89
N PHE A 686 -1.40 20.81 38.27
CA PHE A 686 -2.40 19.94 37.64
C PHE A 686 -2.83 20.49 36.28
N ALA A 687 -2.95 21.81 36.15
CA ALA A 687 -3.17 22.41 34.85
C ALA A 687 -2.06 21.99 33.88
N LEU A 688 -0.82 21.90 34.39
CA LEU A 688 0.29 21.41 33.58
C LEU A 688 0.06 19.96 33.14
N MET A 689 -0.40 19.11 34.07
CA MET A 689 -0.66 17.72 33.71
C MET A 689 -1.72 17.62 32.61
N ALA A 690 -2.81 18.38 32.76
CA ALA A 690 -3.89 18.33 31.78
C ALA A 690 -3.42 18.86 30.42
N ASP A 691 -2.75 20.01 30.42
CA ASP A 691 -2.27 20.59 29.18
C ASP A 691 -1.23 19.70 28.52
N MET A 692 -0.43 18.98 29.31
CA MET A 692 0.48 18.00 28.73
C MET A 692 -0.27 16.85 28.10
N VAL A 693 -1.31 16.33 28.77
CA VAL A 693 -2.11 15.27 28.18
C VAL A 693 -2.60 15.70 26.80
N TYR A 694 -3.20 16.89 26.73
CA TYR A 694 -3.69 17.42 25.46
C TYR A 694 -2.56 17.53 24.42
N VAL A 695 -1.51 18.28 24.76
CA VAL A 695 -0.43 18.55 23.82
C VAL A 695 0.14 17.24 23.28
N THR A 696 0.42 16.29 24.17
CA THR A 696 1.13 15.08 23.74
C THR A 696 0.23 14.13 22.97
N GLN A 697 -0.98 13.85 23.49
CA GLN A 697 -1.87 12.97 22.73
C GLN A 697 -2.11 13.53 21.33
N SER A 698 -2.23 14.85 21.20
CA SER A 698 -2.38 15.43 19.87
C SER A 698 -1.08 15.41 19.07
N ALA A 699 0.08 15.39 19.76
CA ALA A 699 1.36 15.60 19.09
C ALA A 699 1.68 14.51 18.08
N GLY A 700 1.21 13.28 18.31
CA GLY A 700 1.53 12.18 17.41
C GLY A 700 1.14 12.42 15.96
N ARG A 701 -0.16 12.64 15.73
CA ARG A 701 -0.65 12.89 14.38
C ARG A 701 0.01 14.11 13.76
N LEU A 702 0.19 15.17 14.55
CA LEU A 702 0.80 16.38 14.03
C LEU A 702 2.22 16.12 13.54
N MET A 703 3.00 15.38 14.32
CA MET A 703 4.37 15.11 13.89
C MET A 703 4.41 14.15 12.71
N ARG A 704 3.48 13.19 12.64
CA ARG A 704 3.41 12.35 11.45
C ARG A 704 3.04 13.18 10.22
N ALA A 705 2.20 14.20 10.40
CA ALA A 705 1.85 15.07 9.30
C ALA A 705 3.06 15.87 8.81
N ILE A 706 3.84 16.40 9.76
CA ILE A 706 5.08 17.08 9.38
C ILE A 706 6.03 16.11 8.70
N PHE A 707 6.01 14.85 9.12
CA PHE A 707 6.85 13.84 8.48
C PHE A 707 6.48 13.63 7.03
N GLU A 708 5.19 13.42 6.75
CA GLU A 708 4.82 13.22 5.35
C GLU A 708 5.11 14.47 4.52
N ILE A 709 4.89 15.66 5.09
CA ILE A 709 5.21 16.89 4.37
C ILE A 709 6.69 16.90 3.96
N VAL A 710 7.58 16.81 4.96
CA VAL A 710 9.00 16.98 4.68
C VAL A 710 9.59 15.81 3.93
N LEU A 711 8.94 14.65 3.98
CA LEU A 711 9.40 13.49 3.23
C LEU A 711 9.01 13.60 1.77
N ASN A 712 7.72 13.80 1.50
CA ASN A 712 7.29 13.96 0.11
C ASN A 712 7.91 15.20 -0.52
N ARG A 713 8.46 16.11 0.28
CA ARG A 713 9.23 17.23 -0.23
C ARG A 713 10.69 16.90 -0.43
N GLY A 714 11.13 15.68 -0.08
CA GLY A 714 12.49 15.26 -0.32
C GLY A 714 13.55 15.96 0.50
N TRP A 715 13.18 16.54 1.65
CA TRP A 715 14.15 17.15 2.56
C TRP A 715 14.68 16.07 3.51
N ALA A 716 15.96 15.71 3.34
CA ALA A 716 16.49 14.55 4.05
C ALA A 716 16.61 14.81 5.55
N GLN A 717 17.30 15.88 5.93
CA GLN A 717 17.56 16.16 7.34
C GLN A 717 16.27 16.34 8.13
N LEU A 718 15.38 17.21 7.66
CA LEU A 718 14.11 17.41 8.33
C LEU A 718 13.29 16.13 8.39
N THR A 719 13.38 15.30 7.36
CA THR A 719 12.67 14.01 7.38
C THR A 719 13.20 13.13 8.51
N ASP A 720 14.52 13.03 8.61
CA ASP A 720 15.13 12.25 9.68
C ASP A 720 14.67 12.76 11.04
N LYS A 721 14.82 14.06 11.27
CA LYS A 721 14.46 14.64 12.56
C LYS A 721 12.99 14.41 12.88
N THR A 722 12.10 14.53 11.89
CA THR A 722 10.67 14.37 12.18
C THR A 722 10.32 12.92 12.46
N LEU A 723 10.90 11.97 11.70
CA LEU A 723 10.66 10.58 12.00
C LEU A 723 11.14 10.23 13.41
N ASN A 724 12.34 10.68 13.76
CA ASN A 724 12.84 10.38 15.10
C ASN A 724 11.99 11.04 16.17
N LEU A 725 11.47 12.24 15.90
CA LEU A 725 10.59 12.86 16.89
C LEU A 725 9.28 12.09 17.02
N CYS A 726 8.78 11.50 15.93
CA CYS A 726 7.61 10.64 16.04
C CYS A 726 7.90 9.42 16.91
N LYS A 727 9.06 8.79 16.67
CA LYS A 727 9.44 7.62 17.46
C LYS A 727 9.64 7.98 18.92
N MET A 728 10.15 9.18 19.20
CA MET A 728 10.36 9.61 20.58
C MET A 728 9.04 9.91 21.28
N ILE A 729 8.13 10.60 20.61
CA ILE A 729 6.82 10.86 21.20
C ILE A 729 6.09 9.54 21.47
N ASP A 730 6.27 8.53 20.61
CA ASP A 730 5.61 7.26 20.86
C ASP A 730 6.26 6.49 22.00
N LYS A 731 7.58 6.29 21.94
CA LYS A 731 8.24 5.41 22.89
C LYS A 731 8.65 6.10 24.19
N ARG A 732 8.36 7.39 24.33
CA ARG A 732 8.59 8.13 25.58
C ARG A 732 10.08 8.17 25.97
N MET A 733 10.98 8.14 24.99
CA MET A 733 12.42 8.20 25.25
C MET A 733 13.08 9.11 24.24
N TRP A 734 14.38 9.33 24.41
CA TRP A 734 15.20 10.03 23.45
C TRP A 734 16.08 9.03 22.69
N GLN A 735 16.91 9.56 21.78
CA GLN A 735 17.83 8.71 21.03
C GLN A 735 18.95 8.18 21.93
N SER A 736 19.47 9.02 22.83
CA SER A 736 20.65 8.67 23.62
C SER A 736 20.36 7.51 24.56
N MET A 737 19.10 7.30 24.93
CA MET A 737 18.76 6.21 25.82
C MET A 737 18.98 4.87 25.13
N CYS A 738 19.58 3.93 25.85
CA CYS A 738 19.82 2.60 25.32
C CYS A 738 18.52 2.00 24.82
N PRO A 739 18.41 1.65 23.53
CA PRO A 739 17.10 1.32 22.95
C PRO A 739 16.43 0.09 23.56
N LEU A 740 17.12 -0.65 24.43
CA LEU A 740 16.54 -1.88 24.99
C LEU A 740 15.27 -1.58 25.78
N ARG A 741 15.17 -0.38 26.35
CA ARG A 741 13.96 -0.01 27.10
C ARG A 741 12.71 -0.15 26.25
N GLN A 742 12.86 -0.14 24.93
CA GLN A 742 11.71 -0.26 24.03
C GLN A 742 11.01 -1.59 24.13
N PHE A 743 11.61 -2.58 24.80
CA PHE A 743 11.00 -3.90 24.81
C PHE A 743 9.80 -3.96 25.74
N ARG A 744 9.87 -3.26 26.88
CA ARG A 744 8.84 -3.17 27.92
C ARG A 744 8.81 -4.44 28.76
N LYS A 745 9.57 -5.48 28.40
CA LYS A 745 9.76 -6.64 29.26
C LYS A 745 11.08 -6.59 30.02
N LEU A 746 11.93 -5.62 29.74
CA LEU A 746 13.24 -5.53 30.38
C LEU A 746 13.16 -4.62 31.60
N PRO A 747 13.85 -4.99 32.68
CA PRO A 747 13.85 -4.16 33.89
C PRO A 747 14.46 -2.80 33.64
N GLU A 748 14.01 -1.81 34.42
CA GLU A 748 14.53 -0.46 34.27
C GLU A 748 15.94 -0.34 34.86
N GLU A 749 16.19 -1.02 35.98
CA GLU A 749 17.47 -0.89 36.66
C GLU A 749 18.60 -1.58 35.89
N VAL A 750 18.32 -2.71 35.24
CA VAL A 750 19.34 -3.34 34.42
C VAL A 750 19.70 -2.45 33.24
N VAL A 751 18.73 -1.73 32.69
CA VAL A 751 19.04 -0.81 31.61
C VAL A 751 19.79 0.40 32.14
N LYS A 752 19.53 0.82 33.38
CA LYS A 752 20.33 1.89 33.98
C LYS A 752 21.79 1.45 34.13
N LYS A 753 22.01 0.25 34.66
CA LYS A 753 23.37 -0.27 34.78
C LYS A 753 24.03 -0.44 33.41
N ILE A 754 23.23 -0.69 32.37
CA ILE A 754 23.77 -0.77 31.02
C ILE A 754 24.12 0.62 30.48
N GLU A 755 23.28 1.62 30.80
CA GLU A 755 23.52 2.98 30.36
C GLU A 755 24.78 3.56 30.98
N LYS A 756 25.05 3.21 32.24
CA LYS A 756 26.29 3.67 32.89
C LYS A 756 27.51 3.29 32.06
N LYS A 757 27.56 2.05 31.59
CA LYS A 757 28.60 1.64 30.65
C LYS A 757 28.42 2.35 29.31
N ASN A 758 29.48 2.99 28.83
CA ASN A 758 29.43 3.75 27.59
C ASN A 758 29.83 2.91 26.39
N PHE A 759 29.99 1.61 26.56
CA PHE A 759 30.20 0.68 25.46
C PHE A 759 29.01 0.76 24.52
N PRO A 760 29.19 1.10 23.25
CA PRO A 760 28.03 1.22 22.35
C PRO A 760 27.24 -0.06 22.30
N PHE A 761 25.90 0.07 22.29
CA PHE A 761 25.04 -1.10 22.17
C PHE A 761 25.37 -1.88 20.91
N GLU A 762 25.69 -1.15 19.83
CA GLU A 762 26.31 -1.73 18.63
C GLU A 762 27.37 -2.77 18.96
N ARG A 763 28.27 -2.44 19.91
CA ARG A 763 29.43 -3.26 20.27
C ARG A 763 29.06 -4.50 21.07
N LEU A 764 27.78 -4.75 21.37
CA LEU A 764 27.39 -5.99 22.05
C LEU A 764 26.63 -6.93 21.11
N TYR A 765 26.74 -6.71 19.80
CA TYR A 765 26.02 -7.56 18.84
C TYR A 765 26.63 -8.94 18.76
N ASP A 766 27.87 -9.05 18.30
CA ASP A 766 28.53 -10.33 18.10
C ASP A 766 29.06 -10.93 19.39
N LEU A 767 28.85 -10.28 20.52
CA LEU A 767 29.41 -10.76 21.79
C LEU A 767 28.58 -11.90 22.34
N ASN A 768 29.26 -12.85 23.01
CA ASN A 768 28.58 -13.98 23.60
C ASN A 768 28.12 -13.64 25.02
N HIS A 769 27.38 -14.57 25.63
CA HIS A 769 26.59 -14.25 26.82
C HIS A 769 27.47 -13.89 28.02
N ASN A 770 28.51 -14.68 28.28
CA ASN A 770 29.32 -14.44 29.47
C ASN A 770 30.13 -13.16 29.37
N GLU A 771 30.62 -12.82 28.17
CA GLU A 771 31.32 -11.56 27.99
C GLU A 771 30.38 -10.37 28.18
N ILE A 772 29.16 -10.48 27.63
CA ILE A 772 28.12 -9.49 27.89
C ILE A 772 27.93 -9.31 29.39
N GLY A 773 27.83 -10.42 30.11
CA GLY A 773 27.62 -10.34 31.55
C GLY A 773 28.78 -9.68 32.28
N GLU A 774 30.01 -9.98 31.86
CA GLU A 774 31.16 -9.30 32.47
C GLU A 774 31.13 -7.80 32.20
N LEU A 775 30.71 -7.41 30.99
CA LEU A 775 30.65 -5.98 30.68
C LEU A 775 29.58 -5.28 31.50
N ILE A 776 28.40 -5.89 31.64
CA ILE A 776 27.35 -5.27 32.44
C ILE A 776 27.71 -5.30 33.92
N ARG A 777 28.39 -6.37 34.35
CA ARG A 777 28.76 -6.70 35.72
C ARG A 777 27.62 -7.41 36.43
N MET A 778 26.62 -7.84 35.67
CA MET A 778 25.51 -8.65 36.18
C MET A 778 25.37 -9.84 35.23
N PRO A 779 26.17 -10.88 35.42
CA PRO A 779 26.36 -11.85 34.33
C PRO A 779 25.25 -12.87 34.16
N LYS A 780 24.62 -13.30 35.26
CA LYS A 780 23.70 -14.44 35.20
C LYS A 780 22.59 -14.20 34.19
N MET A 781 21.99 -13.01 34.20
CA MET A 781 20.86 -12.71 33.33
C MET A 781 21.27 -12.35 31.91
N GLY A 782 22.58 -12.38 31.61
CA GLY A 782 23.05 -11.92 30.31
C GLY A 782 22.37 -12.62 29.15
N LYS A 783 22.09 -13.92 29.31
CA LYS A 783 21.37 -14.66 28.27
C LYS A 783 20.11 -13.93 27.85
N THR A 784 19.27 -13.55 28.82
CA THR A 784 18.07 -12.79 28.50
C THR A 784 18.42 -11.54 27.69
N ILE A 785 19.40 -10.76 28.17
CA ILE A 785 19.87 -9.61 27.41
C ILE A 785 20.19 -10.03 25.98
N HIS A 786 21.00 -11.08 25.83
CA HIS A 786 21.33 -11.60 24.50
C HIS A 786 20.07 -11.80 23.69
N LYS A 787 19.09 -12.50 24.25
CA LYS A 787 17.81 -12.66 23.55
C LYS A 787 17.25 -11.30 23.15
N TYR A 788 17.07 -10.41 24.12
CA TYR A 788 16.53 -9.09 23.82
C TYR A 788 17.52 -8.23 23.02
N VAL A 789 18.78 -8.64 22.93
CA VAL A 789 19.68 -7.95 22.01
C VAL A 789 19.43 -8.41 20.58
N HIS A 790 19.15 -9.70 20.39
CA HIS A 790 18.94 -10.23 19.05
C HIS A 790 17.51 -10.06 18.56
N LEU A 791 16.56 -9.83 19.48
CA LEU A 791 15.20 -9.51 19.09
C LEU A 791 15.08 -8.10 18.51
N PHE A 792 16.05 -7.24 18.80
CA PHE A 792 16.07 -5.88 18.28
C PHE A 792 16.23 -5.94 16.76
N PRO A 793 15.32 -5.34 15.99
CA PRO A 793 15.35 -5.52 14.53
C PRO A 793 16.60 -4.94 13.90
N LYS A 794 17.08 -5.63 12.86
CA LYS A 794 18.23 -5.18 12.08
C LYS A 794 18.20 -5.87 10.73
N LEU A 795 18.64 -5.17 9.70
CA LEU A 795 18.58 -5.67 8.34
C LEU A 795 19.97 -5.65 7.72
N GLU A 796 20.15 -6.42 6.65
CA GLU A 796 21.41 -6.46 5.93
C GLU A 796 21.14 -6.23 4.45
N LEU A 797 21.83 -5.22 3.89
CA LEU A 797 21.55 -4.68 2.56
C LEU A 797 22.77 -4.84 1.67
N SER A 798 22.60 -5.51 0.54
CA SER A 798 23.58 -5.47 -0.53
C SER A 798 22.93 -4.81 -1.74
N VAL A 799 23.75 -4.19 -2.59
CA VAL A 799 23.24 -3.39 -3.70
C VAL A 799 23.83 -3.93 -5.00
N HIS A 800 22.96 -4.11 -6.00
CA HIS A 800 23.35 -4.43 -7.37
C HIS A 800 23.07 -3.20 -8.21
N LEU A 801 24.12 -2.58 -8.74
CA LEU A 801 23.99 -1.40 -9.56
C LEU A 801 23.87 -1.81 -11.03
N GLN A 802 22.76 -1.41 -11.66
CA GLN A 802 22.46 -1.75 -13.06
C GLN A 802 22.41 -0.45 -13.87
N PRO A 803 23.51 -0.05 -14.51
CA PRO A 803 23.49 1.17 -15.33
C PRO A 803 22.54 1.02 -16.51
N ILE A 804 21.56 1.92 -16.58
CA ILE A 804 20.60 1.91 -17.68
C ILE A 804 21.13 2.80 -18.80
N THR A 805 21.36 4.08 -18.48
CA THR A 805 22.01 5.00 -19.41
C THR A 805 23.00 5.85 -18.64
N ARG A 806 23.81 6.61 -19.38
CA ARG A 806 24.77 7.54 -18.81
C ARG A 806 24.12 8.53 -17.83
N SER A 807 22.79 8.55 -17.78
CA SER A 807 22.05 9.46 -16.91
C SER A 807 21.10 8.75 -15.96
N THR A 808 20.86 7.44 -16.10
CA THR A 808 19.85 6.74 -15.31
C THR A 808 20.41 5.42 -14.82
N LEU A 809 20.25 5.16 -13.52
CA LEU A 809 20.77 3.95 -12.90
C LEU A 809 19.60 3.18 -12.27
N LYS A 810 19.57 1.89 -12.49
CA LYS A 810 18.58 1.00 -11.89
C LYS A 810 19.28 0.22 -10.78
N VAL A 811 18.68 0.22 -9.59
CA VAL A 811 19.31 -0.30 -8.40
C VAL A 811 18.45 -1.43 -7.85
N GLU A 812 19.10 -2.56 -7.57
CA GLU A 812 18.49 -3.74 -6.96
C GLU A 812 19.05 -3.89 -5.55
N LEU A 813 18.23 -3.57 -4.56
CA LEU A 813 18.58 -3.69 -3.15
C LEU A 813 18.08 -5.02 -2.61
N THR A 814 18.98 -5.77 -1.98
CA THR A 814 18.68 -7.08 -1.41
C THR A 814 18.68 -6.91 0.11
N ILE A 815 17.48 -6.81 0.69
CA ILE A 815 17.29 -6.69 2.13
C ILE A 815 17.18 -8.10 2.72
N THR A 816 18.11 -8.45 3.60
CA THR A 816 18.11 -9.76 4.23
C THR A 816 17.96 -9.59 5.74
N PRO A 817 16.90 -10.11 6.35
CA PRO A 817 16.70 -9.92 7.79
C PRO A 817 17.76 -10.61 8.63
N ASP A 818 18.36 -9.86 9.55
CA ASP A 818 19.43 -10.35 10.41
C ASP A 818 19.03 -10.30 11.88
N PHE A 819 17.77 -10.61 12.18
CA PHE A 819 17.28 -10.72 13.53
C PHE A 819 16.35 -11.92 13.63
N GLN A 820 15.97 -12.25 14.87
CA GLN A 820 15.04 -13.34 15.10
C GLN A 820 13.65 -12.77 15.38
N TRP A 821 12.64 -13.40 14.80
CA TRP A 821 11.27 -12.91 14.81
C TRP A 821 10.47 -13.57 15.92
N ASP A 822 10.06 -12.79 16.92
CA ASP A 822 9.21 -13.23 18.00
C ASP A 822 7.88 -12.50 17.88
N GLU A 823 6.78 -13.24 17.81
CA GLU A 823 5.48 -12.59 17.64
C GLU A 823 5.08 -11.79 18.87
N LYS A 824 5.57 -12.17 20.05
CA LYS A 824 5.30 -11.38 21.25
C LYS A 824 5.83 -9.97 21.10
N VAL A 825 6.91 -9.80 20.34
CA VAL A 825 7.53 -8.50 20.14
C VAL A 825 7.12 -7.91 18.80
N HIS A 826 7.51 -8.56 17.71
CA HIS A 826 7.43 -7.99 16.38
C HIS A 826 6.02 -7.98 15.79
N GLY A 827 5.08 -8.71 16.38
CA GLY A 827 3.74 -8.72 15.85
C GLY A 827 3.66 -9.46 14.52
N SER A 828 2.60 -9.15 13.77
CA SER A 828 2.41 -9.78 12.48
C SER A 828 3.33 -9.19 11.42
N SER A 829 3.71 -7.92 11.55
CA SER A 829 4.55 -7.27 10.57
C SER A 829 5.41 -6.21 11.25
N GLU A 830 6.55 -5.91 10.61
CA GLU A 830 7.39 -4.79 11.00
C GLU A 830 7.50 -3.86 9.80
N ALA A 831 7.73 -2.58 10.07
CA ALA A 831 7.68 -1.56 9.04
C ALA A 831 8.98 -0.76 9.00
N PHE A 832 9.45 -0.48 7.78
CA PHE A 832 10.68 0.27 7.57
C PHE A 832 10.46 1.27 6.45
N TRP A 833 11.31 2.29 6.42
CA TRP A 833 11.35 3.28 5.35
C TRP A 833 12.69 3.18 4.65
N ILE A 834 12.65 3.08 3.32
CA ILE A 834 13.83 3.04 2.47
C ILE A 834 14.00 4.42 1.87
N LEU A 835 15.16 5.03 2.10
CA LEU A 835 15.43 6.39 1.67
C LEU A 835 16.74 6.40 0.91
N VAL A 836 16.70 6.77 -0.36
CA VAL A 836 17.91 7.01 -1.14
C VAL A 836 18.24 8.49 -1.04
N GLU A 837 19.48 8.79 -0.70
CA GLU A 837 19.90 10.15 -0.40
C GLU A 837 21.11 10.49 -1.26
N ASP A 838 21.19 11.75 -1.67
CA ASP A 838 22.22 12.24 -2.58
C ASP A 838 23.59 12.26 -1.88
N VAL A 839 24.55 12.93 -2.51
CA VAL A 839 25.90 12.98 -1.96
C VAL A 839 25.90 13.65 -0.60
N ASP A 840 25.37 14.87 -0.54
CA ASP A 840 25.44 15.70 0.66
C ASP A 840 24.24 15.50 1.59
N SER A 841 23.45 14.45 1.37
CA SER A 841 22.33 14.09 2.24
C SER A 841 21.34 15.24 2.39
N GLU A 842 21.13 15.99 1.31
CA GLU A 842 20.13 17.05 1.27
C GLU A 842 18.86 16.66 0.55
N VAL A 843 18.95 15.81 -0.46
CA VAL A 843 17.84 15.52 -1.36
C VAL A 843 17.53 14.04 -1.30
N ILE A 844 16.29 13.70 -0.97
CA ILE A 844 15.82 12.31 -1.02
C ILE A 844 15.50 11.99 -2.48
N LEU A 845 16.38 11.22 -3.12
CA LEU A 845 16.17 10.88 -4.52
C LEU A 845 15.04 9.88 -4.72
N HIS A 846 14.67 9.14 -3.67
CA HIS A 846 13.59 8.16 -3.77
C HIS A 846 13.28 7.64 -2.38
N HIS A 847 12.00 7.45 -2.08
CA HIS A 847 11.61 6.85 -0.81
C HIS A 847 10.52 5.82 -1.03
N GLU A 848 10.46 4.85 -0.12
CA GLU A 848 9.64 3.66 -0.32
C GLU A 848 9.33 3.00 1.02
N TYR A 849 8.09 2.60 1.22
CA TYR A 849 7.66 1.95 2.46
C TYR A 849 7.80 0.44 2.33
N PHE A 850 8.46 -0.20 3.30
CA PHE A 850 8.82 -1.61 3.21
C PHE A 850 8.25 -2.35 4.42
N LEU A 851 7.40 -3.35 4.18
CA LEU A 851 6.76 -4.09 5.25
C LEU A 851 7.31 -5.52 5.28
N LEU A 852 8.09 -5.83 6.32
CA LEU A 852 8.54 -7.19 6.59
C LEU A 852 7.41 -7.96 7.27
N LYS A 853 6.79 -8.88 6.54
CA LYS A 853 5.72 -9.68 7.10
C LYS A 853 6.29 -10.96 7.71
N ALA A 854 5.52 -11.56 8.62
CA ALA A 854 5.97 -12.79 9.27
C ALA A 854 6.10 -13.94 8.26
N LYS A 855 5.33 -13.89 7.17
CA LYS A 855 5.39 -14.95 6.17
C LYS A 855 6.79 -15.08 5.60
N TYR A 856 7.50 -13.95 5.45
CA TYR A 856 8.82 -13.94 4.85
C TYR A 856 9.83 -13.27 5.78
N ALA A 857 9.60 -13.37 7.08
CA ALA A 857 10.48 -12.75 8.06
C ALA A 857 11.91 -13.26 7.95
N GLN A 858 12.11 -14.42 7.34
CA GLN A 858 13.43 -14.99 7.15
C GLN A 858 13.97 -14.78 5.75
N ASP A 859 13.10 -14.75 4.75
CA ASP A 859 13.52 -14.75 3.36
C ASP A 859 14.08 -13.39 2.94
N GLU A 860 14.79 -13.39 1.83
CA GLU A 860 15.34 -12.16 1.26
C GLU A 860 14.23 -11.32 0.63
N HIS A 861 14.55 -10.05 0.37
CA HIS A 861 13.58 -9.11 -0.18
C HIS A 861 14.28 -8.27 -1.24
N LEU A 862 13.72 -8.23 -2.44
CA LEU A 862 14.37 -7.64 -3.61
C LEU A 862 13.58 -6.40 -4.03
N ILE A 863 14.19 -5.22 -3.91
CA ILE A 863 13.53 -3.95 -4.23
C ILE A 863 14.34 -3.24 -5.30
N THR A 864 13.69 -2.90 -6.40
CA THR A 864 14.38 -2.29 -7.54
C THR A 864 13.77 -0.92 -7.83
N PHE A 865 14.64 0.07 -8.06
CA PHE A 865 14.17 1.45 -8.29
C PHE A 865 15.15 2.18 -9.19
N PHE A 866 14.74 3.36 -9.67
CA PHE A 866 15.53 4.16 -10.60
C PHE A 866 15.98 5.46 -9.96
N VAL A 867 17.28 5.73 -10.03
CA VAL A 867 17.84 6.98 -9.52
C VAL A 867 18.66 7.67 -10.62
N PRO A 868 18.55 8.99 -10.73
CA PRO A 868 19.34 9.72 -11.73
C PRO A 868 20.81 9.78 -11.33
N VAL A 869 21.64 10.23 -12.28
CA VAL A 869 23.08 10.35 -12.12
C VAL A 869 23.57 11.40 -13.12
N PHE A 870 24.85 11.75 -13.05
CA PHE A 870 25.38 12.80 -13.90
C PHE A 870 26.90 12.66 -14.02
N GLU A 871 27.47 13.43 -14.94
CA GLU A 871 28.89 13.34 -15.28
C GLU A 871 29.53 14.72 -15.12
N PRO A 872 30.63 14.84 -14.35
CA PRO A 872 31.40 13.79 -13.66
C PRO A 872 30.60 13.10 -12.56
N LEU A 873 30.92 11.84 -12.29
CA LEU A 873 30.10 11.03 -11.41
C LEU A 873 30.09 11.62 -10.00
N PRO A 874 28.92 11.72 -9.36
CA PRO A 874 28.90 12.01 -7.93
C PRO A 874 29.61 10.90 -7.16
N PRO A 875 30.35 11.24 -6.11
CA PRO A 875 31.12 10.22 -5.38
C PRO A 875 30.28 9.04 -4.92
N GLN A 876 29.26 9.30 -4.08
CA GLN A 876 28.40 8.24 -3.59
C GLN A 876 26.95 8.71 -3.52
N TYR A 877 26.05 7.73 -3.50
CA TYR A 877 24.68 7.88 -3.02
C TYR A 877 24.58 7.10 -1.71
N PHE A 878 23.42 7.17 -1.06
CA PHE A 878 23.26 6.50 0.22
C PHE A 878 21.88 5.88 0.31
N ILE A 879 21.78 4.77 1.04
CA ILE A 879 20.50 4.05 1.20
C ILE A 879 20.31 3.79 2.69
N ARG A 880 19.41 4.54 3.32
CA ARG A 880 19.08 4.34 4.72
C ARG A 880 17.78 3.57 4.84
N VAL A 881 17.75 2.59 5.74
CA VAL A 881 16.55 1.83 6.09
C VAL A 881 16.28 2.06 7.57
N VAL A 882 15.11 2.64 7.86
CA VAL A 882 14.81 3.16 9.18
C VAL A 882 13.48 2.56 9.64
N SER A 883 13.48 1.91 10.80
CA SER A 883 12.24 1.30 11.28
C SER A 883 11.21 2.38 11.59
N ASP A 884 9.98 2.17 11.11
CA ASP A 884 8.94 3.19 11.28
C ASP A 884 8.57 3.40 12.74
N ARG A 885 8.69 2.38 13.58
CA ARG A 885 8.36 2.51 14.99
C ARG A 885 9.52 2.22 15.93
N TRP A 886 10.38 1.27 15.59
CA TRP A 886 11.50 0.93 16.45
C TRP A 886 12.57 2.02 16.37
N LEU A 887 13.04 2.47 17.53
CA LEU A 887 13.93 3.61 17.62
C LEU A 887 15.38 3.17 17.46
N SER A 888 16.16 3.99 16.76
CA SER A 888 17.58 3.76 16.48
C SER A 888 17.80 2.51 15.62
N CYS A 889 16.73 1.80 15.29
CA CYS A 889 16.82 0.67 14.38
C CYS A 889 17.01 1.22 12.96
N GLU A 890 18.25 1.57 12.66
CA GLU A 890 18.59 2.17 11.38
C GLU A 890 19.81 1.46 10.80
N THR A 891 19.73 1.10 9.51
CA THR A 891 20.83 0.47 8.79
C THR A 891 21.07 1.25 7.51
N GLN A 892 22.28 1.78 7.36
CA GLN A 892 22.60 2.59 6.18
C GLN A 892 23.71 1.95 5.37
N LEU A 893 23.54 1.99 4.04
CA LEU A 893 24.45 1.42 3.06
C LEU A 893 24.98 2.51 2.14
N PRO A 894 26.29 2.74 2.07
CA PRO A 894 26.83 3.63 1.04
C PRO A 894 26.64 3.01 -0.32
N VAL A 895 26.74 3.85 -1.34
CA VAL A 895 26.68 3.38 -2.72
C VAL A 895 27.74 4.16 -3.47
N SER A 896 28.92 3.56 -3.64
CA SER A 896 30.04 4.24 -4.24
C SER A 896 30.04 4.01 -5.75
N PHE A 897 30.45 5.04 -6.49
CA PHE A 897 30.56 4.97 -7.94
C PHE A 897 32.02 4.98 -8.37
N ARG A 898 32.90 4.46 -7.53
CA ARG A 898 34.31 4.35 -7.87
C ARG A 898 34.51 3.43 -9.06
N HIS A 899 33.70 2.38 -9.15
CA HIS A 899 33.89 1.33 -10.14
C HIS A 899 32.66 1.18 -11.05
N LEU A 900 31.90 2.26 -11.21
CA LEU A 900 30.75 2.24 -12.09
C LEU A 900 31.20 2.28 -13.54
N ILE A 901 30.82 1.27 -14.32
CA ILE A 901 31.09 1.23 -15.74
C ILE A 901 29.88 1.80 -16.47
N LEU A 902 30.06 2.95 -17.11
CA LEU A 902 28.93 3.62 -17.77
C LEU A 902 28.91 3.29 -19.26
N PRO A 903 27.74 2.97 -19.81
CA PRO A 903 27.65 2.61 -21.22
C PRO A 903 28.10 3.76 -22.11
N GLU A 904 28.46 3.41 -23.34
CA GLU A 904 28.84 4.42 -24.31
C GLU A 904 27.62 5.23 -24.71
N LYS A 905 27.85 6.47 -25.15
CA LYS A 905 26.76 7.32 -25.58
C LYS A 905 26.04 6.71 -26.78
N TYR A 906 24.78 7.10 -26.98
CA TYR A 906 24.02 6.56 -28.09
C TYR A 906 24.62 7.03 -29.41
N PRO A 907 24.89 6.13 -30.35
CA PRO A 907 25.39 6.57 -31.64
C PRO A 907 24.33 7.40 -32.36
N PRO A 908 24.74 8.30 -33.23
CA PRO A 908 23.80 9.13 -33.97
C PRO A 908 22.87 8.26 -34.80
N PRO A 909 21.57 8.55 -34.79
CA PRO A 909 20.62 7.74 -35.56
C PRO A 909 20.83 7.92 -37.05
N THR A 910 20.39 6.92 -37.81
CA THR A 910 20.52 6.97 -39.26
C THR A 910 19.64 8.08 -39.83
N GLU A 911 20.24 8.95 -40.63
CA GLU A 911 19.53 10.13 -41.13
C GLU A 911 18.37 9.74 -42.03
N LEU A 912 17.26 10.46 -41.89
CA LEU A 912 16.11 10.31 -42.77
C LEU A 912 16.28 11.28 -43.93
N LEU A 913 16.75 10.77 -45.07
CA LEU A 913 17.06 11.64 -46.20
C LEU A 913 15.79 12.16 -46.85
N ASP A 914 15.90 13.35 -47.46
CA ASP A 914 14.79 13.95 -48.19
C ASP A 914 14.73 13.33 -49.58
N LEU A 915 14.32 12.06 -49.60
CA LEU A 915 14.26 11.27 -50.82
C LEU A 915 12.91 11.43 -51.49
N GLN A 916 12.87 11.13 -52.79
CA GLN A 916 11.62 11.22 -53.53
C GLN A 916 10.65 10.16 -53.05
N PRO A 917 9.39 10.50 -52.78
CA PRO A 917 8.42 9.48 -52.37
C PRO A 917 8.31 8.38 -53.42
N LEU A 918 8.35 7.13 -52.96
CA LEU A 918 8.48 5.98 -53.84
C LEU A 918 7.09 5.51 -54.26
N PRO A 919 6.75 5.57 -55.55
CA PRO A 919 5.42 5.10 -55.99
C PRO A 919 5.29 3.60 -55.83
N VAL A 920 4.05 3.13 -55.98
CA VAL A 920 3.80 1.69 -55.91
C VAL A 920 4.39 0.99 -57.13
N SER A 921 4.51 1.72 -58.25
CA SER A 921 5.07 1.17 -59.48
C SER A 921 6.48 0.61 -59.30
N ALA A 922 7.15 0.92 -58.18
CA ALA A 922 8.48 0.36 -57.93
C ALA A 922 8.44 -1.13 -57.62
N LEU A 923 7.28 -1.66 -57.24
CA LEU A 923 7.18 -3.11 -57.06
C LEU A 923 7.27 -3.85 -58.39
N ARG A 924 6.75 -3.24 -59.46
CA ARG A 924 6.85 -3.78 -60.81
C ARG A 924 6.20 -5.16 -60.91
N ASN A 925 4.99 -5.26 -60.36
CA ASN A 925 4.24 -6.51 -60.39
C ASN A 925 2.76 -6.18 -60.18
N SER A 926 1.89 -6.94 -60.84
CA SER A 926 0.51 -6.51 -61.06
C SER A 926 -0.30 -6.46 -59.76
N ALA A 927 -0.44 -7.60 -59.07
CA ALA A 927 -1.32 -7.65 -57.91
C ALA A 927 -0.76 -6.82 -56.75
N PHE A 928 0.57 -6.84 -56.58
CA PHE A 928 1.23 -5.98 -55.62
C PHE A 928 0.80 -4.53 -55.81
N GLU A 929 1.06 -4.02 -57.02
CA GLU A 929 0.66 -2.67 -57.38
C GLU A 929 -0.81 -2.44 -57.14
N SER A 930 -1.66 -3.44 -57.45
CA SER A 930 -3.10 -3.26 -57.35
C SER A 930 -3.51 -2.97 -55.91
N LEU A 931 -3.08 -3.82 -54.98
CA LEU A 931 -3.45 -3.60 -53.58
C LEU A 931 -2.91 -2.27 -53.06
N TYR A 932 -1.61 -2.03 -53.26
CA TYR A 932 -1.08 -0.81 -52.65
C TYR A 932 -1.38 0.45 -53.44
N GLN A 933 -2.04 0.38 -54.61
CA GLN A 933 -2.66 1.59 -55.14
C GLN A 933 -4.08 1.74 -54.62
N ASP A 934 -4.76 0.63 -54.36
CA ASP A 934 -6.04 0.72 -53.66
C ASP A 934 -5.89 1.47 -52.34
N LYS A 935 -4.72 1.37 -51.71
CA LYS A 935 -4.60 2.02 -50.40
C LYS A 935 -3.88 3.37 -50.39
N PHE A 936 -2.92 3.63 -51.29
CA PHE A 936 -2.23 4.92 -51.30
C PHE A 936 -1.45 5.12 -52.59
N PRO A 937 -0.98 6.35 -52.89
CA PRO A 937 -0.21 6.58 -54.11
C PRO A 937 1.30 6.63 -53.90
N PHE A 938 1.75 6.79 -52.66
CA PHE A 938 3.16 6.93 -52.37
C PHE A 938 3.49 6.28 -51.03
N PHE A 939 4.76 5.91 -50.87
CA PHE A 939 5.23 5.16 -49.72
C PHE A 939 5.71 6.08 -48.60
N ASN A 940 5.54 5.59 -47.37
CA ASN A 940 6.04 6.29 -46.18
C ASN A 940 7.53 6.58 -46.32
N PRO A 941 7.98 7.79 -45.96
CA PRO A 941 9.39 8.14 -46.17
C PRO A 941 10.39 7.17 -45.56
N ILE A 942 10.09 6.54 -44.42
CA ILE A 942 10.96 5.51 -43.87
C ILE A 942 10.94 4.28 -44.77
N GLN A 943 9.74 3.83 -45.13
CA GLN A 943 9.60 2.77 -46.12
C GLN A 943 10.36 3.12 -47.39
N THR A 944 10.26 4.38 -47.83
CA THR A 944 10.93 4.81 -49.05
C THR A 944 12.44 4.69 -48.94
N GLN A 945 12.99 5.10 -47.80
CA GLN A 945 14.44 4.99 -47.58
C GLN A 945 14.89 3.54 -47.58
N VAL A 946 14.13 2.65 -46.93
CA VAL A 946 14.59 1.28 -46.72
C VAL A 946 14.15 0.30 -47.81
N PHE A 947 13.40 0.77 -48.82
CA PHE A 947 12.79 -0.16 -49.78
C PHE A 947 13.81 -1.03 -50.52
N ASN A 948 14.91 -0.45 -50.98
CA ASN A 948 15.82 -1.21 -51.83
C ASN A 948 16.42 -2.40 -51.09
N THR A 949 16.81 -2.21 -49.83
CA THR A 949 17.50 -3.25 -49.09
C THR A 949 16.59 -4.44 -48.81
N VAL A 950 15.29 -4.21 -48.60
CA VAL A 950 14.39 -5.31 -48.33
C VAL A 950 13.91 -5.97 -49.62
N TYR A 951 13.65 -5.17 -50.66
CA TYR A 951 13.08 -5.75 -51.87
C TYR A 951 14.14 -6.22 -52.85
N ASN A 952 15.28 -5.55 -52.91
CA ASN A 952 16.31 -5.85 -53.89
C ASN A 952 17.60 -6.30 -53.23
N SER A 953 17.49 -7.11 -52.19
CA SER A 953 18.64 -7.76 -51.58
C SER A 953 18.14 -8.94 -50.77
N ASP A 954 19.07 -9.81 -50.39
CA ASP A 954 18.75 -10.97 -49.56
C ASP A 954 19.35 -10.86 -48.16
N ASP A 955 19.92 -9.71 -47.81
CA ASP A 955 20.58 -9.56 -46.52
C ASP A 955 19.57 -9.47 -45.40
N ASN A 956 20.00 -9.86 -44.20
CA ASN A 956 19.23 -9.55 -43.00
C ASN A 956 19.17 -8.04 -42.84
N VAL A 957 18.04 -7.55 -42.34
CA VAL A 957 17.79 -6.11 -42.26
C VAL A 957 17.10 -5.77 -40.94
N PHE A 958 17.47 -4.63 -40.36
CA PHE A 958 16.88 -4.11 -39.14
C PHE A 958 16.26 -2.76 -39.44
N VAL A 959 15.07 -2.52 -38.88
CA VAL A 959 14.37 -1.25 -39.04
C VAL A 959 13.93 -0.77 -37.66
N GLY A 960 14.30 0.46 -37.33
CA GLY A 960 13.91 1.08 -36.08
C GLY A 960 13.23 2.42 -36.30
N ALA A 961 11.99 2.54 -35.83
CA ALA A 961 11.20 3.75 -36.02
C ALA A 961 10.05 3.73 -35.02
N PRO A 962 9.45 4.88 -34.72
CA PRO A 962 8.38 4.91 -33.72
C PRO A 962 7.21 4.01 -34.09
N THR A 963 6.52 3.52 -33.06
CA THR A 963 5.29 2.77 -33.27
C THR A 963 4.28 3.63 -34.02
N GLY A 964 3.76 3.09 -35.12
CA GLY A 964 2.90 3.84 -36.00
C GLY A 964 3.60 4.43 -37.20
N SER A 965 4.72 3.86 -37.63
CA SER A 965 5.45 4.38 -38.77
C SER A 965 5.23 3.57 -40.04
N GLY A 966 4.61 2.39 -39.95
CA GLY A 966 4.37 1.57 -41.11
C GLY A 966 5.44 0.51 -41.32
N LYS A 967 5.96 -0.02 -40.21
CA LYS A 967 6.99 -1.05 -40.27
C LYS A 967 6.45 -2.34 -40.89
N THR A 968 5.14 -2.57 -40.73
CA THR A 968 4.50 -3.76 -41.27
C THR A 968 4.64 -3.82 -42.80
N ILE A 969 4.52 -2.67 -43.47
CA ILE A 969 4.68 -2.63 -44.92
C ILE A 969 6.11 -2.96 -45.31
N CYS A 970 7.08 -2.50 -44.51
CA CYS A 970 8.47 -2.86 -44.75
C CYS A 970 8.66 -4.37 -44.71
N ALA A 971 8.06 -5.04 -43.72
CA ALA A 971 8.18 -6.50 -43.69
C ALA A 971 7.44 -7.17 -44.85
N GLU A 972 6.28 -6.61 -45.23
CA GLU A 972 5.55 -7.14 -46.38
C GLU A 972 6.40 -7.10 -47.64
N PHE A 973 7.28 -6.09 -47.76
CA PHE A 973 8.21 -6.04 -48.89
C PHE A 973 9.06 -7.31 -48.98
N ALA A 974 9.67 -7.71 -47.87
CA ALA A 974 10.51 -8.91 -47.87
C ALA A 974 9.67 -10.17 -48.10
N ILE A 975 8.45 -10.18 -47.57
CA ILE A 975 7.56 -11.30 -47.85
C ILE A 975 7.30 -11.40 -49.36
N LEU A 976 7.08 -10.26 -50.02
CA LEU A 976 6.84 -10.26 -51.46
C LEU A 976 8.06 -10.73 -52.24
N ARG A 977 9.25 -10.29 -51.84
CA ARG A 977 10.45 -10.75 -52.54
C ARG A 977 10.65 -12.25 -52.37
N MET A 978 10.36 -12.77 -51.17
CA MET A 978 10.44 -14.21 -50.98
C MET A 978 9.46 -14.94 -51.89
N LEU A 979 8.23 -14.45 -51.97
CA LEU A 979 7.23 -15.08 -52.84
C LEU A 979 7.64 -15.00 -54.31
N LEU A 980 8.37 -13.95 -54.69
CA LEU A 980 8.84 -13.86 -56.06
C LEU A 980 9.97 -14.86 -56.32
N GLN A 981 10.91 -14.99 -55.38
CA GLN A 981 11.99 -15.95 -55.54
C GLN A 981 11.49 -17.39 -55.60
N SER A 982 10.34 -17.67 -54.96
CA SER A 982 9.71 -18.98 -55.05
C SER A 982 8.30 -18.91 -54.47
N SER A 983 7.27 -19.16 -55.29
CA SER A 983 5.89 -19.00 -54.83
C SER A 983 5.50 -20.03 -53.76
N GLU A 984 6.39 -20.96 -53.40
CA GLU A 984 6.10 -21.94 -52.36
C GLU A 984 6.88 -21.65 -51.08
N GLY A 985 7.56 -20.50 -50.99
CA GLY A 985 8.41 -20.22 -49.86
C GLY A 985 7.64 -20.03 -48.57
N ARG A 986 8.36 -20.16 -47.46
CA ARG A 986 7.80 -20.08 -46.12
C ARG A 986 8.40 -18.92 -45.36
N CYS A 987 7.56 -17.98 -44.95
CA CYS A 987 7.91 -16.91 -44.02
C CYS A 987 7.28 -17.17 -42.67
N VAL A 988 8.00 -16.84 -41.61
CA VAL A 988 7.51 -16.95 -40.25
C VAL A 988 7.55 -15.56 -39.62
N TYR A 989 6.37 -15.04 -39.28
CA TYR A 989 6.24 -13.73 -38.64
C TYR A 989 5.94 -13.94 -37.16
N ILE A 990 6.83 -13.43 -36.31
CA ILE A 990 6.71 -13.54 -34.86
C ILE A 990 6.42 -12.14 -34.30
N THR A 991 5.34 -12.04 -33.51
CA THR A 991 5.00 -10.81 -32.81
C THR A 991 4.69 -11.11 -31.36
N PRO A 992 5.13 -10.26 -30.43
CA PRO A 992 5.13 -10.64 -29.01
C PRO A 992 3.76 -10.74 -28.38
N MET A 993 2.73 -10.10 -28.94
CA MET A 993 1.41 -10.08 -28.32
C MET A 993 0.40 -10.76 -29.25
N GLU A 994 -0.42 -11.63 -28.67
CA GLU A 994 -1.36 -12.39 -29.49
C GLU A 994 -2.50 -11.51 -30.00
N ALA A 995 -2.95 -10.55 -29.18
CA ALA A 995 -3.98 -9.63 -29.61
C ALA A 995 -3.52 -8.75 -30.77
N LEU A 996 -2.21 -8.58 -30.94
CA LEU A 996 -1.66 -7.93 -32.13
C LEU A 996 -1.49 -8.93 -33.26
N ALA A 997 -1.17 -10.19 -32.91
CA ALA A 997 -1.10 -11.24 -33.91
C ALA A 997 -2.42 -11.40 -34.65
N GLU A 998 -3.55 -11.21 -33.98
CA GLU A 998 -4.82 -11.35 -34.69
C GLU A 998 -5.07 -10.19 -35.66
N GLN A 999 -4.69 -8.97 -35.30
CA GLN A 999 -4.74 -7.87 -36.25
C GLN A 999 -3.92 -8.20 -37.49
N VAL A 1000 -2.69 -8.67 -37.27
CA VAL A 1000 -1.83 -9.05 -38.39
C VAL A 1000 -2.47 -10.17 -39.20
N TYR A 1001 -3.10 -11.13 -38.52
CA TYR A 1001 -3.68 -12.25 -39.24
C TYR A 1001 -4.84 -11.82 -40.12
N MET A 1002 -5.76 -11.02 -39.57
CA MET A 1002 -6.87 -10.52 -40.39
C MET A 1002 -6.35 -9.78 -41.62
N ASP A 1003 -5.50 -8.77 -41.39
CA ASP A 1003 -5.03 -7.96 -42.50
C ASP A 1003 -4.25 -8.79 -43.51
N TRP A 1004 -3.40 -9.69 -43.05
CA TRP A 1004 -2.50 -10.41 -43.95
C TRP A 1004 -3.18 -11.59 -44.63
N TYR A 1005 -4.17 -12.22 -44.00
CA TYR A 1005 -4.99 -13.17 -44.73
C TYR A 1005 -5.72 -12.43 -45.85
N GLU A 1006 -6.50 -11.40 -45.50
CA GLU A 1006 -7.24 -10.63 -46.50
C GLU A 1006 -6.33 -10.14 -47.63
N LYS A 1007 -5.07 -9.84 -47.31
CA LYS A 1007 -4.11 -9.47 -48.34
C LYS A 1007 -3.63 -10.70 -49.11
N PHE A 1008 -2.66 -11.40 -48.53
CA PHE A 1008 -1.94 -12.46 -49.26
C PHE A 1008 -2.87 -13.58 -49.72
N GLN A 1009 -3.66 -14.14 -48.80
CA GLN A 1009 -4.45 -15.31 -49.16
C GLN A 1009 -5.59 -14.95 -50.11
N ASP A 1010 -6.28 -13.84 -49.83
CA ASP A 1010 -7.46 -13.51 -50.62
C ASP A 1010 -7.08 -12.94 -51.98
N ARG A 1011 -5.93 -12.26 -52.09
CA ARG A 1011 -5.57 -11.58 -53.32
C ARG A 1011 -4.42 -12.25 -54.07
N LEU A 1012 -3.84 -13.32 -53.51
CA LEU A 1012 -2.72 -13.98 -54.14
C LEU A 1012 -2.82 -15.50 -54.13
N ASN A 1013 -3.87 -16.08 -53.58
CA ASN A 1013 -4.02 -17.53 -53.43
C ASN A 1013 -2.84 -18.13 -52.67
N LYS A 1014 -2.23 -17.32 -51.80
CA LYS A 1014 -1.18 -17.76 -50.89
C LYS A 1014 -1.80 -18.21 -49.57
N LYS A 1015 -0.96 -18.71 -48.65
CA LYS A 1015 -1.44 -19.27 -47.41
C LYS A 1015 -0.99 -18.41 -46.23
N VAL A 1016 -1.94 -18.05 -45.38
CA VAL A 1016 -1.70 -17.30 -44.16
C VAL A 1016 -2.31 -18.08 -43.02
N VAL A 1017 -1.47 -18.62 -42.13
CA VAL A 1017 -1.92 -19.43 -41.00
C VAL A 1017 -1.45 -18.77 -39.70
N LEU A 1018 -2.37 -18.64 -38.76
CA LEU A 1018 -2.07 -18.19 -37.41
C LEU A 1018 -1.95 -19.41 -36.51
N LEU A 1019 -0.77 -19.61 -35.92
CA LEU A 1019 -0.55 -20.77 -35.08
C LEU A 1019 -1.42 -20.71 -33.83
N THR A 1020 -1.76 -21.88 -33.31
CA THR A 1020 -2.71 -22.00 -32.21
C THR A 1020 -2.08 -22.47 -30.91
N GLY A 1021 -0.87 -23.00 -30.94
CA GLY A 1021 -0.27 -23.63 -29.80
C GLY A 1021 -0.44 -25.13 -29.75
N GLU A 1022 -1.45 -25.67 -30.45
CA GLU A 1022 -1.60 -27.11 -30.57
C GLU A 1022 -0.53 -27.66 -31.51
N THR A 1023 0.22 -28.66 -31.03
CA THR A 1023 1.44 -29.08 -31.73
C THR A 1023 1.14 -29.59 -33.13
N SER A 1024 0.18 -30.52 -33.28
CA SER A 1024 -0.09 -31.10 -34.58
C SER A 1024 -0.79 -30.11 -35.51
N THR A 1025 -1.78 -29.37 -34.98
CA THR A 1025 -2.41 -28.31 -35.74
C THR A 1025 -1.35 -27.34 -36.29
N ASP A 1026 -0.44 -26.90 -35.42
CA ASP A 1026 0.58 -25.94 -35.82
C ASP A 1026 1.55 -26.53 -36.84
N LEU A 1027 1.93 -27.81 -36.66
CA LEU A 1027 2.81 -28.43 -37.64
C LEU A 1027 2.14 -28.51 -39.00
N LYS A 1028 0.84 -28.85 -39.03
CA LYS A 1028 0.11 -28.81 -40.28
C LYS A 1028 0.14 -27.41 -40.88
N LEU A 1029 -0.20 -26.40 -40.07
CA LEU A 1029 -0.25 -25.02 -40.55
C LEU A 1029 1.09 -24.54 -41.09
N LEU A 1030 2.20 -25.00 -40.48
CA LEU A 1030 3.53 -24.66 -40.98
C LEU A 1030 3.85 -25.43 -42.25
N GLY A 1031 3.33 -26.65 -42.38
CA GLY A 1031 3.55 -27.40 -43.60
C GLY A 1031 2.81 -26.82 -44.79
N LYS A 1032 1.59 -26.32 -44.58
CA LYS A 1032 0.78 -25.86 -45.71
C LYS A 1032 0.94 -24.37 -45.99
N GLY A 1033 1.61 -23.62 -45.13
CA GLY A 1033 1.59 -22.18 -45.19
C GLY A 1033 2.78 -21.55 -45.90
N ASN A 1034 2.53 -20.41 -46.53
CA ASN A 1034 3.57 -19.51 -47.01
C ASN A 1034 3.84 -18.36 -46.05
N ILE A 1035 2.87 -18.00 -45.22
CA ILE A 1035 3.01 -16.94 -44.21
C ILE A 1035 2.45 -17.48 -42.90
N ILE A 1036 3.33 -17.82 -41.97
CA ILE A 1036 2.97 -18.43 -40.69
C ILE A 1036 3.17 -17.38 -39.60
N ILE A 1037 2.07 -16.85 -39.08
CA ILE A 1037 2.09 -15.91 -37.97
C ILE A 1037 2.05 -16.68 -36.66
N SER A 1038 2.87 -16.27 -35.70
CA SER A 1038 2.94 -16.99 -34.44
C SER A 1038 3.46 -16.07 -33.35
N THR A 1039 3.00 -16.31 -32.13
CA THR A 1039 3.60 -15.67 -30.96
C THR A 1039 4.92 -16.37 -30.64
N PRO A 1040 5.77 -15.74 -29.83
CA PRO A 1040 7.10 -16.34 -29.59
C PRO A 1040 7.06 -17.76 -29.05
N GLU A 1041 6.21 -18.06 -28.06
CA GLU A 1041 6.24 -19.38 -27.43
C GLU A 1041 5.78 -20.47 -28.40
N LYS A 1042 4.73 -20.17 -29.18
CA LYS A 1042 4.24 -21.12 -30.17
C LYS A 1042 5.34 -21.49 -31.15
N TRP A 1043 6.24 -20.56 -31.45
CA TRP A 1043 7.37 -20.90 -32.30
C TRP A 1043 8.51 -21.55 -31.54
N ASP A 1044 8.68 -21.24 -30.26
CA ASP A 1044 9.74 -21.87 -29.49
C ASP A 1044 9.50 -23.37 -29.40
N ILE A 1045 8.28 -23.76 -29.04
CA ILE A 1045 7.99 -25.17 -28.84
C ILE A 1045 8.22 -25.96 -30.12
N LEU A 1046 7.92 -25.34 -31.27
CA LEU A 1046 8.12 -26.01 -32.56
C LEU A 1046 9.60 -26.02 -32.95
N SER A 1047 10.22 -24.85 -33.02
CA SER A 1047 11.58 -24.72 -33.49
C SER A 1047 12.59 -25.44 -32.61
N ARG A 1048 12.21 -25.80 -31.38
CA ARG A 1048 13.14 -26.55 -30.53
C ARG A 1048 13.56 -27.86 -31.19
N ARG A 1049 12.61 -28.62 -31.73
CA ARG A 1049 12.93 -29.87 -32.41
C ARG A 1049 13.36 -29.66 -33.85
N TRP A 1050 14.15 -28.61 -34.13
CA TRP A 1050 14.52 -28.28 -35.50
C TRP A 1050 15.21 -29.44 -36.21
N LYS A 1051 15.81 -30.36 -35.47
CA LYS A 1051 16.40 -31.54 -36.10
C LYS A 1051 15.32 -32.52 -36.55
N GLN A 1052 14.28 -32.70 -35.74
CA GLN A 1052 13.17 -33.60 -36.07
C GLN A 1052 12.07 -32.93 -36.88
N ARG A 1053 12.23 -31.67 -37.28
CA ARG A 1053 11.20 -30.95 -38.01
C ARG A 1053 11.81 -30.43 -39.30
N LYS A 1054 11.53 -31.11 -40.42
CA LYS A 1054 12.03 -30.66 -41.71
C LYS A 1054 11.36 -29.37 -42.15
N ASN A 1055 10.14 -29.12 -41.66
CA ASN A 1055 9.44 -27.88 -41.98
C ASN A 1055 10.14 -26.68 -41.35
N VAL A 1056 10.69 -26.85 -40.14
CA VAL A 1056 11.36 -25.75 -39.45
C VAL A 1056 12.62 -25.35 -40.20
N GLN A 1057 13.33 -26.32 -40.76
CA GLN A 1057 14.55 -26.03 -41.51
C GLN A 1057 14.26 -25.39 -42.86
N ASN A 1058 13.18 -25.78 -43.53
CA ASN A 1058 12.86 -25.24 -44.83
C ASN A 1058 12.28 -23.82 -44.78
N ILE A 1059 12.36 -23.16 -43.63
CA ILE A 1059 11.96 -21.75 -43.54
C ILE A 1059 12.94 -20.90 -44.34
N ASN A 1060 12.40 -19.96 -45.13
CA ASN A 1060 13.23 -19.05 -45.90
C ASN A 1060 13.37 -17.67 -45.28
N LEU A 1061 12.29 -17.12 -44.71
CA LEU A 1061 12.31 -15.78 -44.15
C LEU A 1061 11.76 -15.79 -42.74
N PHE A 1062 12.40 -15.02 -41.86
CA PHE A 1062 12.03 -14.88 -40.46
C PHE A 1062 11.87 -13.40 -40.19
N VAL A 1063 10.64 -12.96 -39.90
CA VAL A 1063 10.35 -11.58 -39.54
C VAL A 1063 9.93 -11.55 -38.08
N VAL A 1064 10.42 -10.55 -37.36
CA VAL A 1064 10.09 -10.39 -35.95
C VAL A 1064 9.78 -8.93 -35.67
N ASP A 1065 8.57 -8.66 -35.18
CA ASP A 1065 8.09 -7.32 -34.88
C ASP A 1065 8.21 -7.02 -33.39
N GLU A 1066 8.29 -5.72 -33.07
CA GLU A 1066 8.45 -5.26 -31.70
C GLU A 1066 9.56 -6.04 -30.99
N VAL A 1067 10.73 -6.06 -31.63
CA VAL A 1067 11.85 -6.80 -31.07
C VAL A 1067 12.36 -6.17 -29.79
N HIS A 1068 12.11 -4.87 -29.57
CA HIS A 1068 12.58 -4.23 -28.34
C HIS A 1068 12.04 -4.96 -27.12
N LEU A 1069 10.84 -5.57 -27.24
CA LEU A 1069 10.28 -6.36 -26.16
C LEU A 1069 11.18 -7.51 -25.71
N ILE A 1070 12.42 -7.64 -26.18
CA ILE A 1070 13.37 -8.56 -25.56
C ILE A 1070 13.70 -8.09 -24.15
N GLY A 1071 13.55 -6.79 -23.89
CA GLY A 1071 13.76 -6.22 -22.57
C GLY A 1071 12.60 -6.32 -21.61
N GLY A 1072 11.52 -7.00 -21.99
CA GLY A 1072 10.34 -7.13 -21.16
C GLY A 1072 10.30 -8.43 -20.39
N GLU A 1073 9.13 -8.73 -19.84
CA GLU A 1073 8.96 -9.94 -19.03
C GLU A 1073 9.18 -11.20 -19.86
N ASN A 1074 8.53 -11.27 -21.02
CA ASN A 1074 8.62 -12.41 -21.92
C ASN A 1074 9.82 -12.33 -22.87
N GLY A 1075 10.66 -11.30 -22.74
CA GLY A 1075 11.81 -11.10 -23.58
C GLY A 1075 12.65 -12.33 -23.89
N PRO A 1076 12.98 -13.13 -22.87
CA PRO A 1076 13.83 -14.31 -23.12
C PRO A 1076 13.37 -15.23 -24.25
N VAL A 1077 12.08 -15.59 -24.35
CA VAL A 1077 11.68 -16.52 -25.39
C VAL A 1077 11.88 -15.90 -26.78
N LEU A 1078 11.63 -14.59 -26.89
CA LEU A 1078 11.90 -13.89 -28.15
C LEU A 1078 13.37 -13.99 -28.51
N GLU A 1079 14.25 -13.63 -27.56
CA GLU A 1079 15.69 -13.70 -27.80
C GLU A 1079 16.11 -15.12 -28.17
N VAL A 1080 15.50 -16.12 -27.53
CA VAL A 1080 15.91 -17.51 -27.73
C VAL A 1080 15.54 -17.98 -29.12
N ILE A 1081 14.28 -17.78 -29.53
CA ILE A 1081 13.91 -18.21 -30.89
C ILE A 1081 14.70 -17.44 -31.93
N CYS A 1082 14.98 -16.16 -31.68
CA CYS A 1082 15.72 -15.39 -32.67
C CYS A 1082 17.17 -15.82 -32.78
N SER A 1083 17.78 -16.28 -31.68
CA SER A 1083 19.12 -16.85 -31.78
C SER A 1083 19.10 -18.26 -32.36
N ARG A 1084 18.03 -19.01 -32.08
CA ARG A 1084 17.84 -20.32 -32.68
C ARG A 1084 17.82 -20.23 -34.20
N MET A 1085 17.16 -19.21 -34.75
CA MET A 1085 17.10 -19.08 -36.21
C MET A 1085 18.49 -18.79 -36.78
N ARG A 1086 19.31 -18.01 -36.08
CA ARG A 1086 20.66 -17.76 -36.58
C ARG A 1086 21.52 -19.01 -36.52
N TYR A 1087 21.42 -19.77 -35.42
CA TYR A 1087 22.18 -21.02 -35.32
C TYR A 1087 21.76 -22.00 -36.41
N ILE A 1088 20.45 -22.10 -36.66
CA ILE A 1088 19.96 -23.02 -37.69
C ILE A 1088 20.43 -22.57 -39.07
N SER A 1089 20.34 -21.27 -39.36
CA SER A 1089 20.79 -20.79 -40.66
C SER A 1089 22.28 -21.02 -40.86
N SER A 1090 23.07 -20.95 -39.79
CA SER A 1090 24.48 -21.28 -39.91
C SER A 1090 24.68 -22.77 -40.15
N GLN A 1091 23.90 -23.61 -39.46
CA GLN A 1091 24.10 -25.06 -39.54
C GLN A 1091 23.70 -25.62 -40.90
N ILE A 1092 22.54 -25.19 -41.42
CA ILE A 1092 22.04 -25.76 -42.68
C ILE A 1092 22.76 -25.21 -43.89
N GLU A 1093 23.51 -24.12 -43.74
CA GLU A 1093 24.28 -23.49 -44.81
C GLU A 1093 23.37 -22.87 -45.87
N ARG A 1094 22.07 -23.14 -45.79
CA ARG A 1094 21.10 -22.39 -46.56
C ARG A 1094 20.67 -21.17 -45.75
N PRO A 1095 20.93 -19.96 -46.22
CA PRO A 1095 20.70 -18.77 -45.38
C PRO A 1095 19.22 -18.56 -45.11
N ILE A 1096 18.89 -18.39 -43.83
CA ILE A 1096 17.56 -17.93 -43.42
C ILE A 1096 17.64 -16.43 -43.25
N ARG A 1097 16.95 -15.68 -44.11
CA ARG A 1097 16.97 -14.23 -44.00
C ARG A 1097 16.18 -13.80 -42.77
N ILE A 1098 16.68 -12.77 -42.09
CA ILE A 1098 16.09 -12.25 -40.87
C ILE A 1098 15.78 -10.77 -41.05
N VAL A 1099 14.52 -10.42 -40.85
CA VAL A 1099 14.04 -9.04 -40.90
C VAL A 1099 13.46 -8.69 -39.54
N ALA A 1100 13.98 -7.63 -38.94
CA ALA A 1100 13.55 -7.19 -37.62
C ALA A 1100 12.93 -5.81 -37.72
N LEU A 1101 11.74 -5.65 -37.13
CA LEU A 1101 11.12 -4.34 -36.96
C LEU A 1101 11.05 -4.01 -35.48
N SER A 1102 11.28 -2.74 -35.15
CA SER A 1102 11.28 -2.33 -33.76
C SER A 1102 10.91 -0.87 -33.65
N SER A 1103 10.80 -0.40 -32.41
CA SER A 1103 10.83 1.03 -32.13
C SER A 1103 12.29 1.50 -32.16
N SER A 1104 12.47 2.82 -32.14
CA SER A 1104 13.81 3.38 -32.15
C SER A 1104 14.61 2.87 -30.96
N LEU A 1105 15.75 2.25 -31.24
CA LEU A 1105 16.65 1.73 -30.21
C LEU A 1105 17.93 2.53 -30.20
N SER A 1106 18.36 2.97 -29.01
CA SER A 1106 19.64 3.65 -28.89
C SER A 1106 20.79 2.69 -29.22
N ASN A 1107 20.65 1.42 -28.84
CA ASN A 1107 21.64 0.39 -29.14
C ASN A 1107 21.10 -0.55 -30.22
N ALA A 1108 20.67 0.01 -31.35
CA ALA A 1108 20.18 -0.81 -32.45
C ALA A 1108 21.31 -1.60 -33.11
N LYS A 1109 22.53 -1.09 -33.05
CA LYS A 1109 23.65 -1.75 -33.70
C LYS A 1109 23.96 -3.08 -33.05
N ASP A 1110 23.82 -3.15 -31.72
CA ASP A 1110 24.01 -4.40 -30.99
C ASP A 1110 23.07 -5.48 -31.52
N VAL A 1111 21.79 -5.13 -31.64
CA VAL A 1111 20.81 -6.11 -32.12
C VAL A 1111 21.08 -6.46 -33.58
N ALA A 1112 21.50 -5.48 -34.39
CA ALA A 1112 21.78 -5.75 -35.80
C ALA A 1112 22.92 -6.75 -35.94
N HIS A 1113 24.00 -6.55 -35.17
CA HIS A 1113 25.09 -7.53 -35.17
C HIS A 1113 24.63 -8.88 -34.65
N TRP A 1114 23.77 -8.88 -33.63
CA TRP A 1114 23.24 -10.12 -33.09
C TRP A 1114 22.51 -10.92 -34.17
N LEU A 1115 21.86 -10.23 -35.10
CA LEU A 1115 21.05 -10.86 -36.15
C LEU A 1115 21.79 -10.97 -37.48
N GLY A 1116 23.06 -10.60 -37.52
CA GLY A 1116 23.79 -10.64 -38.77
C GLY A 1116 23.42 -9.55 -39.74
N CYS A 1117 22.81 -8.48 -39.27
CA CYS A 1117 22.47 -7.36 -40.14
C CYS A 1117 23.70 -6.50 -40.39
N SER A 1118 23.98 -6.24 -41.67
CA SER A 1118 25.09 -5.36 -42.01
C SER A 1118 24.84 -3.95 -41.50
N ALA A 1119 25.91 -3.17 -41.41
CA ALA A 1119 25.76 -1.77 -41.05
C ALA A 1119 24.95 -1.01 -42.09
N THR A 1120 25.04 -1.41 -43.35
CA THR A 1120 24.24 -0.79 -44.40
C THR A 1120 22.78 -1.24 -44.35
N SER A 1121 22.49 -2.35 -43.69
CA SER A 1121 21.13 -2.87 -43.62
C SER A 1121 20.38 -2.42 -42.37
N THR A 1122 21.08 -2.05 -41.30
CA THR A 1122 20.41 -1.62 -40.08
C THR A 1122 19.97 -0.16 -40.20
N PHE A 1123 18.68 0.08 -39.96
CA PHE A 1123 18.09 1.42 -40.00
C PHE A 1123 17.51 1.71 -38.62
N ASN A 1124 18.08 2.70 -37.93
CA ASN A 1124 17.56 3.14 -36.64
C ASN A 1124 17.26 4.62 -36.74
N PHE A 1125 16.02 4.99 -36.47
CA PHE A 1125 15.55 6.35 -36.60
C PHE A 1125 15.31 6.97 -35.21
N HIS A 1126 14.52 8.06 -35.18
CA HIS A 1126 14.33 8.87 -33.99
C HIS A 1126 12.90 9.36 -33.95
N PRO A 1127 12.28 9.41 -32.76
CA PRO A 1127 10.84 9.71 -32.68
C PRO A 1127 10.38 10.98 -33.37
N ASN A 1128 11.29 11.81 -33.85
CA ASN A 1128 10.88 12.96 -34.66
C ASN A 1128 10.60 12.58 -36.10
N VAL A 1129 11.03 11.38 -36.53
CA VAL A 1129 10.79 10.93 -37.89
C VAL A 1129 9.44 10.26 -38.04
N ARG A 1130 8.63 10.22 -36.99
CA ARG A 1130 7.32 9.60 -37.08
C ARG A 1130 6.53 10.24 -38.22
N PRO A 1131 5.86 9.46 -39.08
CA PRO A 1131 5.11 10.03 -40.21
C PRO A 1131 4.15 11.12 -39.75
N VAL A 1132 3.26 10.76 -38.83
CA VAL A 1132 2.42 11.74 -38.15
C VAL A 1132 3.30 12.46 -37.14
N PRO A 1133 3.40 13.79 -37.21
CA PRO A 1133 4.19 14.53 -36.21
C PRO A 1133 3.61 14.34 -34.82
N LEU A 1134 4.49 14.32 -33.83
CA LEU A 1134 4.15 13.92 -32.47
C LEU A 1134 4.37 15.10 -31.54
N GLU A 1135 3.29 15.57 -30.91
CA GLU A 1135 3.37 16.54 -29.82
C GLU A 1135 3.15 15.80 -28.51
N LEU A 1136 4.13 15.91 -27.61
CA LEU A 1136 4.09 15.24 -26.32
C LEU A 1136 4.09 16.28 -25.21
N HIS A 1137 3.20 16.12 -24.23
CA HIS A 1137 3.16 16.97 -23.06
C HIS A 1137 3.10 16.10 -21.81
N ILE A 1138 4.02 16.34 -20.89
CA ILE A 1138 4.08 15.61 -19.62
C ILE A 1138 3.68 16.54 -18.49
N GLN A 1139 2.67 16.14 -17.73
CA GLN A 1139 2.13 16.96 -16.65
C GLN A 1139 2.39 16.27 -15.31
N GLY A 1140 3.07 16.98 -14.40
CA GLY A 1140 3.42 16.42 -13.12
C GLY A 1140 2.36 16.71 -12.06
N PHE A 1141 1.89 15.66 -11.42
CA PHE A 1141 0.99 15.74 -10.26
C PHE A 1141 1.71 15.09 -9.09
N ASN A 1142 1.86 15.82 -8.00
CA ASN A 1142 2.82 15.43 -6.98
C ASN A 1142 2.21 14.71 -5.78
N ILE A 1143 0.88 14.63 -5.68
CA ILE A 1143 0.23 13.93 -4.57
C ILE A 1143 0.75 12.50 -4.47
N SER A 1144 1.30 12.15 -3.31
CA SER A 1144 1.81 10.79 -3.12
C SER A 1144 0.67 9.78 -3.07
N HIS A 1145 -0.39 10.09 -2.32
CA HIS A 1145 -1.57 9.23 -2.27
C HIS A 1145 -2.16 9.05 -3.66
N THR A 1146 -2.17 7.81 -4.14
CA THR A 1146 -2.54 7.53 -5.52
C THR A 1146 -3.95 8.00 -5.82
N GLN A 1147 -4.93 7.58 -5.02
CA GLN A 1147 -6.33 7.89 -5.28
C GLN A 1147 -6.56 9.40 -5.38
N THR A 1148 -5.99 10.15 -4.42
CA THR A 1148 -6.12 11.61 -4.46
C THR A 1148 -5.41 12.19 -5.68
N ARG A 1149 -4.32 11.58 -6.12
CA ARG A 1149 -3.67 12.02 -7.35
C ARG A 1149 -4.61 11.88 -8.54
N LEU A 1150 -5.33 10.75 -8.62
CA LEU A 1150 -6.31 10.57 -9.67
C LEU A 1150 -7.40 11.64 -9.61
N LEU A 1151 -7.91 11.90 -8.41
CA LEU A 1151 -8.89 12.96 -8.25
C LEU A 1151 -8.35 14.29 -8.76
N SER A 1152 -7.09 14.59 -8.43
CA SER A 1152 -6.47 15.83 -8.88
C SER A 1152 -6.33 15.87 -10.39
N MET A 1153 -6.13 14.71 -11.03
CA MET A 1153 -6.03 14.63 -12.49
C MET A 1153 -7.39 14.58 -13.18
N ALA A 1154 -8.49 14.44 -12.44
CA ALA A 1154 -9.81 14.33 -13.06
C ALA A 1154 -10.11 15.50 -14.02
N LYS A 1155 -10.16 16.73 -13.52
CA LYS A 1155 -10.51 17.91 -14.29
C LYS A 1155 -9.47 18.30 -15.35
N PRO A 1156 -8.17 18.17 -15.09
CA PRO A 1156 -7.20 18.44 -16.17
C PRO A 1156 -7.35 17.53 -17.38
N VAL A 1157 -8.03 16.38 -17.26
CA VAL A 1157 -8.35 15.61 -18.45
C VAL A 1157 -9.30 16.39 -19.35
N TYR A 1158 -10.37 16.94 -18.76
CA TYR A 1158 -11.26 17.82 -19.50
C TYR A 1158 -10.49 18.99 -20.10
N HIS A 1159 -9.58 19.58 -19.32
CA HIS A 1159 -8.81 20.72 -19.82
C HIS A 1159 -7.96 20.33 -21.03
N ALA A 1160 -7.30 19.17 -20.97
CA ALA A 1160 -6.45 18.74 -22.06
C ALA A 1160 -7.28 18.42 -23.31
N ILE A 1161 -8.48 17.87 -23.12
CA ILE A 1161 -9.38 17.65 -24.26
C ILE A 1161 -9.72 18.97 -24.92
N THR A 1162 -10.27 19.93 -24.16
CA THR A 1162 -10.69 21.17 -24.79
C THR A 1162 -9.52 22.00 -25.31
N LYS A 1163 -8.28 21.72 -24.87
CA LYS A 1163 -7.13 22.46 -25.40
C LYS A 1163 -6.55 21.82 -26.64
N HIS A 1164 -6.27 20.51 -26.60
CA HIS A 1164 -5.55 19.87 -27.70
C HIS A 1164 -6.47 19.24 -28.73
N SER A 1165 -7.60 18.68 -28.30
CA SER A 1165 -8.50 17.95 -29.18
C SER A 1165 -9.94 18.33 -28.85
N PRO A 1166 -10.37 19.51 -29.28
CA PRO A 1166 -11.76 19.91 -29.03
C PRO A 1166 -12.73 19.11 -29.86
N LYS A 1167 -12.46 18.98 -31.16
CA LYS A 1167 -13.37 18.28 -32.06
C LYS A 1167 -12.88 16.89 -32.48
N LYS A 1168 -11.58 16.66 -32.54
CA LYS A 1168 -11.06 15.38 -32.98
C LYS A 1168 -11.18 14.32 -31.87
N PRO A 1169 -11.10 13.04 -32.23
CA PRO A 1169 -11.29 11.97 -31.23
C PRO A 1169 -10.18 11.91 -30.18
N VAL A 1170 -10.54 11.33 -29.04
CA VAL A 1170 -9.70 11.31 -27.84
C VAL A 1170 -9.78 9.93 -27.18
N ILE A 1171 -8.62 9.37 -26.84
CA ILE A 1171 -8.51 8.13 -26.08
C ILE A 1171 -7.82 8.44 -24.77
N VAL A 1172 -8.45 8.07 -23.65
CA VAL A 1172 -7.87 8.20 -22.33
C VAL A 1172 -7.55 6.80 -21.80
N PHE A 1173 -6.37 6.65 -21.22
CA PHE A 1173 -5.94 5.39 -20.61
C PHE A 1173 -5.96 5.53 -19.10
N VAL A 1174 -6.67 4.62 -18.43
CA VAL A 1174 -6.82 4.71 -16.98
C VAL A 1174 -6.33 3.42 -16.33
N PRO A 1175 -5.79 3.49 -15.12
CA PRO A 1175 -5.15 2.31 -14.50
C PRO A 1175 -6.06 1.11 -14.25
N SER A 1176 -7.36 1.28 -13.98
CA SER A 1176 -8.20 0.15 -13.61
C SER A 1176 -9.57 0.26 -14.30
N ARG A 1177 -10.30 -0.86 -14.27
CA ARG A 1177 -11.59 -0.93 -14.94
C ARG A 1177 -12.60 0.06 -14.35
N LYS A 1178 -12.61 0.19 -13.02
CA LYS A 1178 -13.53 1.13 -12.39
C LYS A 1178 -13.23 2.56 -12.82
N GLN A 1179 -11.95 2.86 -13.04
CA GLN A 1179 -11.58 4.21 -13.44
C GLN A 1179 -12.09 4.54 -14.83
N THR A 1180 -12.28 3.55 -15.69
CA THR A 1180 -12.90 3.80 -16.99
C THR A 1180 -14.23 4.52 -16.83
N ARG A 1181 -15.20 3.85 -16.19
CA ARG A 1181 -16.51 4.43 -16.02
C ARG A 1181 -16.45 5.72 -15.21
N LEU A 1182 -15.62 5.77 -14.16
CA LEU A 1182 -15.63 6.96 -13.31
C LEU A 1182 -15.07 8.17 -14.06
N THR A 1183 -14.04 7.96 -14.88
CA THR A 1183 -13.46 9.05 -15.66
C THR A 1183 -14.42 9.50 -16.75
N ALA A 1184 -15.16 8.56 -17.36
CA ALA A 1184 -16.19 8.95 -18.32
C ALA A 1184 -17.23 9.84 -17.66
N ILE A 1185 -17.72 9.43 -16.49
CA ILE A 1185 -18.71 10.23 -15.78
C ILE A 1185 -18.14 11.60 -15.43
N ASP A 1186 -16.87 11.64 -15.01
CA ASP A 1186 -16.23 12.92 -14.68
C ASP A 1186 -16.16 13.83 -15.90
N ILE A 1187 -15.79 13.27 -17.05
CA ILE A 1187 -15.74 14.04 -18.29
C ILE A 1187 -17.11 14.65 -18.57
N LEU A 1188 -18.16 13.83 -18.45
CA LEU A 1188 -19.50 14.32 -18.75
C LEU A 1188 -19.93 15.40 -17.75
N THR A 1189 -19.56 15.25 -16.48
CA THR A 1189 -19.96 16.24 -15.47
C THR A 1189 -19.24 17.57 -15.68
N THR A 1190 -17.92 17.53 -15.85
CA THR A 1190 -17.17 18.75 -16.13
C THR A 1190 -17.67 19.40 -17.41
N CYS A 1191 -18.07 18.59 -18.39
CA CYS A 1191 -18.56 19.14 -19.64
C CYS A 1191 -19.89 19.84 -19.43
N ALA A 1192 -20.80 19.22 -18.67
CA ALA A 1192 -22.08 19.84 -18.39
C ALA A 1192 -21.91 21.15 -17.61
N ALA A 1193 -20.91 21.21 -16.72
CA ALA A 1193 -20.80 22.40 -15.87
C ALA A 1193 -20.05 23.54 -16.56
N ASP A 1194 -18.96 23.25 -17.28
CA ASP A 1194 -18.08 24.30 -17.75
C ASP A 1194 -18.53 24.90 -19.09
N ILE A 1195 -19.10 24.09 -19.98
CA ILE A 1195 -19.69 24.65 -21.20
C ILE A 1195 -21.03 23.97 -21.48
N GLN A 1196 -21.03 22.89 -22.26
CA GLN A 1196 -22.27 22.18 -22.60
C GLN A 1196 -21.93 20.74 -22.95
N ARG A 1197 -22.71 19.80 -22.42
CA ARG A 1197 -22.52 18.41 -22.81
C ARG A 1197 -23.02 18.19 -24.24
N GLN A 1198 -22.76 16.99 -24.74
CA GLN A 1198 -23.06 16.52 -26.10
C GLN A 1198 -22.12 17.11 -27.14
N ARG A 1199 -21.05 17.81 -26.74
CA ARG A 1199 -19.99 18.13 -27.70
C ARG A 1199 -19.30 16.87 -28.22
N PHE A 1200 -19.57 15.71 -27.64
CA PHE A 1200 -18.94 14.47 -28.04
C PHE A 1200 -19.78 13.68 -29.04
N LEU A 1201 -21.11 13.72 -28.88
CA LEU A 1201 -21.99 13.01 -29.78
C LEU A 1201 -22.00 13.65 -31.16
N HIS A 1202 -21.86 12.84 -32.20
CA HIS A 1202 -21.87 13.32 -33.57
C HIS A 1202 -22.81 12.56 -34.50
N CYS A 1203 -23.36 11.43 -34.06
CA CYS A 1203 -24.43 10.73 -34.76
C CYS A 1203 -25.72 10.89 -33.97
N THR A 1204 -26.84 10.95 -34.68
CA THR A 1204 -28.11 11.17 -34.02
C THR A 1204 -28.39 10.04 -33.03
N GLU A 1205 -28.94 10.42 -31.88
CA GLU A 1205 -29.19 9.45 -30.81
C GLU A 1205 -30.06 8.30 -31.27
N LYS A 1206 -31.05 8.58 -32.13
CA LYS A 1206 -31.96 7.54 -32.58
C LYS A 1206 -31.33 6.63 -33.63
N ASP A 1207 -30.36 7.14 -34.40
CA ASP A 1207 -29.62 6.28 -35.29
C ASP A 1207 -28.74 5.29 -34.54
N LEU A 1208 -28.50 5.54 -33.26
CA LEU A 1208 -27.63 4.68 -32.46
C LEU A 1208 -28.38 3.87 -31.41
N ILE A 1209 -29.61 4.23 -31.09
CA ILE A 1209 -30.45 3.47 -30.16
C ILE A 1209 -30.53 1.99 -30.56
N PRO A 1210 -30.66 1.62 -31.86
CA PRO A 1210 -30.62 0.19 -32.20
C PRO A 1210 -29.35 -0.50 -31.73
N TYR A 1211 -28.18 0.01 -32.18
CA TYR A 1211 -26.91 -0.52 -31.69
C TYR A 1211 -26.84 -0.47 -30.17
N LEU A 1212 -27.44 0.56 -29.57
CA LEU A 1212 -27.25 0.82 -28.15
C LEU A 1212 -28.03 -0.17 -27.28
N GLU A 1213 -29.21 -0.58 -27.72
CA GLU A 1213 -30.10 -1.35 -26.86
C GLU A 1213 -29.59 -2.77 -26.62
N LYS A 1214 -28.65 -3.25 -27.43
CA LYS A 1214 -28.09 -4.57 -27.22
C LYS A 1214 -27.03 -4.58 -26.12
N LEU A 1215 -26.57 -3.42 -25.69
CA LEU A 1215 -25.54 -3.34 -24.67
C LEU A 1215 -26.12 -3.70 -23.29
N SER A 1216 -25.26 -4.23 -22.43
CA SER A 1216 -25.64 -4.73 -21.11
C SER A 1216 -25.67 -3.64 -20.04
N ASP A 1217 -24.66 -2.79 -19.99
CA ASP A 1217 -24.57 -1.76 -18.96
C ASP A 1217 -25.43 -0.55 -19.33
N SER A 1218 -26.37 -0.20 -18.45
CA SER A 1218 -27.13 1.03 -18.65
C SER A 1218 -26.24 2.26 -18.48
N THR A 1219 -25.25 2.18 -17.59
CA THR A 1219 -24.26 3.25 -17.50
C THR A 1219 -23.56 3.45 -18.84
N LEU A 1220 -23.19 2.34 -19.50
CA LEU A 1220 -22.50 2.45 -20.79
C LEU A 1220 -23.42 3.04 -21.85
N LYS A 1221 -24.69 2.65 -21.88
CA LYS A 1221 -25.58 3.20 -22.90
C LYS A 1221 -25.82 4.69 -22.66
N GLU A 1222 -25.91 5.12 -21.39
CA GLU A 1222 -26.10 6.54 -21.13
C GLU A 1222 -24.86 7.35 -21.50
N THR A 1223 -23.68 6.91 -21.02
CA THR A 1223 -22.45 7.63 -21.34
C THR A 1223 -22.21 7.64 -22.83
N LEU A 1224 -22.58 6.57 -23.53
CA LEU A 1224 -22.48 6.54 -24.98
C LEU A 1224 -23.41 7.57 -25.61
N LEU A 1225 -24.65 7.63 -25.11
CA LEU A 1225 -25.60 8.63 -25.57
C LEU A 1225 -25.02 10.04 -25.46
N ASN A 1226 -24.35 10.33 -24.34
CA ASN A 1226 -23.70 11.62 -24.20
C ASN A 1226 -22.39 11.73 -24.97
N GLY A 1227 -21.87 10.62 -25.49
CA GLY A 1227 -20.73 10.63 -26.37
C GLY A 1227 -19.41 10.13 -25.80
N VAL A 1228 -19.43 9.32 -24.75
CA VAL A 1228 -18.21 8.79 -24.15
C VAL A 1228 -18.40 7.31 -23.87
N GLY A 1229 -17.47 6.49 -24.35
CA GLY A 1229 -17.53 5.06 -24.16
C GLY A 1229 -16.29 4.54 -23.48
N TYR A 1230 -16.44 3.47 -22.70
CA TYR A 1230 -15.33 2.93 -21.95
C TYR A 1230 -15.12 1.45 -22.28
N LEU A 1231 -13.86 1.05 -22.17
CA LEU A 1231 -13.40 -0.31 -22.50
C LEU A 1231 -12.68 -0.89 -21.29
N HIS A 1232 -13.14 -2.05 -20.84
CA HIS A 1232 -12.51 -2.76 -19.74
C HIS A 1232 -12.64 -4.25 -19.97
N GLU A 1233 -11.85 -5.02 -19.22
CA GLU A 1233 -11.80 -6.46 -19.43
C GLU A 1233 -13.16 -7.10 -19.23
N GLY A 1234 -13.98 -6.54 -18.33
CA GLY A 1234 -15.27 -7.13 -17.99
C GLY A 1234 -16.35 -6.93 -19.03
N LEU A 1235 -16.10 -6.10 -20.05
CA LEU A 1235 -17.08 -5.93 -21.12
C LEU A 1235 -17.10 -7.16 -22.01
N SER A 1236 -18.31 -7.65 -22.30
CA SER A 1236 -18.45 -8.80 -23.19
C SER A 1236 -17.97 -8.42 -24.59
N PRO A 1237 -17.49 -9.39 -25.38
CA PRO A 1237 -16.87 -9.05 -26.66
C PRO A 1237 -17.75 -8.25 -27.61
N MET A 1238 -19.07 -8.52 -27.62
CA MET A 1238 -19.94 -7.74 -28.50
C MET A 1238 -20.02 -6.30 -28.05
N GLU A 1239 -20.07 -6.06 -26.73
CA GLU A 1239 -20.11 -4.70 -26.23
C GLU A 1239 -18.85 -3.94 -26.61
N ARG A 1240 -17.69 -4.57 -26.44
CA ARG A 1240 -16.43 -3.93 -26.82
C ARG A 1240 -16.38 -3.66 -28.32
N ARG A 1241 -16.83 -4.63 -29.12
CA ARG A 1241 -16.88 -4.43 -30.56
C ARG A 1241 -17.78 -3.26 -30.92
N LEU A 1242 -18.92 -3.12 -30.24
CA LEU A 1242 -19.84 -2.04 -30.54
C LEU A 1242 -19.27 -0.69 -30.14
N VAL A 1243 -18.58 -0.62 -29.00
CA VAL A 1243 -17.98 0.65 -28.59
C VAL A 1243 -16.85 1.04 -29.53
N GLU A 1244 -16.00 0.08 -29.91
CA GLU A 1244 -14.93 0.39 -30.84
C GLU A 1244 -15.47 0.73 -32.22
N GLN A 1245 -16.58 0.11 -32.63
CA GLN A 1245 -17.23 0.46 -33.89
C GLN A 1245 -17.77 1.88 -33.84
N LEU A 1246 -18.41 2.25 -32.73
CA LEU A 1246 -18.91 3.61 -32.57
C LEU A 1246 -17.76 4.62 -32.56
N PHE A 1247 -16.62 4.24 -31.99
CA PHE A 1247 -15.47 5.14 -31.96
C PHE A 1247 -14.86 5.33 -33.34
N SER A 1248 -14.59 4.24 -34.05
CA SER A 1248 -14.08 4.36 -35.41
C SER A 1248 -15.04 5.14 -36.29
N SER A 1249 -16.34 5.03 -36.03
CA SER A 1249 -17.35 5.73 -36.80
C SER A 1249 -17.39 7.22 -36.49
N GLY A 1250 -16.75 7.67 -35.41
CA GLY A 1250 -16.84 9.06 -35.00
C GLY A 1250 -18.13 9.43 -34.30
N ALA A 1251 -19.01 8.46 -34.03
CA ALA A 1251 -20.24 8.75 -33.31
C ALA A 1251 -19.95 9.15 -31.87
N ILE A 1252 -18.96 8.52 -31.25
CA ILE A 1252 -18.52 8.83 -29.90
C ILE A 1252 -17.10 9.37 -29.96
N GLN A 1253 -16.84 10.45 -29.21
CA GLN A 1253 -15.59 11.18 -29.30
C GLN A 1253 -14.53 10.67 -28.34
N VAL A 1254 -14.91 10.36 -27.11
CA VAL A 1254 -13.97 10.00 -26.06
C VAL A 1254 -14.16 8.53 -25.70
N VAL A 1255 -13.05 7.80 -25.63
CA VAL A 1255 -13.06 6.44 -25.11
C VAL A 1255 -12.07 6.34 -23.96
N VAL A 1256 -12.56 5.89 -22.80
CA VAL A 1256 -11.75 5.69 -21.62
C VAL A 1256 -11.50 4.19 -21.48
N ALA A 1257 -10.24 3.80 -21.55
CA ALA A 1257 -9.86 2.41 -21.74
C ALA A 1257 -8.86 1.97 -20.69
N SER A 1258 -9.02 0.73 -20.24
CA SER A 1258 -8.11 0.16 -19.25
C SER A 1258 -6.71 0.02 -19.84
N ARG A 1259 -5.71 0.07 -18.96
CA ARG A 1259 -4.32 -0.04 -19.40
C ARG A 1259 -4.06 -1.34 -20.15
N SER A 1260 -4.68 -2.44 -19.69
CA SER A 1260 -4.38 -3.76 -20.22
C SER A 1260 -4.72 -3.91 -21.70
N LEU A 1261 -5.52 -3.00 -22.25
CA LEU A 1261 -5.97 -3.11 -23.62
C LEU A 1261 -5.08 -2.37 -24.60
N CYS A 1262 -3.92 -1.88 -24.16
CA CYS A 1262 -3.11 -1.06 -25.06
C CYS A 1262 -2.54 -1.88 -26.20
N TRP A 1263 -2.41 -3.20 -26.02
CA TRP A 1263 -2.08 -4.07 -27.14
C TRP A 1263 -3.31 -4.53 -27.91
N GLY A 1264 -4.45 -4.69 -27.25
CA GLY A 1264 -5.61 -5.27 -27.91
C GLY A 1264 -6.38 -4.29 -28.76
N MET A 1265 -6.32 -3.00 -28.44
CA MET A 1265 -7.13 -2.02 -29.12
C MET A 1265 -6.70 -1.86 -30.57
N ASN A 1266 -7.70 -1.85 -31.45
CA ASN A 1266 -7.48 -1.66 -32.88
C ASN A 1266 -7.80 -0.24 -33.33
N VAL A 1267 -8.43 0.56 -32.47
CA VAL A 1267 -8.83 1.92 -32.83
C VAL A 1267 -7.65 2.87 -32.63
N ALA A 1268 -7.87 4.16 -32.86
CA ALA A 1268 -6.85 5.19 -32.67
C ALA A 1268 -7.55 6.54 -32.61
N ALA A 1269 -6.81 7.56 -32.18
CA ALA A 1269 -7.40 8.87 -31.98
C ALA A 1269 -6.35 9.96 -32.22
N HIS A 1270 -6.84 11.21 -32.27
CA HIS A 1270 -5.95 12.36 -32.38
C HIS A 1270 -5.17 12.58 -31.09
N LEU A 1271 -5.85 12.44 -29.94
CA LEU A 1271 -5.27 12.72 -28.64
C LEU A 1271 -5.26 11.45 -27.79
N VAL A 1272 -4.17 11.25 -27.05
CA VAL A 1272 -4.05 10.15 -26.10
C VAL A 1272 -3.66 10.73 -24.74
N ILE A 1273 -4.50 10.50 -23.74
CA ILE A 1273 -4.32 11.04 -22.39
C ILE A 1273 -4.06 9.86 -21.45
N ILE A 1274 -2.82 9.72 -21.02
CA ILE A 1274 -2.45 8.65 -20.08
C ILE A 1274 -2.56 9.18 -18.66
N MET A 1275 -3.37 8.53 -17.82
CA MET A 1275 -3.55 8.94 -16.43
C MET A 1275 -2.67 8.08 -15.52
N ASP A 1276 -1.90 8.76 -14.66
CA ASP A 1276 -1.24 8.18 -13.48
C ASP A 1276 0.04 7.39 -13.78
N THR A 1277 -0.06 6.38 -14.66
CA THR A 1277 1.03 5.45 -15.01
C THR A 1277 1.42 4.53 -13.84
N GLN A 1278 0.41 4.07 -13.08
CA GLN A 1278 0.60 3.08 -12.03
C GLN A 1278 -0.69 2.29 -11.85
N TYR A 1279 -0.55 1.02 -11.51
CA TYR A 1279 -1.71 0.17 -11.27
C TYR A 1279 -1.52 -0.66 -10.01
N TYR A 1280 -2.63 -0.90 -9.31
CA TYR A 1280 -2.59 -1.71 -8.11
C TYR A 1280 -2.42 -3.19 -8.45
N ASN A 1281 -1.59 -3.88 -7.68
CA ASN A 1281 -1.44 -5.32 -7.71
C ASN A 1281 -2.09 -5.90 -6.47
N GLY A 1282 -3.06 -6.80 -6.71
CA GLY A 1282 -3.65 -7.55 -5.62
C GLY A 1282 -2.74 -8.65 -5.10
N LYS A 1283 -1.85 -9.16 -5.94
CA LYS A 1283 -0.86 -10.13 -5.48
C LYS A 1283 0.05 -9.50 -4.42
N ILE A 1284 0.81 -8.47 -4.82
CA ILE A 1284 1.69 -7.79 -3.86
C ILE A 1284 0.94 -6.84 -2.95
N HIS A 1285 -0.31 -6.49 -3.29
CA HIS A 1285 -1.07 -5.46 -2.59
C HIS A 1285 -0.31 -4.14 -2.62
N ALA A 1286 0.13 -3.74 -3.81
CA ALA A 1286 0.97 -2.56 -3.96
C ALA A 1286 1.00 -2.11 -5.41
N TYR A 1287 1.38 -0.85 -5.62
CA TYR A 1287 1.33 -0.24 -6.94
C TYR A 1287 2.58 -0.57 -7.74
N VAL A 1288 2.37 -0.84 -9.03
CA VAL A 1288 3.43 -1.14 -9.98
C VAL A 1288 3.38 -0.08 -11.09
N ASP A 1289 4.57 0.25 -11.61
CA ASP A 1289 4.69 1.24 -12.67
C ASP A 1289 4.39 0.62 -14.03
N TYR A 1290 3.83 1.43 -14.93
CA TYR A 1290 3.71 1.06 -16.34
C TYR A 1290 5.11 0.88 -16.91
N PRO A 1291 5.43 -0.30 -17.45
CA PRO A 1291 6.73 -0.44 -18.14
C PRO A 1291 6.76 0.46 -19.36
N ILE A 1292 7.97 0.91 -19.72
CA ILE A 1292 8.10 1.91 -20.78
C ILE A 1292 7.46 1.43 -22.08
N TYR A 1293 7.45 0.11 -22.32
CA TYR A 1293 6.90 -0.41 -23.56
C TYR A 1293 5.39 -0.20 -23.63
N ASP A 1294 4.70 -0.45 -22.52
CA ASP A 1294 3.26 -0.15 -22.46
C ASP A 1294 3.02 1.32 -22.77
N VAL A 1295 3.83 2.20 -22.20
CA VAL A 1295 3.68 3.63 -22.42
C VAL A 1295 3.88 3.97 -23.89
N LEU A 1296 4.91 3.38 -24.50
CA LEU A 1296 5.19 3.65 -25.92
C LEU A 1296 4.01 3.24 -26.78
N GLN A 1297 3.41 2.08 -26.50
CA GLN A 1297 2.28 1.63 -27.31
C GLN A 1297 1.06 2.51 -27.12
N MET A 1298 0.76 2.83 -25.85
CA MET A 1298 -0.32 3.78 -25.55
C MET A 1298 -0.13 5.09 -26.30
N VAL A 1299 1.11 5.57 -26.39
CA VAL A 1299 1.34 6.83 -27.09
C VAL A 1299 1.22 6.63 -28.59
N GLY A 1300 1.67 5.47 -29.09
CA GLY A 1300 1.50 5.12 -30.48
C GLY A 1300 0.06 5.12 -30.92
N HIS A 1301 -0.87 4.98 -29.98
CA HIS A 1301 -2.28 5.12 -30.35
C HIS A 1301 -2.64 6.50 -30.88
N ALA A 1302 -1.77 7.50 -30.74
CA ALA A 1302 -2.02 8.83 -31.30
C ALA A 1302 -1.41 8.93 -32.70
N ASN A 1303 -1.92 8.11 -33.60
CA ASN A 1303 -1.46 8.02 -34.98
C ASN A 1303 -2.70 7.92 -35.88
N ARG A 1304 -3.19 9.08 -36.34
CA ARG A 1304 -4.27 9.14 -37.30
C ARG A 1304 -3.71 9.68 -38.60
N PRO A 1305 -3.27 8.81 -39.53
CA PRO A 1305 -2.51 9.30 -40.69
C PRO A 1305 -3.36 10.01 -41.71
N LEU A 1306 -4.33 9.30 -42.29
CA LEU A 1306 -5.14 9.83 -43.38
C LEU A 1306 -6.24 10.79 -42.90
N GLN A 1307 -6.15 11.30 -41.68
CA GLN A 1307 -7.17 12.21 -41.17
C GLN A 1307 -6.63 13.39 -40.38
N ASP A 1308 -5.47 13.28 -39.73
CA ASP A 1308 -4.97 14.34 -38.86
C ASP A 1308 -3.56 14.74 -39.28
N ASP A 1309 -3.29 16.05 -39.23
CA ASP A 1309 -1.96 16.55 -39.48
C ASP A 1309 -1.04 16.43 -38.26
N GLU A 1310 -1.60 16.11 -37.09
CA GLU A 1310 -0.90 16.14 -35.82
C GLU A 1310 -1.22 14.88 -35.04
N GLY A 1311 -0.43 14.62 -34.00
CA GLY A 1311 -0.76 13.56 -33.07
C GLY A 1311 -0.32 13.93 -31.68
N ARG A 1312 -1.27 14.13 -30.76
CA ARG A 1312 -0.99 14.77 -29.47
C ARG A 1312 -1.23 13.80 -28.32
N CYS A 1313 -0.30 13.81 -27.37
CA CYS A 1313 -0.42 12.90 -26.25
C CYS A 1313 0.05 13.58 -24.97
N VAL A 1314 -0.80 13.51 -23.94
CA VAL A 1314 -0.53 14.09 -22.62
C VAL A 1314 -0.41 12.96 -21.60
N ILE A 1315 0.77 12.82 -21.04
CA ILE A 1315 1.05 11.83 -19.99
C ILE A 1315 1.03 12.55 -18.65
N MET A 1316 0.12 12.16 -17.77
CA MET A 1316 -0.03 12.73 -16.44
C MET A 1316 0.64 11.77 -15.45
N CYS A 1317 1.76 12.20 -14.87
CA CYS A 1317 2.58 11.33 -14.06
C CYS A 1317 2.97 12.05 -12.78
N GLN A 1318 3.51 11.27 -11.83
CA GLN A 1318 4.07 11.87 -10.62
C GLN A 1318 5.29 12.69 -10.97
N GLY A 1319 5.50 13.79 -10.24
CA GLY A 1319 6.58 14.70 -10.57
C GLY A 1319 7.92 14.00 -10.69
N SER A 1320 8.21 13.10 -9.75
CA SER A 1320 9.49 12.40 -9.73
C SER A 1320 9.77 11.69 -11.04
N LYS A 1321 8.74 11.08 -11.64
CA LYS A 1321 8.93 10.33 -12.88
C LYS A 1321 9.10 11.22 -14.10
N LYS A 1322 8.66 12.48 -14.04
CA LYS A 1322 8.69 13.38 -15.18
C LYS A 1322 9.98 13.24 -15.99
N ASP A 1323 11.10 13.65 -15.41
CA ASP A 1323 12.42 13.48 -16.01
C ASP A 1323 12.55 12.15 -16.74
N PHE A 1324 12.44 11.05 -15.99
CA PHE A 1324 12.62 9.71 -16.55
C PHE A 1324 11.78 9.55 -17.82
N PHE A 1325 10.48 9.85 -17.73
CA PHE A 1325 9.62 9.73 -18.90
C PHE A 1325 10.13 10.59 -20.04
N LYS A 1326 10.31 11.89 -19.79
CA LYS A 1326 10.97 12.74 -20.78
C LYS A 1326 12.23 12.06 -21.30
N LYS A 1327 13.13 11.68 -20.39
CA LYS A 1327 14.42 11.14 -20.79
C LYS A 1327 14.27 9.95 -21.72
N PHE A 1328 13.22 9.16 -21.51
CA PHE A 1328 13.05 7.92 -22.26
C PHE A 1328 11.84 7.94 -23.17
N LEU A 1329 11.28 9.12 -23.45
CA LEU A 1329 10.23 9.22 -24.44
C LEU A 1329 10.59 10.17 -25.57
N TYR A 1330 11.59 11.01 -25.37
CA TYR A 1330 12.04 11.94 -26.40
C TYR A 1330 13.17 11.36 -27.24
N GLU A 1331 13.73 10.23 -26.81
CA GLU A 1331 14.96 9.70 -27.38
C GLU A 1331 14.87 8.19 -27.48
N PRO A 1332 15.67 7.57 -28.35
CA PRO A 1332 15.63 6.11 -28.49
C PRO A 1332 15.92 5.41 -27.17
N LEU A 1333 15.48 4.15 -27.09
CA LEU A 1333 15.42 3.43 -25.83
C LEU A 1333 16.44 2.31 -25.79
N PRO A 1334 17.25 2.22 -24.75
CA PRO A 1334 18.16 1.08 -24.61
C PRO A 1334 17.43 -0.15 -24.09
N VAL A 1335 17.73 -1.31 -24.70
CA VAL A 1335 17.16 -2.57 -24.28
C VAL A 1335 18.30 -3.55 -24.00
N GLU A 1336 18.08 -4.40 -22.99
CA GLU A 1336 19.06 -5.40 -22.59
C GLU A 1336 18.34 -6.71 -22.30
N SER A 1337 19.11 -7.78 -22.19
CA SER A 1337 18.56 -9.12 -22.05
C SER A 1337 18.37 -9.50 -20.59
N HIS A 1338 17.28 -10.19 -20.30
CA HIS A 1338 17.04 -10.80 -19.00
C HIS A 1338 17.17 -12.32 -19.07
N LEU A 1339 17.67 -12.84 -20.19
CA LEU A 1339 17.81 -14.29 -20.37
C LEU A 1339 18.69 -14.92 -19.30
N ASP A 1340 19.59 -14.15 -18.69
CA ASP A 1340 20.43 -14.68 -17.63
C ASP A 1340 19.60 -15.20 -16.45
N HIS A 1341 18.41 -14.64 -16.25
CA HIS A 1341 17.53 -15.14 -15.21
C HIS A 1341 16.71 -16.33 -15.72
N CYS A 1342 15.98 -16.13 -16.81
CA CYS A 1342 15.17 -17.20 -17.43
C CYS A 1342 16.05 -18.03 -18.35
N MET A 1343 16.58 -19.14 -17.83
CA MET A 1343 17.48 -19.96 -18.63
C MET A 1343 17.37 -21.46 -18.39
N HIS A 1344 16.80 -21.92 -17.28
CA HIS A 1344 16.88 -23.33 -16.93
C HIS A 1344 16.09 -24.21 -17.88
N ASP A 1345 14.92 -23.74 -18.31
CA ASP A 1345 14.08 -24.55 -19.19
C ASP A 1345 14.68 -24.66 -20.58
N HIS A 1346 15.27 -23.58 -21.08
CA HIS A 1346 15.95 -23.62 -22.37
C HIS A 1346 17.12 -24.61 -22.33
N PHE A 1347 17.96 -24.49 -21.30
CA PHE A 1347 19.08 -25.42 -21.15
C PHE A 1347 18.60 -26.86 -21.09
N ASN A 1348 17.54 -27.12 -20.33
CA ASN A 1348 17.03 -28.49 -20.24
C ASN A 1348 16.55 -28.99 -21.58
N ALA A 1349 15.84 -28.13 -22.33
CA ALA A 1349 15.37 -28.52 -23.65
C ALA A 1349 16.53 -28.82 -24.60
N GLU A 1350 17.57 -27.97 -24.59
CA GLU A 1350 18.71 -28.20 -25.46
C GLU A 1350 19.48 -29.45 -25.07
N ILE A 1351 19.50 -29.79 -23.78
CA ILE A 1351 20.07 -31.07 -23.38
C ILE A 1351 19.20 -32.21 -23.90
N VAL A 1352 17.88 -31.99 -23.99
CA VAL A 1352 16.98 -33.01 -24.53
C VAL A 1352 17.25 -33.21 -26.02
N THR A 1353 17.19 -32.13 -26.80
CA THR A 1353 17.34 -32.23 -28.26
C THR A 1353 18.80 -32.42 -28.70
N LYS A 1354 19.71 -32.70 -27.78
CA LYS A 1354 21.13 -32.93 -28.03
C LYS A 1354 21.81 -31.75 -28.72
N THR A 1355 21.16 -30.59 -28.81
CA THR A 1355 21.85 -29.39 -29.28
C THR A 1355 22.98 -29.02 -28.34
N ILE A 1356 22.81 -29.29 -27.04
CA ILE A 1356 23.85 -29.12 -26.03
C ILE A 1356 24.17 -30.49 -25.44
N GLU A 1357 25.45 -30.87 -25.46
CA GLU A 1357 25.87 -32.15 -24.94
C GLU A 1357 26.80 -32.06 -23.74
N ASN A 1358 27.68 -31.06 -23.71
CA ASN A 1358 28.58 -30.86 -22.59
C ASN A 1358 28.49 -29.41 -22.13
N LYS A 1359 29.13 -29.13 -21.00
CA LYS A 1359 29.11 -27.78 -20.44
C LYS A 1359 29.76 -26.78 -21.40
N GLN A 1360 30.85 -27.22 -22.05
CA GLN A 1360 31.48 -26.39 -23.08
C GLN A 1360 30.49 -26.09 -24.21
N ASP A 1361 29.67 -27.08 -24.56
CA ASP A 1361 28.60 -26.84 -25.54
C ASP A 1361 27.58 -25.83 -25.02
N ALA A 1362 27.36 -25.78 -23.70
CA ALA A 1362 26.42 -24.80 -23.15
C ALA A 1362 26.95 -23.38 -23.29
N VAL A 1363 28.24 -23.18 -23.01
CA VAL A 1363 28.82 -21.87 -23.24
C VAL A 1363 28.79 -21.52 -24.73
N ASP A 1364 29.10 -22.49 -25.59
CA ASP A 1364 28.93 -22.32 -27.03
C ASP A 1364 27.53 -21.79 -27.36
N TYR A 1365 26.50 -22.44 -26.80
CA TYR A 1365 25.12 -22.02 -27.00
C TYR A 1365 24.93 -20.56 -26.60
N LEU A 1366 25.49 -20.17 -25.45
CA LEU A 1366 25.32 -18.79 -25.00
C LEU A 1366 26.05 -17.77 -25.87
N THR A 1367 27.04 -18.20 -26.67
CA THR A 1367 27.71 -17.24 -27.56
C THR A 1367 26.75 -16.58 -28.56
N TRP A 1368 25.70 -17.29 -28.97
CA TRP A 1368 24.82 -16.79 -30.04
C TRP A 1368 23.86 -15.71 -29.58
N THR A 1369 23.80 -15.39 -28.30
CA THR A 1369 22.71 -14.60 -27.74
C THR A 1369 23.01 -13.10 -27.76
N PHE A 1370 21.94 -12.31 -27.54
CA PHE A 1370 22.08 -10.88 -27.34
C PHE A 1370 22.80 -10.55 -26.04
N LEU A 1371 22.65 -11.44 -25.04
CA LEU A 1371 23.35 -11.28 -23.78
C LEU A 1371 24.85 -11.12 -23.98
N TYR A 1372 25.44 -11.94 -24.86
CA TYR A 1372 26.87 -11.84 -25.15
C TYR A 1372 27.22 -10.46 -25.73
N ARG A 1373 26.36 -9.93 -26.59
CA ARG A 1373 26.64 -8.63 -27.19
C ARG A 1373 26.57 -7.51 -26.16
N ARG A 1374 25.63 -7.59 -25.21
CA ARG A 1374 25.51 -6.52 -24.22
C ARG A 1374 26.51 -6.67 -23.08
N MET A 1375 26.98 -7.88 -22.80
CA MET A 1375 27.91 -8.09 -21.69
C MET A 1375 29.25 -7.41 -21.95
N THR A 1376 29.66 -7.31 -23.21
CA THR A 1376 30.87 -6.56 -23.54
C THR A 1376 30.64 -5.07 -23.64
N GLN A 1377 29.38 -4.62 -23.59
CA GLN A 1377 29.03 -3.22 -23.76
C GLN A 1377 28.50 -2.55 -22.49
N ASN A 1378 27.92 -3.31 -21.57
CA ASN A 1378 27.40 -2.77 -20.31
C ASN A 1378 27.52 -3.84 -19.23
N PRO A 1379 28.74 -4.13 -18.79
CA PRO A 1379 28.93 -5.32 -17.92
C PRO A 1379 28.15 -5.26 -16.62
N ASN A 1380 28.09 -4.08 -15.97
CA ASN A 1380 27.45 -4.02 -14.66
C ASN A 1380 25.98 -4.40 -14.72
N TYR A 1381 25.31 -4.18 -15.86
CA TYR A 1381 23.92 -4.58 -16.00
C TYR A 1381 23.74 -6.07 -15.77
N TYR A 1382 24.76 -6.87 -16.12
CA TYR A 1382 24.76 -8.30 -15.88
C TYR A 1382 25.73 -8.70 -14.79
N ASN A 1383 26.06 -7.77 -13.90
CA ASN A 1383 26.92 -8.02 -12.74
C ASN A 1383 28.30 -8.53 -13.16
N LEU A 1384 28.79 -8.06 -14.31
CA LEU A 1384 30.16 -8.32 -14.73
C LEU A 1384 31.06 -7.15 -14.35
N GLN A 1385 32.35 -7.44 -14.20
CA GLN A 1385 33.35 -6.43 -13.83
C GLN A 1385 34.54 -6.64 -14.76
N GLY A 1386 34.42 -6.16 -16.00
CA GLY A 1386 35.49 -6.25 -16.96
C GLY A 1386 35.06 -6.79 -18.31
N ILE A 1387 35.67 -6.30 -19.39
CA ILE A 1387 35.32 -6.70 -20.74
C ILE A 1387 36.29 -7.71 -21.33
N SER A 1388 37.26 -8.18 -20.53
CA SER A 1388 38.25 -9.12 -21.05
C SER A 1388 37.60 -10.46 -21.36
N HIS A 1389 38.34 -11.29 -22.10
CA HIS A 1389 37.79 -12.58 -22.51
C HIS A 1389 37.75 -13.57 -21.35
N ARG A 1390 38.72 -13.51 -20.43
CA ARG A 1390 38.69 -14.42 -19.30
C ARG A 1390 37.55 -14.10 -18.36
N HIS A 1391 37.23 -12.81 -18.18
CA HIS A 1391 36.08 -12.43 -17.39
C HIS A 1391 34.81 -13.03 -17.97
N LEU A 1392 34.63 -12.91 -19.29
CA LEU A 1392 33.45 -13.48 -19.93
C LEU A 1392 33.40 -14.99 -19.75
N SER A 1393 34.53 -15.67 -19.98
CA SER A 1393 34.52 -17.13 -19.85
C SER A 1393 34.22 -17.55 -18.42
N ASP A 1394 34.72 -16.81 -17.43
CA ASP A 1394 34.49 -17.17 -16.04
C ASP A 1394 33.04 -16.91 -15.63
N HIS A 1395 32.47 -15.80 -16.09
CA HIS A 1395 31.07 -15.50 -15.82
C HIS A 1395 30.15 -16.54 -16.44
N LEU A 1396 30.37 -16.85 -17.72
CA LEU A 1396 29.60 -17.89 -18.36
C LEU A 1396 29.80 -19.24 -17.68
N SER A 1397 31.02 -19.48 -17.17
CA SER A 1397 31.29 -20.71 -16.45
C SER A 1397 30.41 -20.82 -15.21
N GLU A 1398 30.42 -19.78 -14.38
CA GLU A 1398 29.58 -19.77 -13.17
C GLU A 1398 28.12 -19.95 -13.54
N LEU A 1399 27.65 -19.24 -14.56
CA LEU A 1399 26.24 -19.31 -14.93
C LEU A 1399 25.85 -20.69 -15.41
N VAL A 1400 26.68 -21.30 -16.26
CA VAL A 1400 26.38 -22.63 -16.77
C VAL A 1400 26.39 -23.65 -15.64
N GLU A 1401 27.39 -23.57 -14.76
CA GLU A 1401 27.46 -24.49 -13.64
C GLU A 1401 26.23 -24.37 -12.75
N GLN A 1402 25.81 -23.14 -12.46
CA GLN A 1402 24.66 -22.95 -11.58
C GLN A 1402 23.38 -23.46 -12.23
N THR A 1403 23.15 -23.12 -13.51
CA THR A 1403 21.95 -23.58 -14.18
C THR A 1403 21.92 -25.10 -14.27
N LEU A 1404 23.05 -25.72 -14.63
CA LEU A 1404 23.09 -27.16 -14.78
C LEU A 1404 22.96 -27.88 -13.45
N SER A 1405 23.48 -27.29 -12.37
CA SER A 1405 23.35 -27.94 -11.07
C SER A 1405 21.93 -27.79 -10.52
N ASP A 1406 21.30 -26.64 -10.78
CA ASP A 1406 19.89 -26.49 -10.46
C ASP A 1406 19.05 -27.49 -11.24
N LEU A 1407 19.42 -27.76 -12.48
CA LEU A 1407 18.75 -28.79 -13.27
C LEU A 1407 18.96 -30.18 -12.66
N GLU A 1408 20.22 -30.52 -12.40
CA GLU A 1408 20.54 -31.85 -11.88
C GLU A 1408 19.82 -32.13 -10.57
N GLN A 1409 19.90 -31.19 -9.63
CA GLN A 1409 19.23 -31.39 -8.35
C GLN A 1409 17.73 -31.46 -8.54
N SER A 1410 17.20 -30.70 -9.50
CA SER A 1410 15.79 -30.81 -9.85
C SER A 1410 15.47 -32.13 -10.56
N LYS A 1411 16.48 -32.93 -10.88
CA LYS A 1411 16.39 -34.26 -11.47
C LYS A 1411 16.02 -34.25 -12.95
N CYS A 1412 16.06 -33.09 -13.61
CA CYS A 1412 15.77 -33.05 -15.04
C CYS A 1412 16.92 -33.57 -15.88
N ILE A 1413 18.16 -33.35 -15.45
CA ILE A 1413 19.31 -33.83 -16.19
C ILE A 1413 20.21 -34.62 -15.24
N SER A 1414 21.23 -35.24 -15.82
CA SER A 1414 22.21 -36.03 -15.10
C SER A 1414 23.59 -35.54 -15.48
N ILE A 1415 24.40 -35.23 -14.48
CA ILE A 1415 25.78 -34.81 -14.69
C ILE A 1415 26.70 -35.98 -14.38
N GLU A 1416 27.57 -36.30 -15.33
CA GLU A 1416 28.52 -37.39 -15.22
C GLU A 1416 29.92 -36.80 -15.18
N ASP A 1417 30.70 -37.24 -14.19
CA ASP A 1417 32.08 -36.79 -13.97
C ASP A 1417 32.16 -35.28 -13.76
N GLU A 1418 31.06 -34.66 -13.33
CA GLU A 1418 30.96 -33.21 -13.17
C GLU A 1418 31.37 -32.48 -14.44
N MET A 1419 31.20 -33.13 -15.59
CA MET A 1419 31.58 -32.55 -16.87
C MET A 1419 30.48 -32.69 -17.92
N ASP A 1420 30.06 -33.92 -18.22
CA ASP A 1420 29.13 -34.15 -19.32
C ASP A 1420 27.71 -34.27 -18.81
N VAL A 1421 26.75 -33.77 -19.59
CA VAL A 1421 25.36 -33.75 -19.15
C VAL A 1421 24.52 -34.60 -20.07
N ALA A 1422 23.44 -35.13 -19.52
CA ALA A 1422 22.51 -35.99 -20.25
C ALA A 1422 21.11 -35.69 -19.75
N PRO A 1423 20.08 -36.00 -20.55
CA PRO A 1423 18.71 -35.68 -20.12
C PRO A 1423 17.98 -36.82 -19.45
N LEU A 1424 17.43 -36.57 -18.27
CA LEU A 1424 16.62 -37.55 -17.56
C LEU A 1424 15.17 -37.47 -18.02
N ASN A 1425 14.32 -38.33 -17.47
CA ASN A 1425 12.95 -38.41 -17.95
C ASN A 1425 12.13 -37.20 -17.53
N LEU A 1426 12.42 -36.63 -16.37
CA LEU A 1426 11.71 -35.42 -15.94
C LEU A 1426 12.02 -34.25 -16.86
N GLY A 1427 13.28 -34.09 -17.24
CA GLY A 1427 13.62 -33.06 -18.20
C GLY A 1427 12.98 -33.30 -19.56
N MET A 1428 12.82 -34.57 -19.94
CA MET A 1428 12.17 -34.88 -21.21
C MET A 1428 10.70 -34.55 -21.17
N ILE A 1429 10.02 -34.84 -20.06
CA ILE A 1429 8.61 -34.45 -19.93
C ILE A 1429 8.49 -32.94 -19.84
N ALA A 1430 9.52 -32.27 -19.32
CA ALA A 1430 9.50 -30.81 -19.26
C ALA A 1430 9.58 -30.20 -20.66
N ALA A 1431 10.60 -30.59 -21.42
CA ALA A 1431 10.80 -30.02 -22.76
C ALA A 1431 9.75 -30.49 -23.76
N TYR A 1432 9.19 -31.69 -23.54
CA TYR A 1432 8.22 -32.22 -24.49
C TYR A 1432 6.91 -31.42 -24.46
N TYR A 1433 6.37 -31.22 -23.26
CA TYR A 1433 5.09 -30.54 -23.11
C TYR A 1433 5.23 -29.05 -22.89
N TYR A 1434 6.42 -28.49 -23.09
CA TYR A 1434 6.69 -27.07 -22.88
C TYR A 1434 6.19 -26.64 -21.50
N ILE A 1435 6.91 -27.12 -20.49
CA ILE A 1435 6.53 -26.96 -19.09
C ILE A 1435 7.76 -26.58 -18.26
N ASN A 1436 7.57 -25.64 -17.35
CA ASN A 1436 8.63 -25.20 -16.45
C ASN A 1436 9.11 -26.38 -15.59
N TYR A 1437 10.43 -26.45 -15.41
CA TYR A 1437 11.01 -27.61 -14.74
C TYR A 1437 10.64 -27.67 -13.26
N THR A 1438 10.43 -26.52 -12.61
CA THR A 1438 10.04 -26.54 -11.20
C THR A 1438 8.65 -27.13 -11.01
N THR A 1439 7.75 -26.88 -11.97
CA THR A 1439 6.50 -27.61 -12.00
C THR A 1439 6.74 -29.11 -12.02
N ILE A 1440 7.66 -29.57 -12.86
CA ILE A 1440 7.94 -30.99 -12.97
C ILE A 1440 8.49 -31.53 -11.65
N GLU A 1441 9.32 -30.74 -10.98
CA GLU A 1441 9.90 -31.17 -9.71
C GLU A 1441 8.83 -31.31 -8.64
N LEU A 1442 7.98 -30.29 -8.50
CA LEU A 1442 6.89 -30.39 -7.53
C LEU A 1442 5.96 -31.55 -7.86
N PHE A 1443 5.73 -31.79 -9.16
CA PHE A 1443 4.89 -32.90 -9.58
C PHE A 1443 5.50 -34.23 -9.13
N SER A 1444 6.78 -34.43 -9.47
CA SER A 1444 7.48 -35.66 -9.09
C SER A 1444 7.46 -35.87 -7.58
N MET A 1445 7.60 -34.80 -6.81
CA MET A 1445 7.64 -34.96 -5.36
C MET A 1445 6.26 -35.22 -4.78
N SER A 1446 5.21 -34.64 -5.38
CA SER A 1446 3.89 -34.67 -4.77
C SER A 1446 3.06 -35.88 -5.17
N LEU A 1447 3.22 -36.37 -6.41
CA LEU A 1447 2.32 -37.39 -6.91
C LEU A 1447 2.50 -38.72 -6.18
N ASN A 1448 3.71 -39.29 -6.24
CA ASN A 1448 4.05 -40.57 -5.61
C ASN A 1448 3.15 -41.65 -6.21
N ALA A 1449 2.58 -42.53 -5.40
CA ALA A 1449 1.51 -43.43 -5.82
C ALA A 1449 0.14 -42.94 -5.38
N LYS A 1450 0.07 -41.77 -4.74
CA LYS A 1450 -1.18 -41.23 -4.24
C LYS A 1450 -2.07 -40.77 -5.39
N THR A 1451 -3.29 -41.29 -5.42
CA THR A 1451 -4.25 -40.96 -6.47
C THR A 1451 -5.48 -40.32 -5.85
N LYS A 1452 -5.71 -39.05 -6.20
CA LYS A 1452 -6.91 -38.33 -5.82
C LYS A 1452 -7.24 -37.39 -6.97
N VAL A 1453 -8.48 -37.44 -7.46
CA VAL A 1453 -8.91 -36.50 -8.48
C VAL A 1453 -8.83 -35.07 -7.95
N ARG A 1454 -9.35 -34.86 -6.73
CA ARG A 1454 -9.32 -33.54 -6.11
C ARG A 1454 -7.89 -33.12 -5.80
N GLY A 1455 -7.11 -34.03 -5.21
CA GLY A 1455 -5.70 -33.77 -5.02
C GLY A 1455 -4.98 -33.49 -6.33
N LEU A 1456 -5.38 -34.18 -7.40
CA LEU A 1456 -4.78 -33.94 -8.70
C LEU A 1456 -5.07 -32.53 -9.19
N ILE A 1457 -6.30 -32.06 -8.98
CA ILE A 1457 -6.64 -30.68 -9.34
C ILE A 1457 -5.80 -29.70 -8.52
N GLU A 1458 -5.59 -30.02 -7.25
CA GLU A 1458 -4.76 -29.15 -6.41
C GLU A 1458 -3.31 -29.14 -6.90
N ILE A 1459 -2.77 -30.30 -7.27
CA ILE A 1459 -1.39 -30.38 -7.75
C ILE A 1459 -1.23 -29.59 -9.04
N ILE A 1460 -2.17 -29.77 -9.97
CA ILE A 1460 -2.12 -29.06 -11.23
C ILE A 1460 -2.23 -27.55 -11.01
N SER A 1461 -3.12 -27.14 -10.13
CA SER A 1461 -3.31 -25.71 -9.89
C SER A 1461 -2.04 -25.06 -9.37
N ASN A 1462 -1.44 -25.66 -8.33
CA ASN A 1462 -0.23 -25.11 -7.70
C ASN A 1462 0.99 -25.19 -8.59
N ALA A 1463 0.83 -25.60 -9.85
CA ALA A 1463 1.91 -25.52 -10.81
C ALA A 1463 2.37 -24.08 -10.99
N ALA A 1464 3.66 -23.90 -11.25
CA ALA A 1464 4.26 -22.57 -11.31
C ALA A 1464 3.80 -21.74 -12.50
N GLU A 1465 3.12 -22.35 -13.48
CA GLU A 1465 2.72 -21.59 -14.67
C GLU A 1465 1.58 -20.62 -14.38
N TYR A 1466 0.73 -20.92 -13.40
CA TYR A 1466 -0.49 -20.17 -13.18
C TYR A 1466 -0.32 -18.96 -12.26
N GLU A 1467 0.92 -18.52 -12.02
CA GLU A 1467 1.16 -17.45 -11.05
C GLU A 1467 0.82 -16.08 -11.63
N ASN A 1468 -0.45 -15.93 -12.02
CA ASN A 1468 -0.92 -14.71 -12.68
C ASN A 1468 -2.44 -14.63 -12.60
N ILE A 1469 -2.95 -13.40 -12.71
CA ILE A 1469 -4.35 -12.99 -12.97
C ILE A 1469 -5.06 -12.24 -11.83
N PRO A 1470 -4.89 -12.57 -10.54
CA PRO A 1470 -5.85 -12.07 -9.54
C PRO A 1470 -5.78 -10.56 -9.36
N ILE A 1471 -6.94 -9.96 -9.09
CA ILE A 1471 -7.07 -8.54 -8.72
C ILE A 1471 -8.44 -8.32 -8.09
N ARG A 1472 -8.46 -7.66 -6.93
CA ARG A 1472 -9.67 -7.48 -6.14
C ARG A 1472 -10.43 -8.79 -6.00
N HIS A 1473 -11.54 -8.93 -6.73
CA HIS A 1473 -12.32 -10.17 -6.78
C HIS A 1473 -12.48 -10.83 -5.41
N HIS A 1474 -13.12 -10.12 -4.48
CA HIS A 1474 -13.46 -10.84 -3.26
C HIS A 1474 -14.61 -11.82 -3.49
N GLU A 1475 -15.18 -11.83 -4.69
CA GLU A 1475 -16.25 -12.75 -5.04
C GLU A 1475 -15.76 -14.19 -5.06
N ASP A 1476 -14.45 -14.40 -5.09
CA ASP A 1476 -13.91 -15.74 -4.83
C ASP A 1476 -14.43 -16.27 -3.52
N ASN A 1477 -14.49 -15.41 -2.49
CA ASN A 1477 -15.18 -15.73 -1.25
C ASN A 1477 -16.54 -16.34 -1.54
N LEU A 1478 -17.35 -15.65 -2.34
CA LEU A 1478 -18.62 -16.22 -2.77
C LEU A 1478 -18.41 -17.56 -3.44
N LEU A 1479 -17.52 -17.62 -4.43
CA LEU A 1479 -17.14 -18.90 -5.01
C LEU A 1479 -16.66 -19.84 -3.91
N ARG A 1480 -15.85 -19.33 -2.98
CA ARG A 1480 -15.41 -20.13 -1.84
C ARG A 1480 -16.58 -20.76 -1.12
N GLN A 1481 -17.65 -19.99 -0.91
CA GLN A 1481 -18.85 -20.55 -0.30
C GLN A 1481 -19.36 -21.72 -1.13
N LEU A 1482 -19.54 -21.49 -2.43
CA LEU A 1482 -19.88 -22.60 -3.31
C LEU A 1482 -18.71 -23.54 -3.50
N ALA A 1483 -17.48 -23.07 -3.26
CA ALA A 1483 -16.34 -23.99 -3.18
C ALA A 1483 -16.35 -24.78 -1.88
N GLN A 1484 -17.04 -24.29 -0.84
CA GLN A 1484 -17.39 -25.15 0.27
C GLN A 1484 -18.33 -26.25 -0.19
N LYS A 1485 -19.09 -26.00 -1.26
CA LYS A 1485 -20.01 -27.00 -1.77
C LYS A 1485 -19.31 -27.95 -2.74
N VAL A 1486 -18.51 -27.41 -3.67
CA VAL A 1486 -17.84 -28.24 -4.66
C VAL A 1486 -16.95 -29.23 -3.91
N PRO A 1487 -16.70 -30.43 -4.49
CA PRO A 1487 -16.08 -31.53 -3.73
C PRO A 1487 -14.91 -31.19 -2.82
N HIS A 1488 -14.14 -30.15 -3.12
CA HIS A 1488 -12.95 -29.82 -2.35
C HIS A 1488 -13.11 -28.42 -1.78
N LYS A 1489 -13.27 -28.33 -0.46
CA LYS A 1489 -13.24 -27.06 0.25
C LYS A 1489 -11.96 -26.87 1.05
N LEU A 1490 -11.05 -27.84 1.02
CA LEU A 1490 -9.97 -27.91 2.00
C LEU A 1490 -8.93 -26.83 1.72
N ASN A 1491 -7.80 -26.92 2.44
CA ASN A 1491 -6.75 -25.91 2.48
C ASN A 1491 -7.29 -24.62 3.09
N ASN A 1492 -6.45 -23.90 3.80
CA ASN A 1492 -6.88 -22.64 4.38
C ASN A 1492 -7.24 -21.67 3.26
N PRO A 1493 -8.29 -20.87 3.43
CA PRO A 1493 -8.80 -20.08 2.30
C PRO A 1493 -7.90 -18.92 1.90
N LYS A 1494 -6.78 -19.21 1.24
CA LYS A 1494 -5.86 -18.15 0.80
C LYS A 1494 -6.42 -17.50 -0.47
N PHE A 1495 -7.42 -16.65 -0.27
CA PHE A 1495 -7.89 -15.86 -1.40
C PHE A 1495 -6.77 -14.92 -1.82
N ASN A 1496 -6.89 -14.40 -3.05
CA ASN A 1496 -5.91 -13.54 -3.71
C ASN A 1496 -4.70 -14.36 -4.19
N ASP A 1497 -4.60 -15.65 -3.86
CA ASP A 1497 -3.54 -16.52 -4.35
C ASP A 1497 -3.89 -17.06 -5.73
N PRO A 1498 -3.03 -16.89 -6.73
CA PRO A 1498 -3.38 -17.33 -8.09
C PRO A 1498 -3.81 -18.78 -8.18
N HIS A 1499 -3.05 -19.71 -7.59
CA HIS A 1499 -3.36 -21.14 -7.73
C HIS A 1499 -4.71 -21.48 -7.14
N VAL A 1500 -5.06 -20.83 -6.02
CA VAL A 1500 -6.38 -20.99 -5.44
C VAL A 1500 -7.45 -20.60 -6.44
N LYS A 1501 -7.28 -19.44 -7.08
CA LYS A 1501 -8.24 -19.00 -8.08
C LYS A 1501 -8.30 -19.98 -9.25
N THR A 1502 -7.15 -20.56 -9.63
CA THR A 1502 -7.15 -21.43 -10.80
C THR A 1502 -7.92 -22.71 -10.53
N ASN A 1503 -7.66 -23.39 -9.41
CA ASN A 1503 -8.42 -24.63 -9.20
C ASN A 1503 -9.87 -24.34 -8.81
N LEU A 1504 -10.13 -23.17 -8.20
CA LEU A 1504 -11.51 -22.77 -7.97
C LEU A 1504 -12.26 -22.63 -9.29
N LEU A 1505 -11.69 -21.89 -10.24
CA LEU A 1505 -12.29 -21.70 -11.54
C LEU A 1505 -12.42 -23.01 -12.30
N LEU A 1506 -11.41 -23.88 -12.18
CA LEU A 1506 -11.43 -25.17 -12.84
C LEU A 1506 -12.56 -26.03 -12.32
N GLN A 1507 -12.71 -26.11 -11.00
CA GLN A 1507 -13.75 -26.97 -10.44
C GLN A 1507 -15.13 -26.38 -10.68
N ALA A 1508 -15.23 -25.05 -10.79
CA ALA A 1508 -16.47 -24.45 -11.26
C ALA A 1508 -16.76 -24.85 -12.69
N HIS A 1509 -15.72 -24.90 -13.53
CA HIS A 1509 -15.88 -25.29 -14.92
C HIS A 1509 -16.36 -26.75 -15.04
N LEU A 1510 -15.79 -27.65 -14.25
CA LEU A 1510 -16.22 -29.05 -14.28
C LEU A 1510 -17.70 -29.18 -14.00
N SER A 1511 -18.22 -28.37 -13.08
CA SER A 1511 -19.64 -28.40 -12.72
C SER A 1511 -20.48 -27.50 -13.60
N ARG A 1512 -19.94 -27.08 -14.76
CA ARG A 1512 -20.64 -26.21 -15.72
C ARG A 1512 -21.31 -25.04 -15.01
N MET A 1513 -20.55 -24.39 -14.14
CA MET A 1513 -21.03 -23.28 -13.34
C MET A 1513 -20.92 -21.97 -14.11
N GLN A 1514 -21.88 -21.08 -13.88
CA GLN A 1514 -21.92 -19.79 -14.55
C GLN A 1514 -21.17 -18.77 -13.71
N LEU A 1515 -20.14 -18.16 -14.29
CA LEU A 1515 -19.32 -17.14 -13.63
C LEU A 1515 -19.30 -15.87 -14.46
N SER A 1516 -18.50 -14.91 -14.01
CA SER A 1516 -18.38 -13.63 -14.71
C SER A 1516 -17.58 -13.81 -16.00
N ALA A 1517 -17.49 -12.72 -16.78
CA ALA A 1517 -16.82 -12.77 -18.07
C ALA A 1517 -15.30 -12.75 -17.93
N GLU A 1518 -14.79 -11.81 -17.14
CA GLU A 1518 -13.37 -11.81 -16.78
C GLU A 1518 -12.96 -13.18 -16.24
N LEU A 1519 -13.79 -13.75 -15.37
CA LEU A 1519 -13.53 -15.10 -14.86
C LEU A 1519 -13.52 -16.11 -15.99
N GLN A 1520 -14.31 -15.88 -17.04
CA GLN A 1520 -14.33 -16.80 -18.18
C GLN A 1520 -13.04 -16.73 -18.98
N SER A 1521 -12.48 -15.54 -19.18
CA SER A 1521 -11.18 -15.44 -19.84
C SER A 1521 -10.11 -16.17 -19.03
N ASP A 1522 -10.12 -15.95 -17.71
CA ASP A 1522 -9.24 -16.70 -16.82
C ASP A 1522 -9.39 -18.20 -17.06
N THR A 1523 -10.64 -18.68 -17.06
CA THR A 1523 -10.93 -20.09 -17.30
C THR A 1523 -10.31 -20.57 -18.61
N GLU A 1524 -10.45 -19.79 -19.67
CA GLU A 1524 -9.95 -20.19 -20.98
C GLU A 1524 -8.45 -20.47 -20.93
N GLU A 1525 -7.67 -19.48 -20.48
CA GLU A 1525 -6.23 -19.67 -20.43
C GLU A 1525 -5.84 -20.84 -19.54
N ILE A 1526 -6.49 -20.94 -18.37
CA ILE A 1526 -6.22 -22.04 -17.44
C ILE A 1526 -6.47 -23.37 -18.13
N LEU A 1527 -7.53 -23.46 -18.94
CA LEU A 1527 -7.88 -24.73 -19.55
C LEU A 1527 -6.84 -25.20 -20.57
N SER A 1528 -6.34 -24.28 -21.40
CA SER A 1528 -5.32 -24.68 -22.38
C SER A 1528 -4.08 -25.22 -21.66
N LYS A 1529 -3.49 -24.38 -20.81
CA LYS A 1529 -2.31 -24.86 -20.10
C LYS A 1529 -2.65 -26.07 -19.24
N ALA A 1530 -3.92 -26.24 -18.89
CA ALA A 1530 -4.33 -27.38 -18.07
C ALA A 1530 -4.09 -28.68 -18.80
N ILE A 1531 -4.78 -28.88 -19.91
CA ILE A 1531 -4.59 -30.14 -20.66
C ILE A 1531 -3.12 -30.45 -20.90
N ARG A 1532 -2.30 -29.43 -21.23
CA ARG A 1532 -0.89 -29.80 -21.43
C ARG A 1532 -0.27 -30.31 -20.11
N LEU A 1533 -0.65 -29.70 -18.98
CA LEU A 1533 -0.11 -30.16 -17.69
C LEU A 1533 -0.60 -31.56 -17.33
N ILE A 1534 -1.89 -31.85 -17.55
CA ILE A 1534 -2.40 -33.19 -17.22
C ILE A 1534 -1.72 -34.25 -18.06
N GLN A 1535 -1.42 -33.94 -19.32
CA GLN A 1535 -0.61 -34.88 -20.10
C GLN A 1535 0.77 -35.09 -19.48
N ALA A 1536 1.39 -34.01 -19.02
CA ALA A 1536 2.66 -34.17 -18.32
C ALA A 1536 2.50 -35.08 -17.10
N CYS A 1537 1.41 -34.92 -16.36
CA CYS A 1537 1.18 -35.73 -15.17
C CYS A 1537 0.99 -37.19 -15.52
N VAL A 1538 0.30 -37.46 -16.63
CA VAL A 1538 0.13 -38.84 -17.09
C VAL A 1538 1.48 -39.45 -17.43
N ASP A 1539 2.32 -38.71 -18.16
CA ASP A 1539 3.63 -39.25 -18.51
C ASP A 1539 4.48 -39.49 -17.28
N VAL A 1540 4.36 -38.63 -16.26
CA VAL A 1540 5.11 -38.83 -15.01
C VAL A 1540 4.62 -40.09 -14.30
N LEU A 1541 3.31 -40.21 -14.11
CA LEU A 1541 2.75 -41.37 -13.43
C LEU A 1541 2.93 -42.66 -14.23
N SER A 1542 3.23 -42.56 -15.51
CA SER A 1542 3.52 -43.74 -16.32
C SER A 1542 5.00 -44.10 -16.29
N SER A 1543 5.89 -43.12 -16.18
CA SER A 1543 7.32 -43.39 -16.24
C SER A 1543 7.77 -44.25 -15.07
N ASN A 1544 7.23 -44.00 -13.87
CA ASN A 1544 7.61 -44.79 -12.70
C ASN A 1544 6.48 -44.88 -11.68
N GLY A 1545 5.39 -44.17 -11.90
CA GLY A 1545 4.31 -44.15 -10.94
C GLY A 1545 3.50 -45.43 -11.00
N TRP A 1546 2.37 -45.38 -10.31
CA TRP A 1546 1.45 -46.51 -10.21
C TRP A 1546 0.29 -46.32 -11.19
N LEU A 1547 -0.62 -47.29 -11.21
CA LEU A 1547 -1.63 -47.35 -12.27
C LEU A 1547 -2.83 -46.45 -11.98
N SER A 1548 -3.40 -46.57 -10.77
CA SER A 1548 -4.55 -45.75 -10.40
C SER A 1548 -4.33 -44.26 -10.59
N PRO A 1549 -3.19 -43.66 -10.23
CA PRO A 1549 -3.04 -42.21 -10.46
C PRO A 1549 -3.00 -41.82 -11.92
N ALA A 1550 -2.30 -42.58 -12.78
CA ALA A 1550 -2.31 -42.27 -14.20
C ALA A 1550 -3.72 -42.40 -14.77
N LEU A 1551 -4.44 -43.45 -14.39
CA LEU A 1551 -5.82 -43.61 -14.85
C LEU A 1551 -6.69 -42.45 -14.41
N ALA A 1552 -6.52 -42.00 -13.16
CA ALA A 1552 -7.30 -40.87 -12.67
C ALA A 1552 -6.94 -39.59 -13.41
N ALA A 1553 -5.67 -39.44 -13.81
CA ALA A 1553 -5.28 -38.25 -14.57
C ALA A 1553 -5.90 -38.25 -15.96
N MET A 1554 -5.98 -39.43 -16.60
CA MET A 1554 -6.69 -39.51 -17.87
C MET A 1554 -8.17 -39.16 -17.71
N GLU A 1555 -8.79 -39.70 -16.65
CA GLU A 1555 -10.18 -39.36 -16.37
C GLU A 1555 -10.34 -37.86 -16.16
N LEU A 1556 -9.36 -37.22 -15.52
CA LEU A 1556 -9.42 -35.78 -15.32
C LEU A 1556 -9.29 -35.03 -16.64
N ALA A 1557 -8.45 -35.52 -17.54
CA ALA A 1557 -8.36 -34.93 -18.87
C ALA A 1557 -9.71 -34.91 -19.55
N GLN A 1558 -10.38 -36.07 -19.60
CA GLN A 1558 -11.70 -36.09 -20.24
C GLN A 1558 -12.73 -35.27 -19.47
N MET A 1559 -12.63 -35.23 -18.14
CA MET A 1559 -13.54 -34.41 -17.34
C MET A 1559 -13.36 -32.94 -17.68
N VAL A 1560 -12.13 -32.51 -17.94
CA VAL A 1560 -11.88 -31.11 -18.27
C VAL A 1560 -12.39 -30.80 -19.67
N THR A 1561 -12.22 -31.75 -20.60
CA THR A 1561 -12.63 -31.50 -21.98
C THR A 1561 -14.14 -31.21 -22.08
N GLN A 1562 -14.96 -32.04 -21.45
CA GLN A 1562 -16.40 -31.96 -21.59
C GLN A 1562 -17.10 -31.24 -20.44
N ALA A 1563 -16.34 -30.58 -19.56
CA ALA A 1563 -16.87 -29.93 -18.36
C ALA A 1563 -17.85 -30.85 -17.63
N MET A 1564 -17.40 -32.06 -17.38
CA MET A 1564 -18.18 -33.10 -16.73
C MET A 1564 -17.46 -33.55 -15.48
N TRP A 1565 -18.21 -33.85 -14.42
CA TRP A 1565 -17.64 -34.49 -13.25
C TRP A 1565 -17.70 -36.00 -13.42
N SER A 1566 -16.73 -36.70 -12.82
CA SER A 1566 -16.63 -38.15 -12.97
C SER A 1566 -17.90 -38.87 -12.57
N LYS A 1567 -18.73 -38.25 -11.73
CA LYS A 1567 -20.01 -38.82 -11.30
C LYS A 1567 -21.16 -38.49 -12.25
N ASP A 1568 -21.06 -37.41 -13.01
CA ASP A 1568 -22.15 -36.99 -13.88
C ASP A 1568 -22.44 -38.06 -14.93
N SER A 1569 -23.67 -38.05 -15.43
CA SER A 1569 -24.06 -39.01 -16.46
C SER A 1569 -23.47 -38.61 -17.81
N TYR A 1570 -23.07 -39.62 -18.59
CA TYR A 1570 -22.43 -39.38 -19.88
C TYR A 1570 -23.29 -38.54 -20.81
N LEU A 1571 -24.61 -38.65 -20.68
CA LEU A 1571 -25.54 -37.91 -21.52
C LEU A 1571 -25.41 -36.41 -21.36
N LYS A 1572 -24.70 -35.93 -20.33
CA LYS A 1572 -24.40 -34.51 -20.19
C LYS A 1572 -23.50 -34.00 -21.30
N GLN A 1573 -22.88 -34.90 -22.08
CA GLN A 1573 -22.06 -34.52 -23.22
C GLN A 1573 -22.89 -34.12 -24.42
N LEU A 1574 -24.15 -34.55 -24.49
CA LEU A 1574 -24.98 -34.27 -25.65
C LEU A 1574 -25.42 -32.81 -25.65
N PRO A 1575 -25.35 -32.13 -26.80
CA PRO A 1575 -25.74 -30.72 -26.84
C PRO A 1575 -27.23 -30.52 -26.62
N HIS A 1576 -27.57 -29.31 -26.16
CA HIS A 1576 -28.96 -28.89 -25.96
C HIS A 1576 -29.73 -29.84 -25.05
N PHE A 1577 -29.01 -30.50 -24.13
CA PHE A 1577 -29.57 -31.50 -23.25
C PHE A 1577 -29.65 -30.92 -21.84
N THR A 1578 -30.86 -30.61 -21.39
CA THR A 1578 -31.04 -30.07 -20.05
C THR A 1578 -30.89 -31.17 -19.00
N SER A 1579 -30.80 -30.76 -17.74
CA SER A 1579 -30.76 -31.73 -16.65
C SER A 1579 -32.05 -32.53 -16.56
N GLU A 1580 -33.18 -31.88 -16.85
CA GLU A 1580 -34.44 -32.61 -16.93
C GLU A 1580 -34.40 -33.67 -18.03
N HIS A 1581 -33.64 -33.42 -19.09
CA HIS A 1581 -33.55 -34.38 -20.18
C HIS A 1581 -32.80 -35.65 -19.74
N ILE A 1582 -31.66 -35.48 -19.06
CA ILE A 1582 -30.95 -36.65 -18.57
C ILE A 1582 -31.73 -37.34 -17.46
N LYS A 1583 -32.54 -36.59 -16.72
CA LYS A 1583 -33.42 -37.22 -15.75
C LYS A 1583 -34.49 -38.06 -16.44
N ARG A 1584 -35.03 -37.58 -17.57
CA ARG A 1584 -35.94 -38.39 -18.36
C ARG A 1584 -35.27 -39.67 -18.85
N CYS A 1585 -34.03 -39.54 -19.34
CA CYS A 1585 -33.33 -40.71 -19.86
C CYS A 1585 -33.03 -41.72 -18.75
N THR A 1586 -32.65 -41.25 -17.57
CA THR A 1586 -32.41 -42.15 -16.44
C THR A 1586 -33.72 -42.69 -15.88
N ASP A 1587 -34.85 -42.02 -16.11
CA ASP A 1587 -36.13 -42.62 -15.79
C ASP A 1587 -36.39 -43.84 -16.66
N LYS A 1588 -35.93 -43.79 -17.91
CA LYS A 1588 -35.81 -44.98 -18.73
C LYS A 1588 -34.70 -45.90 -18.26
N GLY A 1589 -33.86 -45.44 -17.32
CA GLY A 1589 -32.68 -46.16 -16.92
C GLY A 1589 -31.54 -46.11 -17.91
N VAL A 1590 -31.82 -45.83 -19.18
CA VAL A 1590 -30.80 -45.79 -20.22
C VAL A 1590 -29.86 -44.62 -19.96
N GLU A 1591 -28.58 -44.93 -19.76
CA GLU A 1591 -27.54 -43.91 -19.62
C GLU A 1591 -26.43 -44.05 -20.64
N SER A 1592 -26.38 -45.15 -21.39
CA SER A 1592 -25.31 -45.36 -22.35
C SER A 1592 -25.33 -44.27 -23.41
N VAL A 1593 -24.14 -43.74 -23.71
CA VAL A 1593 -24.04 -42.61 -24.64
C VAL A 1593 -24.49 -43.01 -26.04
N PHE A 1594 -24.12 -44.21 -26.49
CA PHE A 1594 -24.56 -44.68 -27.80
C PHE A 1594 -25.87 -45.45 -27.75
N ASP A 1595 -26.47 -45.63 -26.58
CA ASP A 1595 -27.83 -46.14 -26.53
C ASP A 1595 -28.77 -45.23 -27.31
N ILE A 1596 -28.52 -43.92 -27.27
CA ILE A 1596 -29.28 -42.98 -28.08
C ILE A 1596 -29.12 -43.32 -29.57
N MET A 1597 -27.92 -43.73 -29.96
CA MET A 1597 -27.71 -44.14 -31.34
C MET A 1597 -28.47 -45.42 -31.66
N GLU A 1598 -28.77 -46.24 -30.65
CA GLU A 1598 -29.47 -47.49 -30.89
C GLU A 1598 -30.96 -47.28 -31.18
N MET A 1599 -31.56 -46.26 -30.59
CA MET A 1599 -32.99 -46.01 -30.78
C MET A 1599 -33.25 -45.44 -32.16
N GLU A 1600 -34.42 -45.80 -32.72
CA GLU A 1600 -34.83 -45.23 -33.99
C GLU A 1600 -35.11 -43.74 -33.84
N ASP A 1601 -34.83 -42.99 -34.92
CA ASP A 1601 -34.94 -41.53 -34.88
C ASP A 1601 -36.36 -41.09 -34.56
N GLU A 1602 -37.36 -41.86 -34.99
CA GLU A 1602 -38.73 -41.57 -34.57
C GLU A 1602 -38.88 -41.76 -33.06
N GLU A 1603 -38.34 -42.86 -32.53
CA GLU A 1603 -38.46 -43.13 -31.10
C GLU A 1603 -37.64 -42.13 -30.27
N ARG A 1604 -36.41 -41.86 -30.70
CA ARG A 1604 -35.58 -40.88 -30.00
C ARG A 1604 -36.19 -39.49 -30.09
N ASN A 1605 -36.86 -39.17 -31.22
CA ASN A 1605 -37.54 -37.89 -31.34
C ASN A 1605 -38.75 -37.83 -30.42
N ALA A 1606 -39.44 -38.95 -30.25
CA ALA A 1606 -40.56 -39.01 -29.31
C ALA A 1606 -40.09 -38.75 -27.88
N LEU A 1607 -38.96 -39.34 -27.49
CA LEU A 1607 -38.49 -39.13 -26.12
C LEU A 1607 -37.85 -37.76 -25.90
N LEU A 1608 -37.14 -37.23 -26.90
CA LEU A 1608 -36.32 -36.04 -26.68
C LEU A 1608 -37.15 -34.77 -26.60
N GLN A 1609 -38.07 -34.58 -27.54
CA GLN A 1609 -38.90 -33.37 -27.63
C GLN A 1609 -38.01 -32.14 -27.87
N LEU A 1610 -37.30 -32.16 -29.00
CA LEU A 1610 -36.25 -31.19 -29.28
C LEU A 1610 -36.48 -30.53 -30.64
N THR A 1611 -35.78 -29.41 -30.85
CA THR A 1611 -35.85 -28.64 -32.08
C THR A 1611 -34.88 -29.19 -33.12
N ASP A 1612 -35.26 -29.06 -34.39
CA ASP A 1612 -34.51 -29.70 -35.47
C ASP A 1612 -33.05 -29.24 -35.49
N SER A 1613 -32.79 -27.97 -35.19
CA SER A 1613 -31.41 -27.51 -35.09
C SER A 1613 -30.71 -28.15 -33.89
N GLN A 1614 -31.43 -28.25 -32.77
CA GLN A 1614 -30.89 -28.91 -31.59
C GLN A 1614 -30.59 -30.38 -31.89
N ILE A 1615 -31.54 -31.07 -32.54
CA ILE A 1615 -31.32 -32.46 -32.91
C ILE A 1615 -30.17 -32.59 -33.91
N ALA A 1616 -29.96 -31.56 -34.74
CA ALA A 1616 -28.84 -31.60 -35.68
C ALA A 1616 -27.50 -31.53 -34.95
N ASP A 1617 -27.39 -30.63 -33.97
CA ASP A 1617 -26.19 -30.59 -33.14
C ASP A 1617 -25.98 -31.92 -32.41
N VAL A 1618 -27.05 -32.47 -31.84
CA VAL A 1618 -26.96 -33.74 -31.12
C VAL A 1618 -26.50 -34.85 -32.06
N ALA A 1619 -26.99 -34.83 -33.31
CA ALA A 1619 -26.63 -35.88 -34.27
C ALA A 1619 -25.18 -35.75 -34.70
N ARG A 1620 -24.70 -34.52 -34.93
CA ARG A 1620 -23.28 -34.35 -35.20
C ARG A 1620 -22.44 -34.90 -34.06
N PHE A 1621 -22.87 -34.70 -32.82
CA PHE A 1621 -22.09 -35.23 -31.70
C PHE A 1621 -22.15 -36.76 -31.65
N CYS A 1622 -23.35 -37.33 -31.82
CA CYS A 1622 -23.48 -38.79 -31.80
C CYS A 1622 -22.62 -39.43 -32.88
N ASN A 1623 -22.49 -38.77 -34.03
CA ASN A 1623 -21.64 -39.30 -35.08
C ASN A 1623 -20.17 -39.11 -34.73
N ARG A 1624 -19.81 -37.94 -34.20
CA ARG A 1624 -18.43 -37.65 -33.84
C ARG A 1624 -17.98 -38.43 -32.61
N TYR A 1625 -18.90 -38.94 -31.81
CA TYR A 1625 -18.54 -39.70 -30.63
C TYR A 1625 -17.78 -40.95 -31.05
N PRO A 1626 -16.59 -41.19 -30.49
CA PRO A 1626 -15.74 -42.29 -30.99
C PRO A 1626 -16.25 -43.64 -30.55
N ASN A 1627 -16.50 -44.52 -31.53
CA ASN A 1627 -16.74 -45.93 -31.30
C ASN A 1627 -15.74 -46.70 -32.14
N ILE A 1628 -14.86 -47.44 -31.48
CA ILE A 1628 -13.72 -48.06 -32.14
C ILE A 1628 -13.75 -49.55 -31.87
N GLU A 1629 -13.20 -50.31 -32.81
CA GLU A 1629 -13.03 -51.75 -32.64
C GLU A 1629 -11.62 -52.00 -32.12
N LEU A 1630 -11.54 -52.65 -30.96
CA LEU A 1630 -10.29 -52.99 -30.29
C LEU A 1630 -10.08 -54.50 -30.35
N SER A 1631 -8.87 -54.92 -30.71
CA SER A 1631 -8.51 -56.33 -30.69
C SER A 1631 -7.18 -56.50 -29.97
N TYR A 1632 -7.18 -57.32 -28.93
CA TYR A 1632 -5.99 -57.64 -28.15
C TYR A 1632 -5.42 -58.98 -28.62
N GLU A 1633 -4.11 -59.07 -28.66
CA GLU A 1633 -3.44 -60.28 -29.15
C GLU A 1633 -2.09 -60.41 -28.47
N VAL A 1634 -1.70 -61.64 -28.18
CA VAL A 1634 -0.40 -61.93 -27.58
C VAL A 1634 0.37 -62.79 -28.57
N VAL A 1635 1.45 -62.24 -29.11
CA VAL A 1635 2.34 -63.05 -29.94
C VAL A 1635 2.96 -64.14 -29.08
N ASP A 1636 2.94 -65.37 -29.59
CA ASP A 1636 3.60 -66.54 -28.97
C ASP A 1636 3.12 -66.80 -27.54
N LYS A 1637 1.87 -66.41 -27.25
CA LYS A 1637 1.30 -66.36 -25.90
C LYS A 1637 1.81 -67.45 -24.97
N ASP A 1638 1.55 -68.73 -25.28
CA ASP A 1638 1.92 -69.81 -24.36
C ASP A 1638 3.44 -69.94 -24.23
N SER A 1639 4.18 -69.54 -25.25
CA SER A 1639 5.65 -69.66 -25.26
C SER A 1639 6.27 -68.32 -24.86
N ILE A 1640 6.17 -68.01 -23.57
CA ILE A 1640 6.82 -66.83 -23.01
C ILE A 1640 7.77 -67.27 -21.90
N ARG A 1641 8.70 -66.39 -21.57
CA ARG A 1641 9.74 -66.66 -20.59
C ARG A 1641 9.69 -65.60 -19.50
N SER A 1642 9.98 -66.02 -18.27
CA SER A 1642 9.90 -65.10 -17.14
C SER A 1642 10.90 -63.95 -17.28
N GLY A 1643 12.14 -64.27 -17.65
CA GLY A 1643 13.15 -63.23 -17.78
C GLY A 1643 13.02 -62.42 -19.06
N GLY A 1644 12.45 -63.02 -20.10
CA GLY A 1644 12.38 -62.39 -21.39
C GLY A 1644 11.23 -61.43 -21.51
N PRO A 1645 11.34 -60.50 -22.45
CA PRO A 1645 10.25 -59.55 -22.70
C PRO A 1645 9.14 -60.17 -23.53
N VAL A 1646 7.97 -59.54 -23.45
CA VAL A 1646 6.79 -59.94 -24.19
C VAL A 1646 6.17 -58.70 -24.83
N VAL A 1647 5.67 -58.85 -26.04
CA VAL A 1647 5.03 -57.78 -26.79
C VAL A 1647 3.56 -58.14 -26.97
N VAL A 1648 2.68 -57.23 -26.56
CA VAL A 1648 1.24 -57.39 -26.76
C VAL A 1648 0.80 -56.46 -27.88
N LEU A 1649 0.06 -57.00 -28.84
CA LEU A 1649 -0.34 -56.29 -30.04
C LEU A 1649 -1.82 -55.93 -29.95
N VAL A 1650 -2.12 -54.64 -30.07
CA VAL A 1650 -3.50 -54.15 -30.03
C VAL A 1650 -3.78 -53.45 -31.35
N GLN A 1651 -4.85 -53.87 -32.02
CA GLN A 1651 -5.27 -53.29 -33.30
C GLN A 1651 -6.55 -52.51 -33.07
N LEU A 1652 -6.56 -51.25 -33.54
CA LEU A 1652 -7.68 -50.34 -33.31
C LEU A 1652 -8.18 -49.81 -34.64
N GLU A 1653 -9.49 -49.89 -34.88
CA GLU A 1653 -10.04 -49.37 -36.12
C GLU A 1653 -11.31 -48.58 -35.86
N ARG A 1654 -11.31 -47.33 -36.35
CA ARG A 1654 -12.51 -46.51 -36.30
C ARG A 1654 -13.51 -47.00 -37.32
N GLU A 1655 -14.74 -47.26 -36.87
CA GLU A 1655 -15.78 -47.71 -37.79
C GLU A 1655 -16.28 -46.56 -38.66
N GLU A 1656 -16.50 -45.39 -38.06
CA GLU A 1656 -17.11 -44.29 -38.79
C GLU A 1656 -16.12 -43.66 -39.78
N GLU A 1657 -14.95 -43.28 -39.27
CA GLU A 1657 -13.90 -42.61 -40.06
C GLU A 1657 -14.39 -41.25 -40.54
N VAL A 1658 -14.75 -40.39 -39.57
CA VAL A 1658 -15.02 -38.99 -39.81
C VAL A 1658 -13.75 -38.19 -39.57
N THR A 1659 -13.63 -37.07 -40.26
CA THR A 1659 -12.52 -36.14 -40.11
C THR A 1659 -13.03 -34.82 -39.55
N GLY A 1660 -12.29 -34.29 -38.59
CA GLY A 1660 -12.68 -33.08 -37.89
C GLY A 1660 -12.13 -33.08 -36.48
N PRO A 1661 -12.38 -32.02 -35.74
CA PRO A 1661 -11.87 -31.94 -34.36
C PRO A 1661 -12.79 -32.61 -33.36
N VAL A 1662 -12.38 -32.64 -32.10
CA VAL A 1662 -13.23 -33.10 -31.01
C VAL A 1662 -14.25 -32.02 -30.70
N ILE A 1663 -15.52 -32.41 -30.59
CA ILE A 1663 -16.61 -31.47 -30.39
C ILE A 1663 -16.74 -31.19 -28.90
N ALA A 1664 -16.16 -30.07 -28.46
CA ALA A 1664 -16.27 -29.62 -27.08
C ALA A 1664 -16.43 -28.11 -27.10
N PRO A 1665 -17.68 -27.61 -27.14
CA PRO A 1665 -17.88 -26.15 -27.12
C PRO A 1665 -17.41 -25.51 -25.82
N LEU A 1666 -17.49 -26.23 -24.71
CA LEU A 1666 -17.01 -25.74 -23.42
C LEU A 1666 -15.49 -25.70 -23.35
N PHE A 1667 -14.81 -26.33 -24.29
CA PHE A 1667 -13.36 -26.23 -24.35
C PHE A 1667 -12.92 -25.04 -25.18
N PRO A 1668 -11.92 -24.28 -24.72
CA PRO A 1668 -11.51 -23.07 -25.44
C PRO A 1668 -10.91 -23.35 -26.81
N GLN A 1669 -9.72 -23.93 -26.84
CA GLN A 1669 -9.03 -24.19 -28.09
C GLN A 1669 -9.62 -25.43 -28.76
N LYS A 1670 -9.31 -25.58 -30.05
CA LYS A 1670 -9.76 -26.74 -30.81
C LYS A 1670 -8.77 -27.89 -30.61
N ARG A 1671 -9.30 -29.10 -30.47
CA ARG A 1671 -8.46 -30.24 -30.10
C ARG A 1671 -8.91 -31.49 -30.84
N GLU A 1672 -7.96 -32.38 -31.09
CA GLU A 1672 -8.17 -33.60 -31.85
C GLU A 1672 -8.24 -34.81 -30.91
N GLU A 1673 -8.71 -35.93 -31.45
CA GLU A 1673 -8.85 -37.14 -30.66
C GLU A 1673 -7.49 -37.66 -30.20
N GLY A 1674 -7.46 -38.18 -28.98
CA GLY A 1674 -6.27 -38.84 -28.45
C GLY A 1674 -6.70 -40.02 -27.60
N TRP A 1675 -5.78 -40.98 -27.44
CA TRP A 1675 -6.12 -42.24 -26.81
C TRP A 1675 -4.90 -42.78 -26.07
N TRP A 1676 -5.14 -43.50 -24.98
CA TRP A 1676 -4.09 -44.17 -24.22
C TRP A 1676 -4.35 -45.68 -24.15
N VAL A 1677 -3.27 -46.44 -23.96
CA VAL A 1677 -3.26 -47.89 -23.85
C VAL A 1677 -2.29 -48.25 -22.72
N VAL A 1678 -2.76 -49.00 -21.73
CA VAL A 1678 -2.01 -49.20 -20.49
C VAL A 1678 -2.13 -50.64 -20.01
N ILE A 1679 -1.01 -51.34 -19.97
CA ILE A 1679 -0.90 -52.65 -19.34
C ILE A 1679 -0.51 -52.43 -17.89
N GLY A 1680 -1.32 -52.95 -16.98
CA GLY A 1680 -1.03 -52.91 -15.56
C GLY A 1680 -2.17 -53.44 -14.72
N ASP A 1681 -1.85 -54.18 -13.66
CA ASP A 1681 -2.88 -54.77 -12.80
C ASP A 1681 -3.32 -53.80 -11.71
N ALA A 1682 -4.64 -53.75 -11.50
CA ALA A 1682 -5.21 -52.93 -10.44
C ALA A 1682 -5.10 -53.60 -9.08
N LYS A 1683 -4.96 -54.94 -9.04
CA LYS A 1683 -4.74 -55.62 -7.77
C LYS A 1683 -3.40 -55.21 -7.15
N SER A 1684 -2.36 -55.05 -7.97
CA SER A 1684 -1.05 -54.63 -7.50
C SER A 1684 -0.80 -53.13 -7.73
N ASN A 1685 -1.71 -52.45 -8.42
CA ASN A 1685 -1.58 -51.02 -8.71
C ASN A 1685 -0.31 -50.70 -9.49
N SER A 1686 0.19 -51.67 -10.25
CA SER A 1686 1.45 -51.53 -10.96
C SER A 1686 1.18 -51.32 -12.45
N LEU A 1687 1.62 -50.18 -12.98
CA LEU A 1687 1.55 -49.91 -14.41
C LEU A 1687 2.77 -50.50 -15.08
N ILE A 1688 2.57 -51.19 -16.20
CA ILE A 1688 3.63 -51.91 -16.88
C ILE A 1688 3.99 -51.27 -18.21
N SER A 1689 3.02 -51.09 -19.09
CA SER A 1689 3.31 -50.68 -20.47
C SER A 1689 2.32 -49.64 -20.95
N ILE A 1690 2.77 -48.41 -21.18
CA ILE A 1690 1.90 -47.32 -21.59
C ILE A 1690 2.28 -46.86 -22.98
N LYS A 1691 1.26 -46.49 -23.77
CA LYS A 1691 1.47 -45.88 -25.08
C LYS A 1691 0.22 -45.07 -25.47
N ARG A 1692 0.44 -43.86 -25.96
CA ARG A 1692 -0.62 -42.98 -26.41
C ARG A 1692 -0.57 -42.85 -27.93
N LEU A 1693 -1.73 -42.65 -28.55
CA LEU A 1693 -1.76 -42.62 -30.00
C LEU A 1693 -3.10 -42.09 -30.48
N THR A 1694 -3.07 -41.41 -31.63
CA THR A 1694 -4.26 -40.98 -32.36
C THR A 1694 -4.76 -42.13 -33.24
N LEU A 1695 -6.04 -42.07 -33.59
CA LEU A 1695 -6.65 -43.17 -34.33
C LEU A 1695 -7.29 -42.67 -35.62
N GLN A 1696 -6.53 -41.91 -36.41
CA GLN A 1696 -6.96 -41.58 -37.76
C GLN A 1696 -6.89 -42.83 -38.62
N GLN A 1697 -8.03 -43.16 -39.25
CA GLN A 1697 -8.24 -44.41 -40.01
C GLN A 1697 -8.18 -45.57 -39.00
N LYS A 1698 -7.37 -46.59 -39.24
CA LYS A 1698 -7.06 -47.63 -38.28
C LYS A 1698 -5.56 -47.65 -38.02
N ALA A 1699 -5.14 -48.31 -36.94
CA ALA A 1699 -3.72 -48.41 -36.66
C ALA A 1699 -3.42 -49.58 -35.73
N LYS A 1700 -2.24 -50.13 -35.89
CA LYS A 1700 -1.74 -51.20 -35.03
C LYS A 1700 -0.76 -50.59 -34.04
N VAL A 1701 -0.76 -51.08 -32.80
CA VAL A 1701 0.23 -50.65 -31.83
C VAL A 1701 0.73 -51.89 -31.10
N LYS A 1702 1.99 -51.84 -30.68
CA LYS A 1702 2.62 -52.91 -29.93
C LYS A 1702 3.19 -52.34 -28.65
N LEU A 1703 2.94 -53.04 -27.55
CA LEU A 1703 3.43 -52.65 -26.23
C LEU A 1703 4.45 -53.67 -25.76
N ASP A 1704 5.67 -53.19 -25.51
CA ASP A 1704 6.77 -54.02 -25.02
C ASP A 1704 6.78 -53.98 -23.51
N PHE A 1705 7.01 -55.13 -22.88
CA PHE A 1705 7.00 -55.17 -21.43
C PHE A 1705 7.77 -56.39 -20.95
N VAL A 1706 8.60 -56.19 -19.93
CA VAL A 1706 9.41 -57.28 -19.38
C VAL A 1706 8.53 -58.15 -18.49
N ALA A 1707 8.56 -59.45 -18.75
CA ALA A 1707 7.62 -60.36 -18.11
C ALA A 1707 7.96 -60.55 -16.63
N PRO A 1708 6.95 -60.85 -15.79
CA PRO A 1708 7.23 -61.21 -14.39
C PRO A 1708 7.82 -62.60 -14.27
N ALA A 1709 7.71 -63.21 -13.09
CA ALA A 1709 8.42 -64.46 -12.79
C ALA A 1709 7.44 -65.59 -12.53
N THR A 1710 7.18 -66.39 -13.57
CA THR A 1710 6.45 -67.66 -13.47
C THR A 1710 5.18 -67.54 -12.63
N GLY A 1711 4.39 -66.49 -12.91
CA GLY A 1711 3.16 -66.28 -12.20
C GLY A 1711 1.99 -65.85 -13.07
N ALA A 1712 0.78 -66.31 -12.73
CA ALA A 1712 -0.39 -65.92 -13.50
C ALA A 1712 -0.69 -64.44 -13.29
N HIS A 1713 -1.11 -63.77 -14.36
CA HIS A 1713 -1.39 -62.35 -14.30
C HIS A 1713 -2.48 -62.01 -15.32
N ASN A 1714 -3.29 -61.01 -14.97
CA ASN A 1714 -4.39 -60.57 -15.80
C ASN A 1714 -3.90 -59.68 -16.94
N TYR A 1715 -4.75 -59.51 -17.95
CA TYR A 1715 -4.42 -58.65 -19.08
C TYR A 1715 -5.09 -57.28 -18.98
N THR A 1716 -5.37 -56.83 -17.76
CA THR A 1716 -5.50 -55.43 -17.40
C THR A 1716 -6.55 -54.60 -18.14
N LEU A 1717 -6.35 -53.27 -18.12
CA LEU A 1717 -7.37 -52.26 -18.46
C LEU A 1717 -6.71 -51.17 -19.31
N TYR A 1718 -6.52 -51.46 -20.60
CA TYR A 1718 -5.73 -50.57 -21.43
C TYR A 1718 -6.47 -49.28 -21.76
N PHE A 1719 -7.69 -49.37 -22.26
CA PHE A 1719 -8.25 -48.30 -23.07
C PHE A 1719 -8.69 -47.09 -22.24
N MET A 1720 -8.19 -45.91 -22.63
CA MET A 1720 -8.44 -44.68 -21.92
C MET A 1720 -8.43 -43.53 -22.93
N SER A 1721 -9.21 -42.50 -22.63
CA SER A 1721 -9.41 -41.37 -23.53
C SER A 1721 -8.74 -40.11 -22.99
N ASP A 1722 -8.63 -39.11 -23.87
CA ASP A 1722 -8.15 -37.79 -23.50
C ASP A 1722 -9.18 -36.70 -23.74
N ALA A 1723 -10.42 -37.05 -24.09
CA ALA A 1723 -11.44 -36.04 -24.39
C ALA A 1723 -12.85 -36.53 -24.12
N TYR A 1724 -13.32 -37.50 -24.89
CA TYR A 1724 -14.67 -38.02 -24.69
C TYR A 1724 -14.73 -38.97 -23.51
N MET A 1725 -15.81 -38.87 -22.75
CA MET A 1725 -15.99 -39.63 -21.51
C MET A 1725 -17.03 -40.71 -21.72
N GLY A 1726 -16.69 -41.95 -21.35
CA GLY A 1726 -17.54 -43.09 -21.60
C GLY A 1726 -17.15 -43.93 -22.79
N CYS A 1727 -15.98 -43.68 -23.37
CA CYS A 1727 -15.45 -44.48 -24.48
C CYS A 1727 -14.41 -45.48 -24.00
N ASP A 1728 -14.38 -45.78 -22.71
CA ASP A 1728 -13.26 -46.49 -22.12
C ASP A 1728 -13.55 -47.97 -22.09
N GLN A 1729 -12.58 -48.78 -22.51
CA GLN A 1729 -12.77 -50.21 -22.68
C GLN A 1729 -11.76 -50.99 -21.83
N GLU A 1730 -12.00 -52.29 -21.71
CA GLU A 1730 -11.13 -53.18 -20.95
C GLU A 1730 -11.34 -54.61 -21.41
N TYR A 1731 -10.25 -55.29 -21.79
CA TYR A 1731 -10.28 -56.69 -22.17
C TYR A 1731 -9.26 -57.42 -21.31
N LYS A 1732 -9.64 -58.57 -20.76
CA LYS A 1732 -8.82 -59.30 -19.80
C LYS A 1732 -8.51 -60.70 -20.33
N PHE A 1733 -7.37 -61.23 -19.92
CA PHE A 1733 -6.86 -62.53 -20.39
C PHE A 1733 -5.69 -62.90 -19.49
N SER A 1734 -5.12 -64.09 -19.71
CA SER A 1734 -4.03 -64.56 -18.86
C SER A 1734 -3.31 -65.74 -19.51
N VAL A 1735 -1.97 -65.72 -19.46
CA VAL A 1735 -1.12 -66.81 -19.91
C VAL A 1735 0.17 -66.80 -19.11
N ASP A 1736 0.69 -67.99 -18.79
CA ASP A 1736 1.91 -68.15 -18.00
C ASP A 1736 3.13 -68.42 -18.89
N VAL A 1737 4.30 -68.38 -18.26
CA VAL A 1737 5.56 -68.57 -18.96
C VAL A 1737 5.94 -70.05 -19.03
N LEU B 3 18.76 44.02 52.64
CA LEU B 3 17.55 44.77 52.34
C LEU B 3 16.32 43.91 52.65
N GLY B 4 15.35 44.51 53.32
CA GLY B 4 14.22 43.75 53.84
C GLY B 4 13.30 43.28 52.74
N SER B 5 13.15 41.96 52.60
CA SER B 5 12.12 41.31 51.79
C SER B 5 12.28 41.56 50.30
N MET B 6 13.48 41.84 49.80
CA MET B 6 13.63 42.24 48.40
C MET B 6 13.58 41.02 47.49
N THR B 7 12.91 41.18 46.35
CA THR B 7 12.70 40.10 45.39
C THR B 7 14.04 39.65 44.82
N GLN B 8 14.45 38.42 45.14
CA GLN B 8 15.76 37.93 44.71
C GLN B 8 15.69 36.46 44.33
N THR B 9 16.00 36.17 43.07
CA THR B 9 16.17 34.81 42.59
C THR B 9 16.89 34.89 41.25
N PHE B 10 17.94 34.09 41.09
CA PHE B 10 18.72 34.09 39.86
C PHE B 10 18.12 33.10 38.87
N SER B 11 17.84 33.57 37.66
CA SER B 11 17.34 32.76 36.57
C SER B 11 18.25 32.97 35.36
N SER B 12 18.99 31.93 34.98
CA SER B 12 19.90 32.03 33.85
C SER B 12 19.98 30.69 33.16
N LYS B 13 20.54 30.70 31.95
CA LYS B 13 20.72 29.49 31.15
C LYS B 13 22.20 29.30 30.85
N THR B 14 22.54 28.09 30.42
CA THR B 14 23.93 27.78 30.09
C THR B 14 24.33 28.45 28.78
N GLU B 15 25.65 28.58 28.58
CA GLU B 15 26.18 29.26 27.40
C GLU B 15 25.90 28.46 26.13
N TRP B 16 25.98 27.14 26.21
CA TRP B 16 25.79 26.31 25.03
C TRP B 16 24.36 26.40 24.50
N ARG B 17 23.39 26.79 25.34
CA ARG B 17 22.05 27.09 24.83
C ARG B 17 22.11 28.21 23.80
N VAL B 18 22.67 29.36 24.20
CA VAL B 18 22.78 30.49 23.29
C VAL B 18 23.59 30.12 22.07
N ARG B 19 24.68 29.37 22.26
CA ARG B 19 25.51 29.00 21.12
C ARG B 19 24.75 28.08 20.15
N ALA B 20 23.86 27.23 20.66
CA ALA B 20 23.08 26.36 19.78
C ALA B 20 22.03 27.16 19.02
N ILE B 21 21.30 28.04 19.72
CA ILE B 21 20.33 28.89 19.02
C ILE B 21 21.05 29.73 17.96
N SER B 22 22.31 30.11 18.20
CA SER B 22 23.05 30.85 17.20
C SER B 22 23.43 29.96 16.02
N ALA B 23 23.96 28.76 16.28
CA ALA B 23 24.43 27.88 15.22
C ALA B 23 23.30 27.35 14.35
N ALA B 24 22.05 27.39 14.83
CA ALA B 24 20.93 26.95 14.01
C ALA B 24 20.81 27.72 12.69
N ASN B 25 21.34 28.93 12.61
CA ASN B 25 21.26 29.75 11.41
C ASN B 25 22.58 29.81 10.66
N LEU B 26 23.43 28.80 10.81
CA LEU B 26 24.72 28.79 10.13
C LEU B 26 24.56 28.55 8.64
N HIS B 27 23.49 27.86 8.24
CA HIS B 27 23.25 27.60 6.82
C HIS B 27 23.12 28.88 6.00
N LEU B 28 22.89 30.03 6.65
CA LEU B 28 22.75 31.28 5.92
C LEU B 28 24.08 31.76 5.35
N ARG B 29 25.15 31.71 6.15
CA ARG B 29 26.46 32.19 5.72
C ARG B 29 27.00 31.45 4.51
N THR B 30 26.32 30.42 4.03
CA THR B 30 26.87 29.57 2.98
C THR B 30 26.78 30.21 1.60
N ASN B 31 25.72 30.99 1.34
CA ASN B 31 25.60 31.63 0.03
C ASN B 31 26.53 32.82 -0.12
N HIS B 32 26.92 33.45 0.98
CA HIS B 32 27.89 34.54 0.97
C HIS B 32 29.19 34.00 1.56
N ILE B 33 29.96 33.32 0.72
CA ILE B 33 31.28 32.80 1.11
C ILE B 33 32.31 33.43 0.18
N TYR B 34 33.23 34.20 0.74
CA TYR B 34 34.25 34.89 -0.01
C TYR B 34 35.60 34.22 0.25
N VAL B 35 36.48 34.26 -0.76
CA VAL B 35 37.80 33.65 -0.67
C VAL B 35 38.84 34.73 -0.97
N SER B 36 39.80 34.89 -0.06
CA SER B 36 40.76 35.99 -0.13
C SER B 36 41.95 35.59 -1.00
N SER B 37 42.33 36.49 -1.91
CA SER B 37 43.50 36.31 -2.75
C SER B 37 44.31 37.61 -2.73
N ASP B 38 45.49 37.55 -2.11
CA ASP B 38 46.39 38.70 -2.16
C ASP B 38 46.87 38.97 -3.59
N ASP B 39 46.83 37.95 -4.44
CA ASP B 39 47.15 38.00 -5.87
C ASP B 39 48.64 38.23 -6.10
N ILE B 40 49.47 38.17 -5.06
CA ILE B 40 50.91 38.29 -5.17
C ILE B 40 51.62 36.98 -4.79
N LYS B 41 50.86 35.92 -4.50
CA LYS B 41 51.45 34.66 -4.06
C LYS B 41 52.32 34.02 -5.15
N GLU B 42 51.73 33.78 -6.34
CA GLU B 42 52.41 33.23 -7.51
C GLU B 42 53.27 32.01 -7.15
N THR B 43 52.75 31.16 -6.27
CA THR B 43 53.48 29.96 -5.86
C THR B 43 53.54 28.95 -7.00
N GLY B 44 52.38 28.54 -7.50
CA GLY B 44 52.33 27.52 -8.52
C GLY B 44 51.39 26.40 -8.14
N TYR B 45 51.41 26.01 -6.86
CA TYR B 45 50.51 24.97 -6.36
C TYR B 45 49.14 25.58 -6.09
N THR B 46 48.14 25.15 -6.85
CA THR B 46 46.79 25.71 -6.78
C THR B 46 45.84 24.66 -6.23
N TYR B 47 44.99 25.06 -5.28
CA TYR B 47 44.11 24.16 -4.55
C TYR B 47 42.67 24.51 -4.85
N ILE B 48 41.88 23.52 -5.26
CA ILE B 48 40.47 23.70 -5.63
C ILE B 48 39.61 23.00 -4.59
N LEU B 49 38.79 23.78 -3.89
CA LEU B 49 37.96 23.27 -2.82
C LEU B 49 36.51 23.20 -3.28
N PRO B 50 35.90 22.01 -3.33
CA PRO B 50 34.51 21.92 -3.79
C PRO B 50 33.54 22.54 -2.79
N LYS B 51 32.42 23.06 -3.31
CA LYS B 51 31.51 23.85 -2.48
C LYS B 51 30.73 22.99 -1.50
N ASN B 52 30.42 21.74 -1.86
CA ASN B 52 29.50 20.95 -1.03
C ASN B 52 30.11 20.60 0.31
N VAL B 53 31.36 20.10 0.30
CA VAL B 53 32.02 19.74 1.56
C VAL B 53 32.23 20.98 2.41
N LEU B 54 32.48 22.13 1.80
CA LEU B 54 32.65 23.36 2.57
C LEU B 54 31.34 23.80 3.21
N LYS B 55 30.23 23.65 2.49
CA LYS B 55 28.92 23.99 3.04
C LYS B 55 28.54 23.07 4.18
N LYS B 56 28.88 21.78 4.07
CA LYS B 56 28.61 20.87 5.19
C LYS B 56 29.59 21.12 6.34
N PHE B 57 30.82 21.50 6.05
CA PHE B 57 31.78 21.86 7.09
C PHE B 57 31.28 23.05 7.90
N ILE B 58 30.78 24.07 7.21
CA ILE B 58 30.28 25.27 7.87
C ILE B 58 28.96 25.00 8.61
N CYS B 59 28.06 24.22 8.00
CA CYS B 59 26.77 23.93 8.63
C CYS B 59 26.90 23.18 9.94
N ILE B 60 28.00 22.44 10.15
CA ILE B 60 28.15 21.61 11.34
C ILE B 60 29.04 22.24 12.40
N SER B 61 29.60 23.41 12.15
CA SER B 61 30.57 24.01 13.05
C SER B 61 29.89 24.81 14.15
N ASP B 62 30.69 25.43 15.01
CA ASP B 62 30.23 26.33 16.05
C ASP B 62 30.98 27.65 15.92
N LEU B 63 30.34 28.74 16.35
CA LEU B 63 30.96 30.06 16.20
C LEU B 63 32.11 30.25 17.18
N ARG B 64 31.95 29.78 18.42
CA ARG B 64 32.98 29.96 19.43
C ARG B 64 34.01 28.84 19.36
N ALA B 65 33.59 27.60 19.62
CA ALA B 65 34.51 26.47 19.62
C ALA B 65 34.88 26.08 18.20
N GLN B 66 36.17 25.88 17.96
CA GLN B 66 36.66 25.58 16.63
C GLN B 66 36.52 24.09 16.31
N ILE B 67 36.34 23.79 15.03
CA ILE B 67 36.34 22.43 14.51
C ILE B 67 37.33 22.36 13.36
N ALA B 68 37.80 21.14 13.08
CA ALA B 68 38.81 20.93 12.05
C ALA B 68 38.51 19.65 11.28
N GLY B 69 38.97 19.63 10.04
CA GLY B 69 38.88 18.44 9.21
C GLY B 69 40.14 18.26 8.42
N TYR B 70 40.56 17.01 8.27
CA TYR B 70 41.70 16.68 7.42
C TYR B 70 41.30 16.72 5.96
N LEU B 71 42.27 17.06 5.10
CA LEU B 71 42.04 17.18 3.66
C LEU B 71 42.79 16.10 2.92
N TYR B 72 42.09 15.39 2.03
CA TYR B 72 42.73 14.44 1.12
C TYR B 72 42.29 14.78 -0.31
N GLY B 73 43.24 14.72 -1.24
CA GLY B 73 42.94 15.05 -2.62
C GLY B 73 44.06 14.63 -3.54
N VAL B 74 43.74 14.58 -4.83
CA VAL B 74 44.70 14.22 -5.86
C VAL B 74 44.84 15.37 -6.85
N SER B 75 45.70 15.20 -7.85
CA SER B 75 45.89 16.14 -8.93
C SER B 75 45.05 15.73 -10.14
N PRO B 76 44.57 16.70 -10.92
CA PRO B 76 43.76 16.37 -12.09
C PRO B 76 44.55 15.54 -13.10
N PRO B 77 43.88 15.00 -14.12
CA PRO B 77 44.58 14.11 -15.06
C PRO B 77 45.87 14.67 -15.65
N ASP B 78 45.84 15.85 -16.25
CA ASP B 78 46.98 16.36 -17.00
C ASP B 78 47.84 17.35 -16.22
N ASN B 79 47.28 18.03 -15.22
CA ASN B 79 47.97 19.15 -14.59
C ASN B 79 48.54 18.75 -13.24
N PRO B 80 49.85 18.51 -13.12
CA PRO B 80 50.41 18.22 -11.79
C PRO B 80 50.33 19.41 -10.86
N GLN B 81 50.39 20.63 -11.41
CA GLN B 81 50.43 21.84 -10.60
C GLN B 81 49.15 22.04 -9.80
N VAL B 82 48.05 21.45 -10.23
CA VAL B 82 46.76 21.62 -9.58
C VAL B 82 46.55 20.50 -8.57
N LYS B 83 45.91 20.82 -7.45
CA LYS B 83 45.56 19.83 -6.44
C LYS B 83 44.12 20.08 -6.03
N GLU B 84 43.25 19.11 -6.32
CA GLU B 84 41.82 19.25 -6.07
C GLU B 84 41.48 18.52 -4.77
N ILE B 85 41.16 19.29 -3.74
CA ILE B 85 40.64 18.71 -2.50
C ILE B 85 39.41 17.88 -2.83
N ARG B 86 39.47 16.58 -2.52
CA ARG B 86 38.38 15.68 -2.89
C ARG B 86 37.75 14.94 -1.71
N CYS B 87 38.27 15.09 -0.50
CA CYS B 87 37.65 14.46 0.66
C CYS B 87 38.04 15.20 1.93
N ILE B 88 37.10 15.30 2.86
CA ILE B 88 37.33 15.88 4.18
C ILE B 88 37.05 14.80 5.22
N VAL B 89 38.05 14.53 6.04
CA VAL B 89 37.98 13.50 7.08
C VAL B 89 37.77 14.19 8.42
N MET B 90 36.60 13.97 9.02
CA MET B 90 36.31 14.47 10.35
C MET B 90 36.71 13.42 11.37
N VAL B 91 37.50 13.83 12.35
CA VAL B 91 38.04 12.92 13.36
C VAL B 91 37.57 13.40 14.72
N PRO B 92 37.57 12.53 15.73
CA PRO B 92 37.13 12.95 17.07
C PRO B 92 38.03 14.06 17.59
N GLN B 93 37.43 15.18 17.97
CA GLN B 93 38.19 16.38 18.31
C GLN B 93 37.55 17.07 19.50
N TRP B 94 38.30 18.02 20.07
CA TRP B 94 37.72 18.98 21.02
C TRP B 94 38.45 20.30 20.87
N GLY B 95 37.71 21.39 20.78
CA GLY B 95 38.27 22.66 20.37
C GLY B 95 37.99 23.80 21.33
N THR B 96 38.89 24.78 21.29
CA THR B 96 38.70 26.11 21.88
C THR B 96 38.81 27.15 20.78
N HIS B 97 38.66 28.41 21.15
CA HIS B 97 38.61 29.49 20.17
C HIS B 97 39.95 29.75 19.50
N GLN B 98 41.05 29.23 20.04
CA GLN B 98 42.38 29.44 19.47
C GLN B 98 42.91 28.22 18.72
N THR B 99 42.84 27.04 19.35
CA THR B 99 43.41 25.82 18.77
C THR B 99 42.38 24.71 18.87
N VAL B 100 42.62 23.65 18.10
CA VAL B 100 41.76 22.46 18.09
C VAL B 100 42.63 21.26 18.47
N HIS B 101 42.12 20.44 19.38
CA HIS B 101 42.84 19.27 19.88
C HIS B 101 42.33 18.05 19.13
N LEU B 102 43.25 17.39 18.42
CA LEU B 102 43.01 16.31 17.48
C LEU B 102 43.78 15.08 17.94
N PRO B 103 43.39 13.89 17.49
CA PRO B 103 44.14 12.69 17.85
C PRO B 103 45.49 12.65 17.14
N GLY B 104 46.45 11.97 17.77
CA GLY B 104 47.74 11.79 17.14
C GLY B 104 47.71 10.88 15.94
N GLN B 105 46.63 10.10 15.78
CA GLN B 105 46.50 9.19 14.65
C GLN B 105 45.94 9.93 13.44
N LEU B 106 46.68 9.88 12.34
CA LEU B 106 46.17 10.43 11.10
C LEU B 106 45.16 9.46 10.49
N PRO B 107 44.28 9.95 9.61
CA PRO B 107 43.27 9.06 9.03
C PRO B 107 43.91 7.90 8.28
N GLN B 108 43.30 6.72 8.42
CA GLN B 108 43.74 5.53 7.70
C GLN B 108 42.51 4.76 7.22
N HIS B 109 42.37 4.62 5.91
CA HIS B 109 41.28 3.88 5.31
C HIS B 109 41.66 3.50 3.89
N GLU B 110 40.85 2.64 3.28
CA GLU B 110 41.13 2.17 1.93
C GLU B 110 40.92 3.27 0.90
N TYR B 111 39.79 3.98 0.96
CA TYR B 111 39.53 5.06 0.00
C TYR B 111 40.65 6.08 -0.01
N LEU B 112 41.10 6.50 1.17
CA LEU B 112 42.12 7.52 1.28
C LEU B 112 43.48 7.05 0.79
N LYS B 113 43.63 5.76 0.47
CA LYS B 113 44.92 5.24 0.05
C LYS B 113 45.33 5.79 -1.31
N GLU B 114 44.36 6.16 -2.15
CA GLU B 114 44.66 6.67 -3.48
C GLU B 114 44.85 8.18 -3.51
N MET B 115 44.39 8.89 -2.49
CA MET B 115 44.48 10.34 -2.42
C MET B 115 45.60 10.78 -1.48
N GLU B 116 46.15 11.97 -1.74
CA GLU B 116 47.25 12.57 -0.99
C GLU B 116 46.72 13.37 0.20
N PRO B 117 47.34 13.26 1.37
CA PRO B 117 47.00 14.19 2.46
C PRO B 117 47.47 15.60 2.11
N LEU B 118 46.52 16.49 1.87
CA LEU B 118 46.78 17.85 1.42
C LEU B 118 46.78 18.86 2.56
N GLY B 119 46.66 18.42 3.80
CA GLY B 119 46.64 19.37 4.90
C GLY B 119 45.44 19.29 5.80
N TRP B 120 44.98 20.44 6.29
CA TRP B 120 43.78 20.47 7.13
C TRP B 120 43.07 21.81 6.96
N ILE B 121 41.80 21.81 7.34
CA ILE B 121 40.95 22.99 7.29
C ILE B 121 40.31 23.15 8.65
N HIS B 122 40.17 24.39 9.10
CA HIS B 122 39.55 24.64 10.40
C HIS B 122 38.81 25.98 10.39
N THR B 123 37.81 26.07 11.26
CA THR B 123 37.07 27.29 11.46
C THR B 123 37.89 28.27 12.31
N GLN B 124 37.44 29.53 12.33
CA GLN B 124 38.13 30.59 13.05
C GLN B 124 37.14 31.70 13.38
N PRO B 125 36.94 32.03 14.65
CA PRO B 125 35.91 33.04 14.98
C PRO B 125 36.28 34.46 14.58
N ASN B 126 37.57 34.80 14.59
CA ASN B 126 38.04 36.12 14.20
C ASN B 126 38.97 36.02 13.00
N GLU B 127 38.78 36.91 12.03
CA GLU B 127 39.57 36.92 10.81
C GLU B 127 40.90 37.64 11.04
N SER B 128 41.76 36.99 11.82
CA SER B 128 43.08 37.56 12.06
C SER B 128 43.85 37.60 10.75
N PRO B 129 44.59 38.68 10.47
CA PRO B 129 45.30 38.78 9.18
C PRO B 129 46.53 37.90 9.06
N GLN B 130 46.81 37.05 10.05
CA GLN B 130 48.01 36.22 10.02
C GLN B 130 47.65 34.81 10.49
N LEU B 131 48.50 33.85 10.12
CA LEU B 131 48.31 32.47 10.55
C LEU B 131 48.64 32.33 12.03
N SER B 132 47.71 31.72 12.78
CA SER B 132 47.85 31.66 14.23
C SER B 132 49.13 30.92 14.63
N PRO B 133 49.77 31.33 15.72
CA PRO B 133 50.89 30.53 16.24
C PRO B 133 50.46 29.13 16.62
N GLN B 134 49.26 28.99 17.19
CA GLN B 134 48.75 27.65 17.50
C GLN B 134 48.60 26.82 16.24
N ASP B 135 48.14 27.45 15.15
CA ASP B 135 48.00 26.72 13.90
C ASP B 135 49.36 26.30 13.34
N VAL B 136 50.35 27.18 13.44
CA VAL B 136 51.71 26.83 12.99
C VAL B 136 52.24 25.66 13.80
N THR B 137 52.06 25.72 15.13
CA THR B 137 52.56 24.66 16.00
C THR B 137 51.87 23.33 15.71
N THR B 138 50.54 23.34 15.53
CA THR B 138 49.82 22.11 15.26
C THR B 138 50.23 21.51 13.93
N HIS B 139 50.36 22.36 12.89
CA HIS B 139 50.77 21.83 11.59
C HIS B 139 52.19 21.27 11.65
N ALA B 140 53.10 21.93 12.34
CA ALA B 140 54.47 21.44 12.39
C ALA B 140 54.59 20.17 13.21
N LYS B 141 53.80 20.05 14.28
CA LYS B 141 53.83 18.81 15.06
C LYS B 141 53.23 17.66 14.27
N ILE B 142 52.14 17.91 13.54
CA ILE B 142 51.56 16.87 12.68
C ILE B 142 52.56 16.47 11.59
N MET B 143 53.31 17.45 11.08
CA MET B 143 54.32 17.17 10.07
C MET B 143 55.44 16.28 10.63
N ALA B 144 55.92 16.59 11.83
CA ALA B 144 57.04 15.84 12.38
C ALA B 144 56.64 14.43 12.78
N ASP B 145 55.48 14.26 13.41
CA ASP B 145 55.09 12.92 13.84
C ASP B 145 54.69 12.02 12.67
N ASN B 146 54.14 12.59 11.61
CA ASN B 146 53.73 11.84 10.42
C ASN B 146 54.37 12.44 9.18
N PRO B 147 55.30 11.75 8.52
CA PRO B 147 55.93 12.31 7.32
C PRO B 147 55.09 12.24 6.06
N SER B 148 53.80 11.91 6.18
CA SER B 148 52.91 11.90 5.03
C SER B 148 52.58 13.30 4.53
N TRP B 149 52.86 14.33 5.33
CA TRP B 149 52.53 15.71 5.00
C TRP B 149 53.79 16.42 4.56
N ASP B 150 53.98 16.57 3.25
CA ASP B 150 55.07 17.40 2.76
C ASP B 150 54.72 18.87 2.95
N GLY B 151 55.69 19.64 3.43
CA GLY B 151 55.43 21.03 3.75
C GLY B 151 54.97 21.85 2.55
N GLU B 152 55.37 21.44 1.34
CA GLU B 152 55.00 22.15 0.13
C GLU B 152 53.63 21.76 -0.40
N LYS B 153 53.13 20.58 -0.06
CA LYS B 153 51.84 20.11 -0.57
C LYS B 153 50.75 20.04 0.50
N THR B 154 51.02 20.50 1.72
CA THR B 154 50.01 20.55 2.76
C THR B 154 49.72 22.00 3.13
N ILE B 155 48.44 22.30 3.34
CA ILE B 155 48.01 23.65 3.62
C ILE B 155 47.16 23.67 4.89
N ILE B 156 47.07 24.86 5.47
CA ILE B 156 46.14 25.19 6.54
C ILE B 156 45.10 26.10 5.91
N ILE B 157 43.88 25.59 5.76
CA ILE B 157 42.76 26.40 5.29
C ILE B 157 42.06 26.96 6.51
N THR B 158 41.82 28.27 6.51
CA THR B 158 41.17 28.93 7.63
C THR B 158 39.87 29.54 7.13
N CYS B 159 38.76 29.12 7.72
CA CYS B 159 37.43 29.65 7.41
C CYS B 159 37.03 30.60 8.53
N SER B 160 37.14 31.90 8.28
CA SER B 160 36.93 32.93 9.28
C SER B 160 35.50 33.43 9.26
N PHE B 161 34.90 33.55 10.44
CA PHE B 161 33.48 33.92 10.61
C PHE B 161 33.29 35.43 10.51
N THR B 162 33.42 35.92 9.28
CA THR B 162 33.16 37.32 8.99
C THR B 162 31.68 37.64 9.18
N PRO B 163 31.30 38.91 9.19
CA PRO B 163 29.89 39.25 9.43
C PRO B 163 28.98 38.70 8.36
N GLY B 164 28.12 37.76 8.76
CA GLY B 164 27.10 37.21 7.90
C GLY B 164 27.65 36.42 6.72
N SER B 165 28.94 36.09 6.78
CA SER B 165 29.61 35.40 5.70
C SER B 165 30.73 34.55 6.31
N CYS B 166 31.59 34.00 5.46
CA CYS B 166 32.74 33.21 5.89
C CYS B 166 33.85 33.35 4.86
N THR B 167 34.96 33.94 5.27
CA THR B 167 36.08 34.21 4.38
C THR B 167 37.14 33.12 4.52
N LEU B 168 37.53 32.54 3.40
CA LEU B 168 38.51 31.48 3.37
C LEU B 168 39.88 32.06 3.05
N THR B 169 40.93 31.55 3.69
CA THR B 169 42.27 31.83 3.20
C THR B 169 43.19 30.66 3.52
N ALA B 170 44.08 30.36 2.58
CA ALA B 170 44.91 29.16 2.62
C ALA B 170 46.38 29.53 2.82
N TYR B 171 47.06 28.76 3.66
CA TYR B 171 48.45 29.01 4.01
C TYR B 171 49.24 27.73 3.87
N LYS B 172 50.53 27.85 3.59
CA LYS B 172 51.44 26.71 3.62
C LYS B 172 52.63 27.08 4.49
N LEU B 173 53.15 26.10 5.22
CA LEU B 173 54.25 26.37 6.13
C LEU B 173 55.57 26.43 5.36
N THR B 174 56.45 27.32 5.80
CA THR B 174 57.82 27.39 5.31
C THR B 174 58.74 26.66 6.27
N PRO B 175 59.91 26.21 5.81
CA PRO B 175 60.77 25.37 6.68
C PRO B 175 61.09 25.96 8.04
N SER B 176 61.36 27.27 8.12
CA SER B 176 61.56 27.89 9.42
C SER B 176 60.30 27.78 10.28
N GLY B 177 59.13 27.86 9.65
CA GLY B 177 57.89 27.64 10.38
C GLY B 177 57.76 26.23 10.91
N TYR B 178 58.17 25.25 10.09
CA TYR B 178 58.19 23.85 10.56
C TYR B 178 59.07 23.71 11.80
N GLU B 179 60.27 24.29 11.76
CA GLU B 179 61.19 24.15 12.89
C GLU B 179 60.64 24.85 14.14
N TRP B 180 60.14 26.06 13.99
CA TRP B 180 59.61 26.75 15.15
C TRP B 180 58.40 26.02 15.73
N GLY B 181 57.54 25.48 14.85
CA GLY B 181 56.38 24.76 15.34
C GLY B 181 56.73 23.45 16.01
N ARG B 182 57.84 22.82 15.59
CA ARG B 182 58.28 21.64 16.32
C ARG B 182 58.86 22.01 17.69
N GLN B 183 59.48 23.20 17.81
CA GLN B 183 60.14 23.55 19.06
C GLN B 183 59.21 24.19 20.09
N ASN B 184 57.99 24.60 19.72
CA ASN B 184 57.15 25.42 20.58
C ASN B 184 56.37 24.57 21.58
N THR B 185 56.53 24.86 22.87
CA THR B 185 55.68 24.30 23.92
C THR B 185 54.87 25.38 24.63
N ASP B 186 54.93 26.63 24.14
CA ASP B 186 54.15 27.73 24.69
C ASP B 186 52.85 27.89 23.92
N LYS B 187 51.78 28.20 24.64
CA LYS B 187 50.46 28.38 24.05
C LYS B 187 49.99 29.84 24.10
N GLY B 188 50.91 30.77 24.31
CA GLY B 188 50.54 32.17 24.31
C GLY B 188 50.07 32.65 22.95
N ASN B 189 49.30 33.73 22.95
CA ASN B 189 48.78 34.28 21.71
C ASN B 189 49.86 34.99 20.90
N ASN B 190 50.94 35.43 21.54
CA ASN B 190 52.11 35.98 20.84
C ASN B 190 53.32 35.35 21.52
N PRO B 191 53.63 34.08 21.21
CA PRO B 191 54.64 33.35 21.98
C PRO B 191 56.05 33.58 21.50
N LYS B 192 56.95 32.68 21.89
CA LYS B 192 58.36 32.81 21.54
C LYS B 192 58.59 32.48 20.06
N GLY B 193 59.45 33.27 19.43
CA GLY B 193 59.91 32.98 18.08
C GLY B 193 58.83 32.88 17.02
N TYR B 194 57.79 33.68 17.13
CA TYR B 194 56.71 33.71 16.14
C TYR B 194 56.94 34.88 15.19
N LEU B 195 56.83 34.62 13.89
CA LEU B 195 57.14 35.63 12.89
C LEU B 195 56.42 35.29 11.59
N PRO B 196 55.99 36.30 10.82
CA PRO B 196 55.18 36.03 9.62
C PRO B 196 55.93 35.35 8.49
N SER B 197 57.27 35.31 8.54
CA SER B 197 58.01 34.55 7.54
C SER B 197 58.00 33.06 7.82
N HIS B 198 57.27 32.61 8.84
CA HIS B 198 57.12 31.19 9.14
C HIS B 198 56.09 30.50 8.25
N TYR B 199 55.25 31.27 7.57
CA TYR B 199 54.24 30.73 6.69
C TYR B 199 54.20 31.56 5.41
N GLU B 200 53.39 31.12 4.45
CA GLU B 200 53.27 31.77 3.17
C GLU B 200 51.87 31.51 2.64
N ARG B 201 51.38 32.39 1.78
CA ARG B 201 50.01 32.27 1.29
C ARG B 201 50.00 31.48 -0.01
N VAL B 202 49.12 30.49 -0.09
CA VAL B 202 48.96 29.66 -1.26
C VAL B 202 47.58 29.93 -1.85
N GLN B 203 47.41 29.52 -3.12
CA GLN B 203 46.18 29.81 -3.85
C GLN B 203 45.11 28.77 -3.53
N MET B 204 43.97 29.24 -3.04
CA MET B 204 42.79 28.43 -2.84
C MET B 204 41.71 28.85 -3.83
N LEU B 205 40.94 27.86 -4.31
CA LEU B 205 39.88 28.09 -5.27
C LEU B 205 38.60 27.41 -4.80
N LEU B 206 37.48 28.08 -4.94
CA LEU B 206 36.18 27.48 -4.72
C LEU B 206 35.58 27.07 -6.05
N SER B 207 34.95 25.89 -6.08
CA SER B 207 34.37 25.38 -7.31
C SER B 207 33.13 24.57 -6.99
N ASP B 208 32.22 24.51 -7.98
CA ASP B 208 31.08 23.60 -7.96
C ASP B 208 31.06 22.72 -9.19
N ARG B 209 32.24 22.48 -9.79
CA ARG B 209 32.36 21.63 -10.97
C ARG B 209 32.33 20.15 -10.60
N PHE B 210 33.09 19.75 -9.57
CA PHE B 210 33.10 18.40 -9.04
C PHE B 210 32.62 18.42 -7.59
N LEU B 211 32.37 17.24 -7.05
CA LEU B 211 31.81 17.10 -5.72
C LEU B 211 32.77 16.33 -4.82
N GLY B 212 32.85 16.73 -3.56
CA GLY B 212 33.67 16.02 -2.60
C GLY B 212 32.84 15.29 -1.57
N PHE B 213 33.44 14.35 -0.85
CA PHE B 213 32.72 13.53 0.12
C PHE B 213 33.41 13.60 1.48
N PHE B 214 32.62 13.33 2.53
CA PHE B 214 33.13 13.28 3.89
C PHE B 214 33.38 11.84 4.31
N MET B 215 34.35 11.66 5.20
CA MET B 215 34.52 10.41 5.91
C MET B 215 34.51 10.69 7.41
N VAL B 216 33.67 9.97 8.13
CA VAL B 216 33.46 10.24 9.55
C VAL B 216 33.84 8.98 10.32
N PRO B 217 34.22 9.10 11.58
CA PRO B 217 34.63 7.90 12.33
C PRO B 217 33.47 6.91 12.43
N ALA B 218 33.81 5.63 12.40
CA ALA B 218 32.77 4.60 12.26
C ALA B 218 32.11 4.27 13.59
N GLN B 219 32.84 4.38 14.71
CA GLN B 219 32.29 4.00 15.99
C GLN B 219 31.58 5.17 16.68
N SER B 220 32.34 6.21 17.03
CA SER B 220 31.80 7.45 17.55
C SER B 220 31.90 8.53 16.48
N SER B 221 31.17 9.62 16.68
CA SER B 221 31.23 10.69 15.69
C SER B 221 32.47 11.55 15.90
N TRP B 222 32.41 12.82 15.50
CA TRP B 222 33.57 13.69 15.57
C TRP B 222 33.53 14.67 16.73
N ASN B 223 32.34 15.05 17.20
CA ASN B 223 32.20 16.10 18.21
C ASN B 223 32.34 15.50 19.61
N TYR B 224 33.57 15.46 20.10
CA TYR B 224 33.84 15.15 21.50
C TYR B 224 33.89 16.42 22.35
N ASN B 225 33.52 17.57 21.78
CA ASN B 225 33.58 18.83 22.51
C ASN B 225 32.68 18.80 23.75
N PHE B 226 31.50 18.20 23.62
CA PHE B 226 30.57 18.12 24.73
C PHE B 226 30.96 17.06 25.75
N MET B 227 31.91 16.19 25.42
CA MET B 227 32.43 15.17 26.34
C MET B 227 33.95 15.17 26.27
N GLY B 228 34.56 16.34 26.52
CA GLY B 228 35.99 16.49 26.38
C GLY B 228 36.81 15.54 27.22
N VAL B 229 36.20 14.90 28.22
CA VAL B 229 36.93 13.94 29.05
C VAL B 229 37.34 12.73 28.23
N ARG B 230 36.42 12.20 27.42
CA ARG B 230 36.68 10.97 26.68
C ARG B 230 37.78 11.12 25.63
N HIS B 231 38.28 12.33 25.39
CA HIS B 231 39.25 12.58 24.34
C HIS B 231 40.66 12.53 24.90
N ASP B 232 41.41 11.51 24.52
CA ASP B 232 42.83 11.40 24.79
C ASP B 232 43.58 11.44 23.47
N PRO B 233 44.65 12.23 23.35
CA PRO B 233 45.36 12.33 22.07
C PRO B 233 45.88 11.01 21.54
N ASN B 234 46.16 10.04 22.40
CA ASN B 234 46.58 8.71 21.93
C ASN B 234 45.41 7.82 21.53
N MET B 235 44.20 8.36 21.41
CA MET B 235 43.07 7.53 21.00
C MET B 235 43.17 7.19 19.52
N LYS B 236 42.59 6.05 19.15
CA LYS B 236 42.66 5.51 17.81
C LYS B 236 41.25 5.29 17.28
N TYR B 237 41.03 5.63 16.02
CA TYR B 237 39.70 5.62 15.43
C TYR B 237 39.72 4.89 14.10
N GLU B 238 38.56 4.35 13.73
CA GLU B 238 38.33 3.82 12.40
C GLU B 238 37.34 4.73 11.68
N LEU B 239 37.41 4.72 10.35
CA LEU B 239 36.63 5.63 9.53
C LEU B 239 35.59 4.87 8.71
N GLN B 240 34.60 5.62 8.23
CA GLN B 240 33.57 5.12 7.35
C GLN B 240 33.18 6.21 6.37
N LEU B 241 32.50 5.78 5.31
CA LEU B 241 31.93 6.68 4.31
C LEU B 241 30.54 7.09 4.78
N ALA B 242 30.43 8.32 5.25
CA ALA B 242 29.16 8.85 5.75
C ALA B 242 29.23 10.37 5.72
N ASN B 243 28.22 11.02 6.28
CA ASN B 243 28.20 12.46 6.34
C ASN B 243 28.19 12.93 7.78
N PRO B 244 28.91 14.00 8.10
CA PRO B 244 29.08 14.40 9.51
C PRO B 244 27.79 14.97 10.07
N LYS B 245 27.53 14.64 11.34
CA LYS B 245 26.36 15.19 12.02
C LYS B 245 26.56 16.67 12.35
N GLU B 246 25.44 17.36 12.55
CA GLU B 246 25.49 18.76 12.96
C GLU B 246 26.19 18.88 14.31
N PHE B 247 26.52 20.11 14.69
CA PHE B 247 27.26 20.31 15.92
C PHE B 247 26.46 19.80 17.12
N TYR B 248 25.23 20.26 17.28
CA TYR B 248 24.44 19.99 18.47
C TYR B 248 23.52 18.79 18.32
N HIS B 249 23.90 17.82 17.48
CA HIS B 249 23.10 16.61 17.33
C HIS B 249 23.07 15.84 18.64
N GLU B 250 21.92 15.21 18.91
CA GLU B 250 21.72 14.58 20.20
C GLU B 250 22.78 13.54 20.51
N VAL B 251 23.36 12.93 19.47
CA VAL B 251 24.42 11.95 19.70
C VAL B 251 25.68 12.60 20.22
N HIS B 252 25.85 13.91 20.01
CA HIS B 252 27.04 14.60 20.48
C HIS B 252 26.98 14.99 21.95
N ARG B 253 25.79 14.96 22.55
CA ARG B 253 25.58 15.47 23.91
C ARG B 253 24.54 14.61 24.64
N PRO B 254 24.81 13.32 24.81
CA PRO B 254 23.80 12.43 25.42
C PRO B 254 23.47 12.81 26.85
N SER B 255 24.44 13.42 27.54
CA SER B 255 24.25 13.82 28.93
C SER B 255 23.13 14.83 29.07
N HIS B 256 23.09 15.83 28.17
CA HIS B 256 22.06 16.86 28.26
C HIS B 256 20.65 16.29 28.24
N PHE B 257 20.47 15.08 27.72
CA PHE B 257 19.17 14.44 27.69
C PHE B 257 18.99 13.51 28.88
N LEU B 258 19.99 12.68 29.16
CA LEU B 258 19.88 11.74 30.27
C LEU B 258 19.71 12.46 31.60
N ASN B 259 20.61 13.42 31.89
CA ASN B 259 20.54 14.21 33.11
C ASN B 259 19.17 14.87 33.28
N PHE B 260 18.71 15.56 32.24
CA PHE B 260 17.38 16.19 32.29
C PHE B 260 16.29 15.16 32.56
N ALA B 261 16.50 13.92 32.13
CA ALA B 261 15.53 12.87 32.40
C ALA B 261 15.54 12.42 33.86
N LEU B 262 16.71 12.34 34.52
CA LEU B 262 16.73 11.76 35.86
C LEU B 262 15.94 12.57 36.90
N LEU B 263 15.79 13.88 36.72
CA LEU B 263 15.04 14.66 37.71
C LEU B 263 13.80 15.32 37.15
#